data_9C5V
#
_entry.id   9C5V
#
_cell.length_a   1.00
_cell.length_b   1.00
_cell.length_c   1.00
_cell.angle_alpha   90.00
_cell.angle_beta   90.00
_cell.angle_gamma   90.00
#
_symmetry.space_group_name_H-M   'P 1'
#
loop_
_entity.id
_entity.type
_entity.pdbx_description
1 polymer 'Denticleless protein homolog'
2 polymer 'DNA damage-binding protein 1'
3 polymer 'Bromodomain-containing protein 4'
4 polymer 'DET1- and DDB1-associated protein 1'
5 non-polymer "N-({4-[(4-{[1'-(chloroacetyl)-3'-oxo-3',4'-dihydro-1'H-spiro[cyclopentane-1,2'-quinoxalin]-6'-yl]oxy}piperidin-1-yl)methyl]phenyl}methyl)-2-[(6S,10P)-4-(4-chlorophenyl)-2,3,9-trimethyl-6H-thieno[3,2-f][1,2,4]triazolo[4,3-a][1,4]diazepin-6-yl]acetamide"
#
loop_
_entity_poly.entity_id
_entity_poly.type
_entity_poly.pdbx_seq_one_letter_code
_entity_poly.pdbx_strand_id
1 'polypeptide(L)'
;MLFNSVLRQPQLGVLRNGWSSQYPLQSLLTGYQCSGNDEHTSYGETGVPVPPFGCTFSSAPNMEHVLAVANEEGFVRLYN
TESQSFRKKCFKEWMAHWNAVFDLAWVPGELKLVTAAGDQTAKFWDVKAGELIGTCKGHQCSLKSVAFSKFEKAVFCTGG
RDGNIMVWDTRCNKKDGFYRQVNQISGAHNTSDKQTPSKPKKKQNSKGLAPSVDFQQSVTVVLFQDENTLVSAGAVDGII
KVWDLRKNYTAYRQEPIASKSFLYPGSSTRKLGYSSLILDSTGSTLFANCTDDNIYMFNMTGLKTSPVAIFNGHQNSTFY
VKSSLSPDDQFLVSGSSDEAAYIWKVSTPWQPPTVLLGHSQEVTSVCWCPSDFTKIATCSDDNTLKIWRLNRGLEEKPGG
DKLSTVGWASQKKKESRPGLVTVTSSQSTPAKAPRAKCNPSNSSPSSAACAPSCAGDLENLYFQSHHHHHH
;
A
2 'polypeptide(L)'
;MSYNYVVTAQKPTAVNGCVTGHFTSAEDLNLLIAKNTRLEIYVVTAEGLRPVKEVGMYGKIAVMELFRPKGESKDLLFIL
TAKYNACILEYKQSGESIDIITRAHGNVQDRIGRPSETGIIGIIDPECRMIGLRLYDGLFKVIPLDRDNKELKAFNIRLE
ELHVIDVKFLYGCQAPTICFVYQDPQGRHVKTYEVSLREKEFNKGPWKQENVEAEASMVIAVPEPFGGAIIIGQESITYH
NGDKYLAIAPPIIKQSTIVCHNRVDPNGSRYLLGDMEGRLFMLLLEKEEQMDGTVTLKDLRVELLGETSIAECLTYLDNG
VVFVGSRLGDSQLVKLNVDSNEQGSYVVAMETFTNLGPIVDMCVVDLERQGQGQLVTCSGAFKEGSLRIIRNGIGIHEHA
SIDLPGIKGLWPLRSDPNRETDDTLVLSFVGQTRVLMLNGEEVEETELMGFVDDQQTFFCGNVAHQQLIQITSASVRLVS
QEPKALVSEWKEPQAKNISVASCNSSQVVVAVGRALYYLQIHPQELRQISHTEMEHEVACLDITPLGDSNGLSPLCAIGL
WTDISARILKLPSFELLHKEMLGGEIIPRSILMTTFESSHYLLCALGDGALFYFGLNIETGLLSDRKKVTLGTQPTVLRT
FRSLSTTNVFACSDRPTVIYSSNHKLVFSNVNLKEVNYMCPLNSDGYPDSLALANNSTLTIGTIDEIQKLHIRTVPLYES
PRKICYQEVSQCFGVLSSRIEVQDTSGGTTALRPSASTQALSSSVSSSKLFSSSTAPHETSFGEEVEVHNLLIIDQHTFE
VLHAHQFLQNEYALSLVSCKLGKDPNTYFIVGTAMVYPEEAEPKQGRIVVFQYSDGKLQTVAEKEVKGAVYSMVEFNGKL
LASINSTVRLYEWTTEKELRTECNHYNNIMALYLKTKGDFILVGDLMRSVLLLAYKPMEGNFEEIARDFNPNWMSAVEIL
DDDNFLGAENAFNLFVCQKDSAATTDEERQHLQEVGLFHLGEFVNVFCHGSLVMQNLGETSTPTQGSVLFGTVNGMIGLV
TSLSESWYNLLLDMQNRLNKVIKSVGKIEHSFWRSFHTERKTEPATGFIDGDLIESFLDISRPKMQEVVANLQYDDGSGM
KREATADDLIKVVEELTRIH
;
B
3 'polypeptide(L)'
;MHHHHHHETSNPNKPKRQTNQLQYLLRVVLKTLWKHQFAWPFQQPVDAVKLNLPDYYKIIKTPMDMGTIKKRLENNYYWN
AQECIQDFNTMFTNCYIYNKPGDDIVLMAEALEKLFLQKINELPTEETE
;
D
4 'polypeptide(L)'
;MADFLKGLPVYNKSNFSRFHADSVCKASNRRPSVYLPTREYPSEQIIVTEKTNILLRYLHQQWDKKNAAKKRDQEQVELE
GESSAPPRKVARTDSPDMHEDT
;
C
#
loop_
_chem_comp.id
_chem_comp.type
_chem_comp.name
_chem_comp.formula
A1AUO non-polymer N-({4-[(4-{[1'-(chloroacetyl)-3'-oxo-3',4'-dihydro-1'H-spiro[cyclopentane-1,2'-quinoxalin]-6'-yl]oxy}piperidin-1-yl)methyl]phenyl}methyl)-2-[(6S,10P)-4-(4-chlorophenyl)-2,3,9-trimethyl-6H-thieno[3,2-f][1,2,4]triazolo[4,3-a][1,4]diazepin-6-yl]acetamide 'C46 H48 Cl2 N8 O4 S'
#
# COMPACT_ATOMS: atom_id res chain seq x y z
N MET A 1 7.36 -22.69 1.61
CA MET A 1 6.30 -21.90 0.99
C MET A 1 6.38 -20.44 1.43
N LEU A 2 6.88 -20.22 2.65
CA LEU A 2 7.04 -18.86 3.15
C LEU A 2 8.04 -18.08 2.32
N PHE A 3 9.19 -18.70 2.01
CA PHE A 3 10.18 -18.02 1.19
C PHE A 3 9.68 -17.81 -0.23
N ASN A 4 8.91 -18.77 -0.75
CA ASN A 4 8.33 -18.61 -2.08
C ASN A 4 7.38 -17.42 -2.11
N SER A 5 6.55 -17.27 -1.07
CA SER A 5 5.65 -16.13 -0.99
C SER A 5 6.43 -14.83 -0.88
N VAL A 6 7.49 -14.82 -0.08
CA VAL A 6 8.31 -13.61 0.06
C VAL A 6 8.93 -13.23 -1.27
N LEU A 7 9.46 -14.21 -2.00
CA LEU A 7 10.10 -13.94 -3.29
C LEU A 7 9.08 -13.48 -4.33
N ARG A 8 7.88 -14.07 -4.32
CA ARG A 8 6.87 -13.73 -5.30
C ARG A 8 6.07 -12.47 -4.96
N GLN A 9 6.22 -11.95 -3.73
CA GLN A 9 5.49 -10.76 -3.34
C GLN A 9 5.80 -9.54 -4.22
N PRO A 10 7.06 -9.17 -4.51
CA PRO A 10 7.28 -7.97 -5.33
C PRO A 10 6.75 -8.08 -6.75
N GLN A 11 6.87 -9.25 -7.38
CA GLN A 11 6.44 -9.39 -8.77
C GLN A 11 4.93 -9.31 -8.92
N LEU A 12 4.20 -10.08 -8.10
CA LEU A 12 2.74 -10.08 -8.21
C LEU A 12 2.14 -8.90 -7.44
N GLY A 13 2.32 -8.89 -6.12
CA GLY A 13 1.87 -7.79 -5.30
C GLY A 13 0.58 -8.06 -4.56
N VAL A 14 0.70 -8.41 -3.28
CA VAL A 14 -0.41 -8.58 -2.34
C VAL A 14 -1.38 -9.64 -2.82
N LEU A 15 -1.23 -10.86 -2.31
CA LEU A 15 -2.16 -11.95 -2.57
C LEU A 15 -2.75 -12.42 -1.25
N ARG A 16 -4.07 -12.56 -1.22
CA ARG A 16 -4.78 -12.94 -0.01
C ARG A 16 -4.74 -14.46 0.17
N ASN A 17 -4.37 -14.90 1.38
CA ASN A 17 -4.23 -16.32 1.68
C ASN A 17 -5.30 -16.81 2.65
N GLY A 18 -6.48 -16.17 2.65
CA GLY A 18 -7.56 -16.60 3.50
C GLY A 18 -7.64 -15.85 4.82
N TRP A 19 -6.57 -15.90 5.61
CA TRP A 19 -6.56 -15.24 6.91
C TRP A 19 -6.22 -13.76 6.73
N SER A 20 -6.00 -13.06 7.84
CA SER A 20 -5.82 -11.61 7.83
C SER A 20 -4.37 -11.19 7.60
N SER A 21 -3.54 -12.06 7.02
CA SER A 21 -2.15 -11.73 6.76
C SER A 21 -1.65 -12.62 5.63
N GLN A 22 -0.40 -12.39 5.23
CA GLN A 22 0.30 -13.17 4.21
C GLN A 22 1.49 -13.84 4.88
N TYR A 23 2.37 -14.42 4.06
CA TYR A 23 3.59 -15.09 4.56
C TYR A 23 3.21 -16.20 5.52
N PRO A 24 2.79 -17.36 5.03
CA PRO A 24 2.27 -18.41 5.93
C PRO A 24 3.36 -19.02 6.80
N LEU A 25 3.62 -18.37 7.94
CA LEU A 25 4.69 -18.79 8.85
C LEU A 25 4.34 -20.08 9.57
N GLN A 26 4.38 -21.20 8.86
CA GLN A 26 4.17 -22.52 9.45
C GLN A 26 5.49 -23.16 9.86
N SER A 27 6.61 -22.76 9.25
CA SER A 27 7.88 -23.41 9.44
C SER A 27 8.68 -22.87 10.63
N LEU A 28 8.16 -21.90 11.37
CA LEU A 28 8.86 -21.36 12.53
C LEU A 28 8.13 -21.66 13.84
N LEU A 29 7.19 -22.60 13.83
CA LEU A 29 6.52 -22.98 15.08
C LEU A 29 7.49 -23.69 16.03
N THR A 30 8.36 -24.54 15.49
CA THR A 30 9.34 -25.24 16.31
C THR A 30 10.56 -24.36 16.56
N GLY A 31 10.33 -23.15 17.05
CA GLY A 31 11.39 -22.24 17.40
C GLY A 31 11.03 -21.40 18.62
N TYR A 32 9.90 -21.72 19.24
CA TYR A 32 9.44 -20.99 20.40
C TYR A 32 10.16 -21.51 21.64
N GLN A 33 10.84 -20.61 22.35
CA GLN A 33 11.65 -20.99 23.50
C GLN A 33 11.39 -20.04 24.65
N CYS A 34 11.61 -20.54 25.87
CA CYS A 34 11.50 -19.75 27.08
C CYS A 34 12.71 -20.07 27.96
N SER A 35 13.61 -19.10 28.10
CA SER A 35 14.75 -19.30 28.97
C SER A 35 14.32 -19.21 30.44
N GLY A 36 15.20 -19.66 31.33
CA GLY A 36 14.94 -19.55 32.75
C GLY A 36 14.96 -18.13 33.25
N ASN A 37 15.54 -17.20 32.48
CA ASN A 37 15.52 -15.80 32.86
C ASN A 37 14.15 -15.19 32.67
N ASP A 38 13.51 -15.46 31.52
CA ASP A 38 12.22 -14.83 31.23
C ASP A 38 11.07 -15.47 31.99
N GLU A 39 11.26 -16.67 32.52
CA GLU A 39 10.20 -17.32 33.27
C GLU A 39 9.96 -16.59 34.59
N HIS A 40 8.70 -16.59 35.03
CA HIS A 40 8.29 -15.91 36.26
C HIS A 40 7.65 -16.93 37.20
N THR A 41 8.01 -16.83 38.48
CA THR A 41 7.48 -17.71 39.51
C THR A 41 6.56 -16.91 40.43
N SER A 42 5.40 -17.48 40.72
CA SER A 42 4.40 -16.86 41.59
C SER A 42 4.60 -17.38 43.00
N TYR A 43 5.06 -16.51 43.89
CA TYR A 43 5.32 -16.86 45.29
C TYR A 43 4.26 -16.22 46.18
N GLY A 44 3.67 -17.05 47.04
CA GLY A 44 2.64 -16.56 47.94
C GLY A 44 3.20 -15.74 49.08
N GLU A 45 2.28 -15.09 49.80
CA GLU A 45 2.68 -14.26 50.92
C GLU A 45 3.17 -15.07 52.11
N THR A 46 2.78 -16.34 52.21
CA THR A 46 3.28 -17.22 53.27
C THR A 46 4.43 -18.10 52.81
N GLY A 47 4.88 -17.96 51.56
CA GLY A 47 5.98 -18.72 51.03
C GLY A 47 5.60 -19.88 50.14
N VAL A 48 4.33 -20.26 50.11
CA VAL A 48 3.89 -21.38 49.28
C VAL A 48 3.55 -20.85 47.88
N PRO A 49 4.08 -21.47 46.83
CA PRO A 49 3.66 -21.10 45.47
C PRO A 49 2.15 -21.14 45.30
N VAL A 50 1.63 -20.16 44.57
CA VAL A 50 0.21 -20.01 44.31
C VAL A 50 0.00 -20.12 42.81
N PRO A 51 -0.87 -21.01 42.33
CA PRO A 51 -1.02 -21.19 40.88
C PRO A 51 -1.83 -20.07 40.28
N PRO A 52 -1.28 -19.35 39.30
CA PRO A 52 -2.04 -18.27 38.66
C PRO A 52 -3.20 -18.79 37.84
N PHE A 53 -4.28 -18.01 37.80
CA PHE A 53 -5.41 -18.30 36.94
C PHE A 53 -5.91 -16.97 36.38
N GLY A 54 -5.78 -16.79 35.07
CA GLY A 54 -6.16 -15.55 34.44
C GLY A 54 -4.97 -14.65 34.22
N CYS A 55 -4.49 -14.60 32.97
CA CYS A 55 -3.30 -13.82 32.63
C CYS A 55 -3.40 -13.44 31.16
N THR A 56 -3.74 -12.17 30.92
CA THR A 56 -4.01 -11.66 29.58
C THR A 56 -3.18 -10.41 29.34
N PHE A 57 -3.05 -10.05 28.06
CA PHE A 57 -2.31 -8.85 27.67
C PHE A 57 -3.24 -7.64 27.75
N SER A 58 -2.78 -6.52 27.20
CA SER A 58 -3.50 -5.25 27.32
C SER A 58 -3.69 -4.64 25.93
N SER A 59 -4.38 -3.50 25.89
CA SER A 59 -4.65 -2.81 24.64
C SER A 59 -4.45 -1.30 24.74
N ALA A 60 -3.92 -0.80 25.85
CA ALA A 60 -3.73 0.64 25.99
C ALA A 60 -2.60 1.10 25.08
N PRO A 61 -2.69 2.32 24.53
CA PRO A 61 -1.61 2.83 23.67
C PRO A 61 -0.31 2.99 24.45
N ASN A 62 0.79 2.64 23.79
CA ASN A 62 2.17 2.75 24.28
C ASN A 62 2.46 1.87 25.48
N MET A 63 1.49 1.10 25.97
CA MET A 63 1.66 0.20 27.11
C MET A 63 0.98 -1.14 26.83
N GLU A 64 1.17 -1.65 25.61
CA GLU A 64 0.56 -2.91 25.23
C GLU A 64 1.33 -4.13 25.74
N HIS A 65 2.53 -3.94 26.27
CA HIS A 65 3.36 -5.06 26.68
C HIS A 65 3.10 -5.52 28.11
N VAL A 66 2.28 -4.80 28.87
CA VAL A 66 2.05 -5.17 30.26
C VAL A 66 1.14 -6.39 30.33
N LEU A 67 1.37 -7.24 31.32
CA LEU A 67 0.62 -8.46 31.53
C LEU A 67 -0.33 -8.27 32.71
N ALA A 68 -1.34 -9.13 32.78
CA ALA A 68 -2.40 -9.05 33.79
C ALA A 68 -2.56 -10.38 34.51
N VAL A 69 -1.45 -10.93 35.00
CA VAL A 69 -1.51 -12.19 35.72
C VAL A 69 -2.11 -11.98 37.11
N ALA A 70 -3.05 -12.85 37.47
CA ALA A 70 -3.64 -12.83 38.80
C ALA A 70 -3.59 -14.25 39.37
N ASN A 71 -3.06 -14.38 40.58
CA ASN A 71 -2.95 -15.68 41.24
C ASN A 71 -4.24 -15.97 42.00
N GLU A 72 -4.28 -17.11 42.69
CA GLU A 72 -5.47 -17.55 43.40
C GLU A 72 -5.63 -16.90 44.77
N GLU A 73 -4.64 -16.12 45.22
CA GLU A 73 -4.70 -15.48 46.52
C GLU A 73 -5.19 -14.04 46.45
N GLY A 74 -5.63 -13.58 45.28
CA GLY A 74 -6.11 -12.22 45.12
C GLY A 74 -5.03 -11.19 44.87
N PHE A 75 -3.76 -11.59 44.89
CA PHE A 75 -2.67 -10.66 44.60
C PHE A 75 -2.57 -10.41 43.10
N VAL A 76 -3.26 -9.39 42.61
CA VAL A 76 -3.25 -9.10 41.18
C VAL A 76 -1.96 -8.37 40.84
N ARG A 77 -1.27 -8.86 39.81
CA ARG A 77 0.04 -8.35 39.42
C ARG A 77 -0.02 -7.83 37.99
N LEU A 78 0.78 -6.81 37.72
CA LEU A 78 0.95 -6.25 36.37
C LEU A 78 2.46 -6.23 36.10
N TYR A 79 2.87 -6.91 35.04
CA TYR A 79 4.26 -7.14 34.71
C TYR A 79 4.69 -6.32 33.50
N ASN A 80 5.92 -6.52 33.05
CA ASN A 80 6.43 -5.99 31.80
C ASN A 80 7.20 -7.08 31.09
N THR A 81 6.88 -7.30 29.81
CA THR A 81 7.41 -8.44 29.07
C THR A 81 8.40 -8.07 27.97
N GLU A 82 8.54 -6.79 27.64
CA GLU A 82 9.36 -6.41 26.49
C GLU A 82 10.82 -6.20 26.87
N SER A 83 11.07 -5.27 27.80
CA SER A 83 12.44 -4.88 28.12
C SER A 83 13.20 -6.01 28.81
N GLN A 84 14.51 -6.02 28.60
CA GLN A 84 15.41 -6.98 29.25
C GLN A 84 16.23 -6.21 30.28
N SER A 85 15.67 -6.08 31.48
CA SER A 85 16.36 -5.43 32.59
C SER A 85 16.66 -6.37 33.73
N PHE A 86 15.82 -7.38 33.94
CA PHE A 86 16.02 -8.49 34.88
C PHE A 86 15.98 -8.06 36.34
N ARG A 87 15.59 -6.83 36.63
CA ARG A 87 15.49 -6.33 38.00
C ARG A 87 14.09 -5.81 38.22
N LYS A 88 13.40 -6.36 39.22
CA LYS A 88 12.04 -5.96 39.61
C LYS A 88 11.09 -6.06 38.41
N LYS A 89 10.91 -7.30 37.93
CA LYS A 89 10.03 -7.53 36.79
C LYS A 89 8.58 -7.21 37.13
N CYS A 90 8.19 -7.44 38.38
CA CYS A 90 6.82 -7.15 38.83
C CYS A 90 6.68 -5.64 38.99
N PHE A 91 6.08 -5.00 37.98
CA PHE A 91 5.91 -3.55 38.03
C PHE A 91 4.90 -3.18 39.13
N LYS A 92 3.75 -3.83 39.14
CA LYS A 92 2.73 -3.53 40.15
C LYS A 92 2.17 -4.82 40.72
N GLU A 93 1.71 -4.76 41.96
CA GLU A 93 1.07 -5.88 42.63
C GLU A 93 0.28 -5.34 43.81
N TRP A 94 -0.99 -5.73 43.89
CA TRP A 94 -1.81 -5.27 45.01
C TRP A 94 -2.95 -6.24 45.27
N MET A 95 -3.63 -6.03 46.40
CA MET A 95 -4.77 -6.84 46.81
C MET A 95 -6.04 -6.19 46.27
N ALA A 96 -6.76 -6.90 45.42
CA ALA A 96 -8.03 -6.43 44.86
C ALA A 96 -9.22 -7.17 45.45
N HIS A 97 -9.10 -8.47 45.65
CA HIS A 97 -10.18 -9.30 46.14
C HIS A 97 -9.74 -10.08 47.36
N TRP A 98 -10.67 -10.28 48.30
CA TRP A 98 -10.37 -11.07 49.49
C TRP A 98 -10.53 -12.57 49.24
N ASN A 99 -11.10 -12.95 48.09
CA ASN A 99 -11.29 -14.33 47.72
C ASN A 99 -10.42 -14.66 46.50
N ALA A 100 -10.60 -15.87 45.96
CA ALA A 100 -9.80 -16.31 44.82
C ALA A 100 -10.39 -15.79 43.52
N VAL A 101 -9.58 -15.05 42.75
CA VAL A 101 -10.07 -14.46 41.51
C VAL A 101 -10.24 -15.54 40.44
N PHE A 102 -11.00 -15.20 39.40
CA PHE A 102 -11.32 -16.18 38.36
C PHE A 102 -11.00 -15.66 36.96
N ASP A 103 -11.25 -14.38 36.70
CA ASP A 103 -11.09 -13.87 35.34
C ASP A 103 -10.77 -12.38 35.41
N LEU A 104 -10.06 -11.90 34.40
CA LEU A 104 -9.67 -10.50 34.29
C LEU A 104 -9.97 -9.98 32.89
N ALA A 105 -10.42 -8.73 32.82
CA ALA A 105 -10.67 -8.08 31.55
C ALA A 105 -10.22 -6.62 31.65
N TRP A 106 -9.83 -6.06 30.51
CA TRP A 106 -9.38 -4.67 30.44
C TRP A 106 -10.26 -3.90 29.47
N VAL A 107 -10.55 -2.65 29.82
CA VAL A 107 -11.22 -1.76 28.87
C VAL A 107 -10.26 -1.46 27.72
N PRO A 108 -10.68 -1.51 26.46
CA PRO A 108 -9.76 -1.26 25.34
C PRO A 108 -9.24 0.17 25.36
N GLY A 109 -7.94 0.31 25.15
CA GLY A 109 -7.32 1.62 25.04
C GLY A 109 -7.38 2.47 26.29
N GLU A 110 -7.24 1.87 27.46
CA GLU A 110 -7.24 2.62 28.71
C GLU A 110 -6.55 1.79 29.79
N LEU A 111 -6.11 2.49 30.83
CA LEU A 111 -5.42 1.86 31.96
C LEU A 111 -6.38 1.52 33.09
N LYS A 112 -7.43 0.76 32.78
CA LYS A 112 -8.39 0.30 33.77
C LYS A 112 -8.71 -1.16 33.51
N LEU A 113 -9.14 -1.86 34.55
CA LEU A 113 -9.40 -3.30 34.47
C LEU A 113 -10.53 -3.69 35.39
N VAL A 114 -11.05 -4.90 35.17
CA VAL A 114 -12.15 -5.46 35.96
C VAL A 114 -11.72 -6.81 36.50
N THR A 115 -11.88 -6.99 37.81
CA THR A 115 -11.51 -8.22 38.50
C THR A 115 -12.76 -8.91 39.02
N ALA A 116 -12.85 -10.23 38.82
CA ALA A 116 -14.02 -11.02 39.17
C ALA A 116 -13.61 -12.21 40.03
N ALA A 117 -14.47 -12.57 40.98
CA ALA A 117 -14.21 -13.69 41.89
C ALA A 117 -15.51 -14.10 42.57
N GLY A 118 -15.38 -14.92 43.60
CA GLY A 118 -16.49 -15.38 44.41
C GLY A 118 -16.95 -14.43 45.49
N ASP A 119 -16.48 -13.18 45.46
CA ASP A 119 -16.92 -12.11 46.37
C ASP A 119 -18.31 -11.61 46.04
N GLN A 120 -19.01 -12.23 45.10
CA GLN A 120 -20.32 -11.82 44.59
C GLN A 120 -20.30 -10.42 43.96
N THR A 121 -19.12 -9.84 43.76
CA THR A 121 -18.97 -8.52 43.18
C THR A 121 -17.89 -8.55 42.11
N ALA A 122 -17.89 -7.53 41.25
CA ALA A 122 -16.83 -7.29 40.29
C ALA A 122 -16.22 -5.93 40.58
N LYS A 123 -14.90 -5.89 40.73
CA LYS A 123 -14.20 -4.65 41.06
C LYS A 123 -13.70 -3.99 39.78
N PHE A 124 -14.01 -2.71 39.63
CA PHE A 124 -13.55 -1.91 38.51
C PHE A 124 -12.43 -1.01 39.02
N TRP A 125 -11.19 -1.37 38.70
CA TRP A 125 -10.00 -0.66 39.16
C TRP A 125 -9.44 0.22 38.05
N ASP A 126 -8.85 1.35 38.46
CA ASP A 126 -8.08 2.21 37.58
C ASP A 126 -6.61 1.99 37.92
N VAL A 127 -5.90 1.24 37.08
CA VAL A 127 -4.55 0.81 37.43
C VAL A 127 -3.56 1.98 37.35
N LYS A 128 -3.91 3.04 36.62
CA LYS A 128 -3.04 4.21 36.57
C LYS A 128 -3.09 4.97 37.89
N ALA A 129 -4.16 4.81 38.65
CA ALA A 129 -4.29 5.43 39.96
C ALA A 129 -4.29 4.42 41.11
N GLY A 130 -4.59 3.15 40.83
CA GLY A 130 -4.62 2.15 41.87
C GLY A 130 -5.70 2.35 42.91
N GLU A 131 -6.87 2.83 42.50
CA GLU A 131 -7.97 3.09 43.40
C GLU A 131 -9.19 2.27 42.99
N LEU A 132 -10.01 1.90 43.98
CA LEU A 132 -11.23 1.14 43.72
C LEU A 132 -12.29 2.04 43.12
N ILE A 133 -12.34 2.13 41.79
CA ILE A 133 -13.27 3.04 41.13
C ILE A 133 -14.71 2.57 41.31
N GLY A 134 -14.96 1.28 41.07
CA GLY A 134 -16.33 0.80 41.04
C GLY A 134 -16.48 -0.56 41.67
N THR A 135 -17.67 -0.80 42.20
CA THR A 135 -18.09 -2.09 42.72
C THR A 135 -19.37 -2.52 42.02
N CYS A 136 -19.48 -3.81 41.75
CA CYS A 136 -20.56 -4.37 40.92
C CYS A 136 -21.32 -5.44 41.68
N LYS A 137 -21.74 -5.12 42.90
CA LYS A 137 -22.53 -6.05 43.70
C LYS A 137 -23.87 -6.33 43.02
N GLY A 138 -24.36 -7.57 43.17
CA GLY A 138 -25.62 -7.95 42.57
C GLY A 138 -25.70 -9.40 42.11
N HIS A 139 -24.57 -10.10 42.14
CA HIS A 139 -24.53 -11.52 41.83
C HIS A 139 -24.91 -12.36 43.05
N GLN A 140 -25.84 -13.29 42.86
CA GLN A 140 -26.28 -14.13 43.96
C GLN A 140 -25.23 -15.18 44.32
N CYS A 141 -24.55 -15.73 43.33
CA CYS A 141 -23.47 -16.69 43.54
C CYS A 141 -22.19 -16.15 42.91
N SER A 142 -21.16 -17.00 42.84
CA SER A 142 -19.83 -16.58 42.42
C SER A 142 -19.81 -16.15 40.95
N LEU A 143 -18.76 -15.43 40.58
CA LEU A 143 -18.57 -14.91 39.23
C LEU A 143 -17.71 -15.87 38.42
N LYS A 144 -17.83 -15.78 37.09
CA LYS A 144 -16.99 -16.67 36.31
C LYS A 144 -16.18 -15.97 35.23
N SER A 145 -16.75 -14.98 34.53
CA SER A 145 -16.02 -14.33 33.46
C SER A 145 -16.59 -12.94 33.22
N VAL A 146 -15.72 -12.04 32.77
CA VAL A 146 -16.09 -10.67 32.44
C VAL A 146 -15.41 -10.29 31.13
N ALA A 147 -16.13 -9.62 30.25
CA ALA A 147 -15.61 -9.25 28.94
C ALA A 147 -15.99 -7.81 28.62
N PHE A 148 -15.17 -7.15 27.80
CA PHE A 148 -15.41 -5.79 27.34
C PHE A 148 -15.64 -5.77 25.83
N SER A 149 -16.44 -4.82 25.37
CA SER A 149 -16.64 -4.63 23.94
C SER A 149 -15.37 -4.11 23.28
N LYS A 150 -15.06 -4.66 22.11
CA LYS A 150 -13.95 -4.12 21.32
C LYS A 150 -14.28 -2.70 20.84
N PHE A 151 -15.52 -2.46 20.43
CA PHE A 151 -15.91 -1.17 19.89
C PHE A 151 -16.38 -0.19 20.96
N GLU A 152 -16.92 -0.67 22.08
CA GLU A 152 -17.48 0.17 23.12
C GLU A 152 -16.66 0.01 24.40
N LYS A 153 -16.33 1.12 25.03
CA LYS A 153 -15.48 1.11 26.22
C LYS A 153 -16.23 1.43 27.50
N ALA A 154 -17.54 1.70 27.44
CA ALA A 154 -18.29 2.11 28.62
C ALA A 154 -19.16 1.01 29.21
N VAL A 155 -19.71 0.11 28.40
CA VAL A 155 -20.56 -0.96 28.88
C VAL A 155 -19.78 -2.27 28.76
N PHE A 156 -20.05 -3.21 29.66
CA PHE A 156 -19.41 -4.52 29.64
C PHE A 156 -20.37 -5.54 30.24
N CYS A 157 -19.96 -6.81 30.17
CA CYS A 157 -20.81 -7.92 30.59
C CYS A 157 -20.18 -8.64 31.77
N THR A 158 -21.03 -9.28 32.59
CA THR A 158 -20.58 -10.07 33.72
C THR A 158 -21.52 -11.26 33.89
N GLY A 159 -20.94 -12.46 33.99
CA GLY A 159 -21.69 -13.68 34.19
C GLY A 159 -21.32 -14.36 35.50
N GLY A 160 -22.33 -14.88 36.19
CA GLY A 160 -22.10 -15.51 37.47
C GLY A 160 -22.34 -17.00 37.48
N ARG A 161 -21.89 -17.67 38.55
CA ARG A 161 -22.14 -19.09 38.71
C ARG A 161 -23.59 -19.37 39.10
N ASP A 162 -24.34 -18.33 39.47
CA ASP A 162 -25.77 -18.49 39.74
C ASP A 162 -26.57 -18.75 38.48
N GLY A 163 -26.00 -18.53 37.29
CA GLY A 163 -26.74 -18.66 36.06
C GLY A 163 -27.35 -17.34 35.62
N ASN A 164 -26.67 -16.24 35.94
CA ASN A 164 -27.15 -14.91 35.64
C ASN A 164 -26.12 -14.16 34.81
N ILE A 165 -26.60 -13.23 34.00
CA ILE A 165 -25.76 -12.44 33.09
C ILE A 165 -26.29 -11.02 33.05
N MET A 166 -25.49 -10.05 33.52
CA MET A 166 -25.91 -8.66 33.47
C MET A 166 -24.82 -7.80 32.84
N VAL A 167 -25.27 -6.76 32.14
CA VAL A 167 -24.37 -5.79 31.54
C VAL A 167 -24.33 -4.55 32.43
N TRP A 168 -23.13 -4.14 32.81
CA TRP A 168 -22.91 -2.95 33.62
C TRP A 168 -22.36 -1.85 32.73
N ASP A 169 -22.96 -0.67 32.83
CA ASP A 169 -22.53 0.50 32.06
C ASP A 169 -21.85 1.48 33.01
N THR A 170 -20.61 1.85 32.70
CA THR A 170 -19.88 2.79 33.53
C THR A 170 -20.43 4.21 33.42
N ARG A 171 -21.20 4.51 32.38
CA ARG A 171 -21.81 5.83 32.26
C ARG A 171 -22.89 6.04 33.30
N CYS A 172 -23.54 4.97 33.75
CA CYS A 172 -24.58 5.07 34.75
C CYS A 172 -23.99 5.51 36.09
N ASN A 173 -24.76 6.29 36.84
CA ASN A 173 -24.31 6.87 38.10
C ASN A 173 -24.70 5.96 39.25
N LYS A 174 -23.72 5.55 40.05
CA LYS A 174 -24.00 4.75 41.23
C LYS A 174 -24.71 5.58 42.29
N LYS A 175 -25.61 4.92 43.03
CA LYS A 175 -26.38 5.62 44.05
C LYS A 175 -25.69 5.66 45.41
N ASP A 176 -24.92 4.63 45.76
CA ASP A 176 -24.23 4.58 47.04
C ASP A 176 -22.82 4.03 46.88
N GLY A 177 -22.18 4.28 45.74
CA GLY A 177 -20.88 3.73 45.45
C GLY A 177 -20.90 2.35 44.85
N PHE A 178 -22.07 1.77 44.63
CA PHE A 178 -22.22 0.43 44.06
C PHE A 178 -22.91 0.55 42.71
N TYR A 179 -22.35 -0.09 41.70
CA TYR A 179 -22.95 -0.08 40.38
C TYR A 179 -24.24 -0.91 40.37
N ARG A 180 -25.12 -0.57 39.45
CA ARG A 180 -26.39 -1.26 39.27
C ARG A 180 -26.45 -1.87 37.88
N GLN A 181 -27.04 -3.06 37.78
CA GLN A 181 -27.09 -3.79 36.51
C GLN A 181 -28.07 -3.10 35.57
N VAL A 182 -27.57 -2.69 34.40
CA VAL A 182 -28.41 -2.01 33.42
C VAL A 182 -29.43 -3.00 32.84
N ASN A 183 -28.97 -4.18 32.42
CA ASN A 183 -29.85 -5.21 31.89
C ASN A 183 -29.41 -6.56 32.42
N GLN A 184 -30.38 -7.36 32.86
CA GLN A 184 -30.13 -8.64 33.50
C GLN A 184 -30.93 -9.73 32.81
N ILE A 185 -30.29 -10.88 32.59
CA ILE A 185 -30.93 -12.09 32.09
C ILE A 185 -30.66 -13.20 33.09
N SER A 186 -31.71 -13.85 33.56
CA SER A 186 -31.62 -14.90 34.55
C SER A 186 -31.87 -16.26 33.88
N GLY A 187 -31.02 -17.24 34.24
CA GLY A 187 -31.12 -18.55 33.64
C GLY A 187 -30.80 -18.55 32.16
N ALA A 188 -29.72 -17.87 31.77
CA ALA A 188 -29.33 -17.82 30.38
C ALA A 188 -28.99 -19.21 29.85
N HIS A 189 -28.24 -19.98 30.62
CA HIS A 189 -27.91 -21.37 30.28
C HIS A 189 -28.36 -22.25 31.44
N ASN A 190 -29.64 -22.60 31.45
CA ASN A 190 -30.21 -23.56 32.37
C ASN A 190 -30.42 -24.87 31.62
N THR A 191 -30.31 -25.99 32.35
CA THR A 191 -30.44 -27.30 31.73
C THR A 191 -31.82 -27.46 31.09
N SER A 192 -31.86 -28.16 29.96
CA SER A 192 -33.11 -28.34 29.22
C SER A 192 -34.09 -29.24 29.96
N ASP A 193 -33.66 -29.93 31.01
CA ASP A 193 -34.52 -30.80 31.82
C ASP A 193 -35.20 -31.87 30.99
N VAL A 213 -29.13 -22.69 40.29
CA VAL A 213 -29.40 -23.15 41.65
C VAL A 213 -28.48 -24.31 42.04
N ASP A 214 -27.77 -24.84 41.05
CA ASP A 214 -26.85 -25.95 41.25
C ASP A 214 -25.52 -25.61 40.56
N PHE A 215 -24.62 -26.60 40.53
CA PHE A 215 -23.39 -26.45 39.78
C PHE A 215 -23.64 -26.38 38.29
N GLN A 216 -24.76 -26.94 37.82
CA GLN A 216 -25.07 -26.95 36.39
C GLN A 216 -25.55 -25.59 35.90
N GLN A 217 -26.35 -24.88 36.70
CA GLN A 217 -26.93 -23.60 36.31
C GLN A 217 -25.85 -22.52 36.45
N SER A 218 -24.90 -22.52 35.52
CA SER A 218 -23.81 -21.56 35.56
C SER A 218 -23.29 -21.33 34.15
N VAL A 219 -23.20 -20.07 33.75
CA VAL A 219 -22.58 -19.70 32.48
C VAL A 219 -21.07 -19.81 32.64
N THR A 220 -20.41 -20.38 31.62
CA THR A 220 -18.96 -20.53 31.69
C THR A 220 -18.23 -19.35 31.06
N VAL A 221 -18.60 -18.96 29.85
CA VAL A 221 -17.92 -17.85 29.18
C VAL A 221 -18.94 -16.99 28.46
N VAL A 222 -18.82 -15.68 28.67
CA VAL A 222 -19.69 -14.71 28.02
C VAL A 222 -18.81 -13.66 27.33
N LEU A 223 -18.92 -13.58 26.01
CA LEU A 223 -18.03 -12.75 25.20
C LEU A 223 -18.85 -11.74 24.40
N PHE A 224 -18.23 -10.60 24.11
CA PHE A 224 -18.92 -9.47 23.50
C PHE A 224 -18.54 -9.46 22.03
N GLN A 225 -19.53 -9.53 21.14
CA GLN A 225 -19.28 -9.60 19.71
C GLN A 225 -19.29 -8.22 19.05
N ASP A 226 -20.41 -7.51 19.14
CA ASP A 226 -20.51 -6.15 18.66
C ASP A 226 -21.30 -5.36 19.70
N GLU A 227 -21.71 -4.14 19.34
CA GLU A 227 -22.22 -3.20 20.33
C GLU A 227 -23.55 -3.62 20.93
N ASN A 228 -24.26 -4.59 20.32
CA ASN A 228 -25.52 -5.07 20.91
C ASN A 228 -25.69 -6.58 20.83
N THR A 229 -24.61 -7.36 20.71
CA THR A 229 -24.72 -8.81 20.67
C THR A 229 -23.81 -9.46 21.69
N LEU A 230 -24.30 -10.54 22.30
CA LEU A 230 -23.59 -11.30 23.32
C LEU A 230 -23.58 -12.77 22.95
N VAL A 231 -22.42 -13.42 23.12
CA VAL A 231 -22.32 -14.86 22.90
C VAL A 231 -21.98 -15.54 24.22
N SER A 232 -22.81 -16.49 24.63
CA SER A 232 -22.72 -17.10 25.94
C SER A 232 -22.67 -18.62 25.82
N ALA A 233 -21.90 -19.25 26.70
CA ALA A 233 -21.88 -20.70 26.83
C ALA A 233 -21.80 -21.07 28.30
N GLY A 234 -22.61 -22.04 28.70
CA GLY A 234 -22.75 -22.49 30.07
C GLY A 234 -22.01 -23.77 30.35
N ALA A 235 -22.56 -24.57 31.26
CA ALA A 235 -21.87 -25.73 31.82
C ALA A 235 -22.38 -27.06 31.28
N VAL A 236 -23.69 -27.33 31.37
CA VAL A 236 -24.21 -28.65 31.03
C VAL A 236 -25.14 -28.62 29.82
N ASP A 237 -25.64 -27.45 29.40
CA ASP A 237 -26.49 -27.42 28.22
C ASP A 237 -25.70 -27.77 26.96
N GLY A 238 -24.44 -27.37 26.90
CA GLY A 238 -23.59 -27.70 25.77
C GLY A 238 -23.86 -26.89 24.52
N ILE A 239 -24.69 -25.85 24.60
CA ILE A 239 -25.05 -25.07 23.43
C ILE A 239 -24.54 -23.65 23.61
N ILE A 240 -24.45 -22.95 22.49
CA ILE A 240 -24.00 -21.56 22.44
C ILE A 240 -25.21 -20.70 22.13
N LYS A 241 -25.46 -19.70 22.98
CA LYS A 241 -26.61 -18.82 22.80
C LYS A 241 -26.14 -17.40 22.55
N VAL A 242 -26.60 -16.81 21.45
CA VAL A 242 -26.27 -15.44 21.08
C VAL A 242 -27.53 -14.60 21.24
N TRP A 243 -27.44 -13.60 22.12
CA TRP A 243 -28.53 -12.68 22.40
C TRP A 243 -28.26 -11.33 21.75
N ASP A 244 -29.34 -10.62 21.42
CA ASP A 244 -29.28 -9.27 20.91
C ASP A 244 -29.57 -8.31 22.06
N LEU A 245 -28.57 -7.50 22.42
CA LEU A 245 -28.71 -6.59 23.55
C LEU A 245 -29.60 -5.39 23.25
N ARG A 246 -29.85 -5.10 21.96
CA ARG A 246 -30.82 -4.07 21.62
C ARG A 246 -32.22 -4.46 22.09
N LYS A 247 -32.58 -5.73 21.91
CA LYS A 247 -33.81 -6.26 22.49
C LYS A 247 -33.61 -6.32 24.00
N ASN A 248 -34.27 -5.41 24.72
CA ASN A 248 -34.03 -5.28 26.15
C ASN A 248 -34.68 -6.43 26.92
N TYR A 249 -34.08 -6.77 28.05
CA TYR A 249 -34.54 -7.83 28.93
C TYR A 249 -34.86 -7.30 30.31
N THR A 250 -35.61 -6.20 30.37
CA THR A 250 -35.91 -5.54 31.64
C THR A 250 -36.69 -6.46 32.57
N ALA A 251 -37.93 -6.78 32.23
CA ALA A 251 -38.68 -7.76 33.01
C ALA A 251 -38.56 -9.13 32.38
N TYR A 252 -39.07 -9.27 31.15
CA TYR A 252 -39.06 -10.50 30.36
C TYR A 252 -39.34 -11.73 31.23
N ARG A 253 -40.52 -11.76 31.83
CA ARG A 253 -40.86 -12.77 32.83
C ARG A 253 -41.14 -14.11 32.18
N GLN A 254 -40.11 -14.75 31.65
CA GLN A 254 -40.20 -16.08 31.05
C GLN A 254 -38.77 -16.57 30.83
N GLU A 255 -38.65 -17.78 30.31
CA GLU A 255 -37.34 -18.28 29.92
C GLU A 255 -36.87 -17.52 28.69
N PRO A 256 -35.72 -16.85 28.73
CA PRO A 256 -35.27 -16.05 27.58
C PRO A 256 -35.02 -16.92 26.36
N ILE A 257 -35.36 -16.38 25.20
CA ILE A 257 -35.12 -17.05 23.92
C ILE A 257 -33.81 -16.54 23.35
N ALA A 258 -33.17 -17.36 22.54
CA ALA A 258 -31.88 -17.05 21.96
C ALA A 258 -32.05 -16.57 20.52
N SER A 259 -31.43 -15.43 20.20
CA SER A 259 -31.44 -14.96 18.82
C SER A 259 -30.71 -15.93 17.91
N LYS A 260 -29.61 -16.50 18.37
CA LYS A 260 -28.90 -17.56 17.65
C LYS A 260 -28.59 -18.70 18.60
N SER A 261 -28.76 -19.93 18.12
CA SER A 261 -28.49 -21.13 18.91
C SER A 261 -27.54 -22.04 18.15
N PHE A 262 -26.56 -22.58 18.85
CA PHE A 262 -25.57 -23.49 18.29
C PHE A 262 -25.55 -24.76 19.14
N LEU A 263 -26.01 -25.87 18.58
CA LEU A 263 -26.10 -27.11 19.33
C LEU A 263 -24.73 -27.77 19.44
N TYR A 264 -24.67 -28.84 20.25
CA TYR A 264 -23.42 -29.53 20.51
C TYR A 264 -23.25 -30.68 19.53
N PRO A 265 -22.22 -30.65 18.66
CA PRO A 265 -22.01 -31.72 17.69
C PRO A 265 -21.09 -32.83 18.21
N GLY A 266 -21.48 -33.44 19.34
CA GLY A 266 -20.70 -34.47 19.97
C GLY A 266 -21.36 -35.84 19.93
N SER A 267 -20.66 -36.80 20.51
CA SER A 267 -21.12 -38.19 20.59
C SER A 267 -21.40 -38.66 22.01
N SER A 268 -20.64 -38.19 22.99
CA SER A 268 -20.85 -38.59 24.37
C SER A 268 -22.12 -37.97 24.92
N THR A 269 -22.83 -38.73 25.75
CA THR A 269 -24.10 -38.30 26.34
C THR A 269 -23.92 -37.69 27.73
N ARG A 270 -22.68 -37.50 28.18
CA ARG A 270 -22.42 -36.92 29.49
C ARG A 270 -22.77 -35.42 29.47
N LYS A 271 -22.68 -34.77 30.62
CA LYS A 271 -22.94 -33.34 30.73
C LYS A 271 -21.75 -32.56 30.18
N LEU A 272 -21.66 -32.55 28.85
CA LEU A 272 -20.58 -31.85 28.18
C LEU A 272 -20.81 -30.34 28.23
N GLY A 273 -19.72 -29.58 28.13
CA GLY A 273 -19.78 -28.13 28.17
C GLY A 273 -18.62 -27.52 27.42
N TYR A 274 -18.62 -26.18 27.40
CA TYR A 274 -17.60 -25.40 26.71
C TYR A 274 -16.76 -24.67 27.75
N SER A 275 -15.49 -25.07 27.88
CA SER A 275 -14.63 -24.49 28.90
C SER A 275 -14.28 -23.04 28.59
N SER A 276 -14.00 -22.72 27.33
CA SER A 276 -13.60 -21.36 26.97
C SER A 276 -13.99 -21.08 25.53
N LEU A 277 -14.09 -19.79 25.20
CA LEU A 277 -14.50 -19.33 23.88
C LEU A 277 -13.67 -18.13 23.49
N ILE A 278 -13.33 -18.05 22.20
CA ILE A 278 -12.55 -16.94 21.67
C ILE A 278 -13.07 -16.58 20.29
N LEU A 279 -12.80 -15.35 19.88
CA LEU A 279 -13.18 -14.83 18.58
C LEU A 279 -11.96 -14.32 17.84
N ASP A 280 -12.08 -14.25 16.52
CA ASP A 280 -11.00 -13.76 15.67
C ASP A 280 -10.94 -12.24 15.74
N SER A 281 -10.05 -11.64 14.95
CA SER A 281 -9.90 -10.19 14.95
C SER A 281 -11.09 -9.47 14.30
N THR A 282 -11.98 -10.19 13.62
CA THR A 282 -13.14 -9.61 12.98
C THR A 282 -14.44 -9.90 13.73
N GLY A 283 -14.70 -11.17 14.04
CA GLY A 283 -15.92 -11.54 14.74
C GLY A 283 -16.77 -12.55 14.00
N SER A 284 -16.22 -13.11 12.92
CA SER A 284 -16.96 -14.07 12.11
C SER A 284 -16.69 -15.52 12.49
N THR A 285 -15.52 -15.82 13.05
CA THR A 285 -15.16 -17.17 13.45
C THR A 285 -15.11 -17.24 14.97
N LEU A 286 -15.70 -18.30 15.54
CA LEU A 286 -15.75 -18.49 16.98
C LEU A 286 -15.16 -19.85 17.31
N PHE A 287 -14.13 -19.86 18.16
CA PHE A 287 -13.48 -21.09 18.59
C PHE A 287 -13.93 -21.44 20.00
N ALA A 288 -14.54 -22.60 20.17
CA ALA A 288 -15.03 -23.06 21.45
C ALA A 288 -14.26 -24.31 21.85
N ASN A 289 -13.63 -24.27 23.03
CA ASN A 289 -12.85 -25.40 23.54
C ASN A 289 -13.75 -26.21 24.47
N CYS A 290 -14.28 -27.31 23.95
CA CYS A 290 -15.16 -28.16 24.73
C CYS A 290 -14.35 -29.05 25.66
N THR A 291 -15.05 -29.74 26.55
CA THR A 291 -14.44 -30.63 27.52
C THR A 291 -14.39 -32.09 27.06
N ASP A 292 -14.73 -32.36 25.80
CA ASP A 292 -14.55 -33.68 25.20
C ASP A 292 -13.25 -33.77 24.41
N ASP A 293 -12.21 -33.06 24.86
CA ASP A 293 -10.90 -33.04 24.21
C ASP A 293 -10.99 -32.55 22.77
N ASN A 294 -11.89 -31.60 22.52
CA ASN A 294 -12.13 -31.07 21.19
C ASN A 294 -12.23 -29.54 21.23
N ILE A 295 -11.89 -28.92 20.11
CA ILE A 295 -12.10 -27.50 19.89
C ILE A 295 -12.82 -27.33 18.56
N TYR A 296 -14.03 -26.79 18.62
CA TYR A 296 -14.86 -26.63 17.43
C TYR A 296 -14.78 -25.18 16.96
N MET A 297 -14.84 -24.97 15.65
CA MET A 297 -14.88 -23.61 15.11
C MET A 297 -16.17 -23.41 14.33
N PHE A 298 -16.91 -22.37 14.69
CA PHE A 298 -18.20 -22.07 14.09
C PHE A 298 -18.13 -20.73 13.36
N ASN A 299 -18.97 -20.61 12.33
CA ASN A 299 -19.11 -19.37 11.58
C ASN A 299 -20.30 -18.59 12.10
N MET A 300 -20.11 -17.30 12.34
CA MET A 300 -21.16 -16.44 12.89
C MET A 300 -21.84 -15.59 11.83
N THR A 301 -21.10 -15.17 10.80
CA THR A 301 -21.70 -14.41 9.71
C THR A 301 -22.72 -15.24 8.95
N GLY A 302 -22.39 -16.51 8.67
CA GLY A 302 -23.30 -17.39 7.97
C GLY A 302 -24.33 -18.01 8.89
N LEU A 303 -25.18 -18.85 8.29
CA LEU A 303 -26.23 -19.55 9.01
C LEU A 303 -25.93 -21.04 9.18
N LYS A 304 -24.68 -21.44 9.03
CA LYS A 304 -24.28 -22.84 9.13
C LYS A 304 -24.04 -23.16 10.60
N THR A 305 -25.00 -23.82 11.24
CA THR A 305 -24.86 -24.19 12.63
C THR A 305 -23.86 -25.32 12.85
N SER A 306 -23.65 -26.17 11.84
CA SER A 306 -22.69 -27.24 11.96
C SER A 306 -21.25 -26.70 11.98
N PRO A 307 -20.37 -27.32 12.75
CA PRO A 307 -18.97 -26.88 12.76
C PRO A 307 -18.26 -27.23 11.46
N VAL A 308 -17.61 -26.23 10.87
CA VAL A 308 -16.85 -26.48 9.65
C VAL A 308 -15.59 -27.29 9.96
N ALA A 309 -14.91 -26.95 11.05
CA ALA A 309 -13.67 -27.63 11.39
C ALA A 309 -13.59 -27.87 12.90
N ILE A 310 -12.86 -28.94 13.24
CA ILE A 310 -12.61 -29.34 14.61
C ILE A 310 -11.11 -29.56 14.79
N PHE A 311 -10.68 -29.55 16.05
CA PHE A 311 -9.31 -29.83 16.43
C PHE A 311 -9.33 -30.78 17.64
N ASN A 312 -8.40 -31.73 17.65
CA ASN A 312 -8.32 -32.69 18.75
C ASN A 312 -6.86 -32.95 19.07
N GLY A 313 -6.62 -33.40 20.30
CA GLY A 313 -5.28 -33.73 20.76
C GLY A 313 -5.02 -33.26 22.17
N HIS A 314 -5.62 -32.14 22.55
CA HIS A 314 -5.51 -31.62 23.91
C HIS A 314 -6.63 -32.20 24.78
N GLN A 315 -6.32 -32.45 26.04
CA GLN A 315 -7.28 -33.03 26.97
C GLN A 315 -7.82 -31.94 27.88
N ASN A 316 -9.10 -31.59 27.70
CA ASN A 316 -9.75 -30.57 28.53
C ASN A 316 -10.56 -31.23 29.64
N SER A 317 -9.84 -31.86 30.57
CA SER A 317 -10.49 -32.53 31.68
C SER A 317 -11.03 -31.54 32.70
N THR A 318 -10.35 -30.41 32.88
CA THR A 318 -10.69 -29.43 33.89
C THR A 318 -11.28 -28.18 33.25
N PHE A 319 -12.30 -27.62 33.90
CA PHE A 319 -12.96 -26.40 33.45
C PHE A 319 -12.09 -25.16 33.60
N TYR A 320 -10.84 -25.31 34.03
CA TYR A 320 -9.95 -24.19 34.30
C TYR A 320 -9.04 -23.85 33.13
N VAL A 321 -9.24 -24.50 31.98
CA VAL A 321 -8.34 -24.36 30.83
C VAL A 321 -8.94 -23.36 29.86
N LYS A 322 -8.12 -22.41 29.41
CA LYS A 322 -8.53 -21.39 28.46
C LYS A 322 -7.79 -21.58 27.13
N SER A 323 -8.02 -20.65 26.21
CA SER A 323 -7.40 -20.71 24.89
C SER A 323 -7.32 -19.29 24.33
N SER A 324 -6.51 -19.12 23.28
CA SER A 324 -6.27 -17.81 22.69
C SER A 324 -5.94 -17.97 21.22
N LEU A 325 -5.99 -16.84 20.51
CA LEU A 325 -5.72 -16.78 19.08
C LEU A 325 -4.54 -15.87 18.81
N SER A 326 -3.91 -16.10 17.66
CA SER A 326 -2.80 -15.26 17.23
C SER A 326 -3.29 -13.87 16.83
N PRO A 327 -2.42 -12.86 16.90
CA PRO A 327 -2.84 -11.51 16.50
C PRO A 327 -3.29 -11.41 15.05
N ASP A 328 -2.69 -12.17 14.14
CA ASP A 328 -3.08 -12.16 12.74
C ASP A 328 -4.19 -13.14 12.43
N ASP A 329 -4.69 -13.88 13.42
CA ASP A 329 -5.73 -14.90 13.27
C ASP A 329 -5.29 -15.94 12.23
N GLN A 330 -4.28 -16.68 12.63
CA GLN A 330 -3.79 -17.79 11.83
C GLN A 330 -3.64 -19.07 12.63
N PHE A 331 -3.23 -18.97 13.90
CA PHE A 331 -2.93 -20.12 14.74
C PHE A 331 -3.72 -20.03 16.03
N LEU A 332 -4.15 -21.18 16.55
CA LEU A 332 -4.87 -21.26 17.80
C LEU A 332 -3.95 -21.91 18.84
N VAL A 333 -3.90 -21.34 20.03
CA VAL A 333 -3.14 -21.91 21.14
C VAL A 333 -4.10 -22.23 22.27
N SER A 334 -3.86 -23.34 22.96
CA SER A 334 -4.77 -23.77 24.01
C SER A 334 -4.02 -24.59 25.05
N GLY A 335 -4.66 -24.76 26.20
CA GLY A 335 -4.13 -25.62 27.25
C GLY A 335 -4.46 -27.08 27.01
N SER A 336 -3.88 -27.92 27.86
CA SER A 336 -4.06 -29.36 27.75
C SER A 336 -3.71 -30.00 29.09
N SER A 337 -4.11 -31.26 29.24
CA SER A 337 -3.76 -32.05 30.41
C SER A 337 -2.44 -32.80 30.23
N ASP A 338 -1.77 -32.62 29.10
CA ASP A 338 -0.44 -33.18 28.86
C ASP A 338 0.67 -32.33 29.44
N GLU A 339 0.32 -31.39 30.34
CA GLU A 339 1.28 -30.47 30.98
C GLU A 339 2.05 -29.66 29.94
N ALA A 340 1.36 -29.26 28.87
CA ALA A 340 1.97 -28.46 27.83
C ALA A 340 0.88 -27.78 27.01
N ALA A 341 1.25 -26.68 26.36
CA ALA A 341 0.34 -25.96 25.48
C ALA A 341 0.33 -26.58 24.09
N TYR A 342 -0.80 -26.46 23.41
CA TYR A 342 -0.96 -27.00 22.07
C TYR A 342 -1.24 -25.87 21.09
N ILE A 343 -0.67 -25.97 19.89
CA ILE A 343 -0.86 -24.98 18.84
C ILE A 343 -1.34 -25.69 17.58
N TRP A 344 -2.46 -25.23 17.04
CA TRP A 344 -3.02 -25.75 15.79
C TRP A 344 -3.03 -24.65 14.73
N LYS A 345 -2.99 -25.07 13.48
CA LYS A 345 -3.14 -24.18 12.33
C LYS A 345 -4.61 -24.16 11.92
N VAL A 346 -5.15 -22.96 11.72
CA VAL A 346 -6.57 -22.81 11.46
C VAL A 346 -6.95 -23.41 10.10
N SER A 347 -6.17 -23.11 9.07
CA SER A 347 -6.55 -23.51 7.71
C SER A 347 -6.44 -25.01 7.50
N THR A 348 -5.48 -25.66 8.16
CA THR A 348 -5.24 -27.10 7.97
C THR A 348 -5.36 -27.80 9.32
N PRO A 349 -6.58 -28.11 9.76
CA PRO A 349 -6.74 -28.83 11.03
C PRO A 349 -6.29 -30.29 10.98
N TRP A 350 -6.12 -30.86 9.79
CA TRP A 350 -5.79 -32.29 9.70
C TRP A 350 -4.35 -32.56 10.13
N GLN A 351 -3.47 -31.57 10.04
CA GLN A 351 -2.08 -31.77 10.41
C GLN A 351 -1.97 -31.93 11.93
N PRO A 352 -0.96 -32.67 12.39
CA PRO A 352 -0.76 -32.78 13.84
C PRO A 352 -0.35 -31.45 14.42
N PRO A 353 -0.71 -31.18 15.68
CA PRO A 353 -0.40 -29.88 16.29
C PRO A 353 1.06 -29.77 16.71
N THR A 354 1.42 -28.64 17.31
CA THR A 354 2.75 -28.43 17.87
C THR A 354 2.61 -28.32 19.38
N VAL A 355 3.41 -29.10 20.11
CA VAL A 355 3.33 -29.16 21.57
C VAL A 355 4.46 -28.33 22.15
N LEU A 356 4.14 -27.61 23.23
CA LEU A 356 5.04 -26.62 23.79
C LEU A 356 5.44 -27.15 25.17
N LEU A 357 6.45 -28.01 25.19
CA LEU A 357 6.79 -28.72 26.41
C LEU A 357 7.63 -27.86 27.34
N GLY A 358 7.65 -28.24 28.61
CA GLY A 358 8.39 -27.51 29.62
C GLY A 358 7.68 -27.43 30.96
N HIS A 359 6.35 -27.43 30.93
CA HIS A 359 5.56 -27.30 32.15
C HIS A 359 5.44 -28.66 32.85
N SER A 360 5.67 -28.67 34.16
CA SER A 360 5.58 -29.92 34.91
C SER A 360 4.14 -30.31 35.19
N GLN A 361 3.26 -29.34 35.39
CA GLN A 361 1.87 -29.59 35.78
C GLN A 361 0.94 -29.05 34.70
N GLU A 362 -0.37 -29.12 34.99
CA GLU A 362 -1.39 -28.70 34.03
C GLU A 362 -1.24 -27.23 33.66
N VAL A 363 -1.40 -26.93 32.38
CA VAL A 363 -1.45 -25.56 31.90
C VAL A 363 -2.90 -25.09 31.91
N THR A 364 -3.14 -23.90 32.49
CA THR A 364 -4.49 -23.45 32.70
C THR A 364 -4.90 -22.22 31.89
N SER A 365 -3.94 -21.43 31.39
CA SER A 365 -4.30 -20.30 30.54
C SER A 365 -3.12 -19.94 29.65
N VAL A 366 -3.42 -19.63 28.40
CA VAL A 366 -2.42 -19.17 27.44
C VAL A 366 -2.97 -17.92 26.76
N CYS A 367 -2.10 -16.94 26.55
CA CYS A 367 -2.50 -15.70 25.90
C CYS A 367 -1.43 -15.30 24.89
N TRP A 368 -1.84 -15.19 23.63
CA TRP A 368 -1.00 -14.63 22.59
C TRP A 368 -1.16 -13.12 22.59
N CYS A 369 -0.05 -12.41 22.42
CA CYS A 369 -0.10 -10.96 22.44
C CYS A 369 -0.89 -10.44 21.25
N PRO A 370 -1.88 -9.56 21.46
CA PRO A 370 -2.67 -9.06 20.33
C PRO A 370 -1.88 -8.20 19.36
N SER A 371 -0.68 -7.76 19.73
CA SER A 371 0.11 -6.89 18.88
C SER A 371 1.57 -7.34 18.80
N ASP A 372 1.82 -8.64 19.01
CA ASP A 372 3.15 -9.22 18.84
C ASP A 372 2.99 -10.70 18.51
N PHE A 373 3.51 -11.11 17.36
CA PHE A 373 3.49 -12.53 17.00
C PHE A 373 4.50 -13.34 17.80
N THR A 374 5.45 -12.67 18.46
CA THR A 374 6.57 -13.35 19.12
C THR A 374 6.25 -13.75 20.55
N LYS A 375 5.87 -12.78 21.39
CA LYS A 375 5.66 -13.05 22.81
C LYS A 375 4.35 -13.79 23.03
N ILE A 376 4.40 -14.88 23.78
CA ILE A 376 3.20 -15.62 24.19
C ILE A 376 3.34 -16.02 25.65
N ALA A 377 2.34 -15.71 26.46
CA ALA A 377 2.41 -15.91 27.90
C ALA A 377 1.57 -17.11 28.29
N THR A 378 2.19 -18.11 28.91
CA THR A 378 1.50 -19.30 29.38
C THR A 378 1.58 -19.34 30.90
N CYS A 379 0.43 -19.31 31.55
CA CYS A 379 0.32 -19.38 33.00
C CYS A 379 -0.39 -20.67 33.38
N SER A 380 0.30 -21.53 34.12
CA SER A 380 -0.10 -22.91 34.35
C SER A 380 -0.43 -23.14 35.83
N ASP A 381 -0.80 -24.38 36.14
CA ASP A 381 -1.02 -24.81 37.52
C ASP A 381 0.27 -25.16 38.24
N ASP A 382 1.40 -25.16 37.54
CA ASP A 382 2.71 -25.41 38.13
C ASP A 382 3.26 -24.18 38.85
N ASN A 383 2.41 -23.18 39.11
CA ASN A 383 2.72 -21.97 39.87
C ASN A 383 3.79 -21.12 39.20
N THR A 384 4.07 -21.37 37.93
CA THR A 384 5.07 -20.62 37.18
C THR A 384 4.46 -20.11 35.89
N LEU A 385 4.64 -18.82 35.62
CA LEU A 385 4.23 -18.21 34.37
C LEU A 385 5.45 -18.05 33.49
N LYS A 386 5.35 -18.51 32.24
CA LYS A 386 6.46 -18.49 31.30
C LYS A 386 6.10 -17.66 30.09
N ILE A 387 6.99 -16.74 29.71
CA ILE A 387 6.78 -15.85 28.58
C ILE A 387 7.72 -16.32 27.48
N TRP A 388 7.18 -16.99 26.47
CA TRP A 388 8.05 -17.56 25.44
C TRP A 388 8.13 -16.63 24.24
N ARG A 389 9.32 -16.59 23.65
CA ARG A 389 9.63 -15.73 22.52
C ARG A 389 10.29 -16.56 21.43
N LEU A 390 10.21 -16.07 20.20
CA LEU A 390 10.80 -16.79 19.07
C LEU A 390 12.31 -16.83 19.21
N ASN A 391 12.89 -17.99 18.90
CA ASN A 391 14.34 -18.22 19.03
C ASN A 391 14.82 -18.94 17.77
N ARG A 392 15.25 -18.15 16.79
CA ARG A 392 15.84 -18.66 15.56
C ARG A 392 17.34 -18.41 15.58
N GLY A 393 18.01 -18.83 14.52
CA GLY A 393 19.45 -18.69 14.47
C GLY A 393 20.16 -19.62 15.43
N LEU A 394 20.14 -20.92 15.12
CA LEU A 394 20.69 -21.93 16.02
C LEU A 394 22.17 -21.73 16.30
N GLU A 395 22.89 -21.00 15.43
CA GLU A 395 24.30 -20.68 15.67
C GLU A 395 24.43 -19.49 16.63
N GLU A 396 23.89 -19.67 17.83
CA GLU A 396 23.96 -18.64 18.85
C GLU A 396 25.36 -18.59 19.46
N LYS A 397 25.61 -17.52 20.21
CA LYS A 397 26.86 -17.40 20.95
C LYS A 397 26.90 -18.45 22.06
N PRO A 398 28.08 -19.00 22.37
CA PRO A 398 28.15 -20.06 23.38
C PRO A 398 27.84 -19.57 24.79
N GLY A 399 27.78 -20.50 25.74
CA GLY A 399 27.46 -20.16 27.11
C GLY A 399 26.27 -20.90 27.66
N GLY A 400 25.96 -22.06 27.07
CA GLY A 400 24.86 -22.88 27.54
C GLY A 400 23.95 -23.36 26.43
N ASP A 401 23.73 -24.68 26.37
CA ASP A 401 22.86 -25.29 25.37
C ASP A 401 21.54 -25.75 25.97
N LYS A 402 21.58 -26.57 27.03
CA LYS A 402 20.38 -27.04 27.69
C LYS A 402 20.23 -26.53 29.11
N LEU A 403 21.30 -26.01 29.72
CA LEU A 403 21.19 -25.50 31.08
C LEU A 403 20.30 -24.26 31.15
N SER A 404 20.46 -23.34 30.19
CA SER A 404 19.69 -22.11 30.15
C SER A 404 18.43 -22.24 29.29
N THR A 405 17.62 -23.25 29.60
CA THR A 405 16.39 -23.51 28.84
C THR A 405 15.45 -24.32 29.72
N VAL A 406 14.24 -23.81 29.93
CA VAL A 406 13.24 -24.48 30.75
C VAL A 406 12.01 -24.86 29.93
N GLY A 407 12.09 -24.79 28.60
CA GLY A 407 10.97 -25.16 27.74
C GLY A 407 11.38 -25.25 26.29
N TRP A 408 10.72 -26.12 25.53
CA TRP A 408 11.07 -26.34 24.13
C TRP A 408 9.85 -26.73 23.33
N ALA A 409 9.90 -26.44 22.03
CA ALA A 409 8.80 -26.76 21.13
C ALA A 409 9.10 -28.06 20.40
N SER A 410 8.08 -28.91 20.25
CA SER A 410 8.25 -30.19 19.57
C SER A 410 7.02 -30.51 18.74
N GLN A 411 7.23 -31.18 17.62
CA GLN A 411 6.13 -31.63 16.78
C GLN A 411 5.66 -33.01 17.24
N LYS A 412 4.34 -33.19 17.27
CA LYS A 412 3.75 -34.45 17.70
C LYS A 412 4.10 -35.55 16.69
N LYS A 413 4.78 -36.58 17.16
CA LYS A 413 5.19 -37.69 16.31
C LYS A 413 5.47 -38.94 17.13
N MET B 1 11.67 16.60 14.74
CA MET B 1 10.86 17.08 13.62
C MET B 1 10.85 16.06 12.49
N SER B 2 9.65 15.72 12.01
CA SER B 2 9.49 14.96 10.77
C SER B 2 8.13 15.34 10.18
N TYR B 3 8.13 16.32 9.29
CA TYR B 3 6.94 16.76 8.56
C TYR B 3 7.25 16.57 7.07
N ASN B 4 6.62 15.58 6.47
CA ASN B 4 6.98 15.12 5.12
C ASN B 4 5.94 15.55 4.10
N TYR B 5 6.43 15.86 2.90
CA TYR B 5 5.62 16.16 1.74
C TYR B 5 5.82 15.05 0.70
N VAL B 6 4.72 14.44 0.28
CA VAL B 6 4.75 13.35 -0.69
C VAL B 6 3.93 13.75 -1.90
N VAL B 7 4.52 13.61 -3.09
CA VAL B 7 3.86 13.99 -4.34
C VAL B 7 4.11 12.87 -5.35
N THR B 8 3.30 12.86 -6.41
CA THR B 8 3.35 11.84 -7.45
C THR B 8 3.95 12.44 -8.72
N ALA B 9 5.15 11.99 -9.10
CA ALA B 9 5.78 12.50 -10.30
C ALA B 9 5.12 11.95 -11.56
N GLN B 10 4.81 10.65 -11.57
CA GLN B 10 4.19 10.01 -12.71
C GLN B 10 3.00 9.17 -12.25
N LYS B 11 1.88 9.30 -12.97
CA LYS B 11 0.67 8.58 -12.60
C LYS B 11 0.84 7.08 -12.80
N PRO B 12 0.18 6.26 -11.99
CA PRO B 12 0.22 4.81 -12.19
C PRO B 12 -0.41 4.43 -13.52
N THR B 13 0.14 3.38 -14.14
CA THR B 13 -0.24 2.98 -15.49
C THR B 13 -0.40 1.46 -15.59
N ALA B 14 -0.99 0.85 -14.55
CA ALA B 14 -1.23 -0.58 -14.54
C ALA B 14 -2.74 -0.82 -14.56
N VAL B 15 -3.23 -1.39 -15.66
CA VAL B 15 -4.67 -1.53 -15.86
C VAL B 15 -5.25 -2.53 -14.87
N ASN B 16 -6.34 -2.13 -14.19
CA ASN B 16 -6.99 -2.96 -13.20
C ASN B 16 -8.38 -3.43 -13.64
N GLY B 17 -8.77 -3.15 -14.86
CA GLY B 17 -10.08 -3.55 -15.36
C GLY B 17 -10.56 -2.58 -16.42
N CYS B 18 -11.43 -3.09 -17.30
CA CYS B 18 -11.90 -2.30 -18.44
C CYS B 18 -13.41 -2.49 -18.55
N VAL B 19 -14.08 -1.46 -19.07
CA VAL B 19 -15.48 -1.56 -19.46
C VAL B 19 -15.65 -0.92 -20.83
N THR B 20 -16.73 -1.26 -21.53
CA THR B 20 -17.05 -0.66 -22.81
C THR B 20 -18.55 -0.41 -22.87
N GLY B 21 -18.93 0.82 -23.21
CA GLY B 21 -20.33 1.16 -23.28
C GLY B 21 -20.52 2.55 -23.84
N HIS B 22 -21.78 2.99 -23.82
CA HIS B 22 -22.15 4.31 -24.35
C HIS B 22 -22.23 5.29 -23.19
N PHE B 23 -21.07 5.56 -22.58
CA PHE B 23 -21.00 6.37 -21.37
C PHE B 23 -21.07 7.87 -21.69
N THR B 24 -20.17 8.36 -22.55
CA THR B 24 -20.18 9.78 -22.88
C THR B 24 -21.45 10.18 -23.62
N SER B 25 -21.89 9.36 -24.57
CA SER B 25 -23.09 9.65 -25.33
C SER B 25 -23.65 8.34 -25.86
N ALA B 26 -24.92 8.38 -26.26
CA ALA B 26 -25.62 7.20 -26.77
C ALA B 26 -25.34 6.92 -28.24
N GLU B 27 -24.27 7.50 -28.80
CA GLU B 27 -23.95 7.28 -30.21
C GLU B 27 -22.50 6.83 -30.42
N ASP B 28 -21.68 6.79 -29.38
CA ASP B 28 -20.29 6.39 -29.51
C ASP B 28 -19.92 5.43 -28.39
N LEU B 29 -19.12 4.42 -28.74
CA LEU B 29 -18.61 3.49 -27.74
C LEU B 29 -17.49 4.15 -26.94
N ASN B 30 -17.18 3.54 -25.80
CA ASN B 30 -16.17 4.09 -24.89
C ASN B 30 -15.26 2.97 -24.40
N LEU B 31 -14.12 3.39 -23.85
CA LEU B 31 -13.18 2.49 -23.18
C LEU B 31 -12.73 3.18 -21.89
N LEU B 32 -13.19 2.66 -20.77
CA LEU B 32 -12.91 3.25 -19.46
C LEU B 32 -11.92 2.37 -18.71
N ILE B 33 -10.81 2.94 -18.29
CA ILE B 33 -9.76 2.19 -17.60
C ILE B 33 -9.32 2.98 -16.37
N ALA B 34 -9.32 2.32 -15.21
CA ALA B 34 -8.86 2.92 -13.96
C ALA B 34 -7.62 2.17 -13.52
N LYS B 35 -6.45 2.80 -13.69
CA LYS B 35 -5.19 2.12 -13.40
C LYS B 35 -5.04 1.77 -11.93
N ASN B 36 -4.87 2.77 -11.06
CA ASN B 36 -4.81 2.51 -9.63
C ASN B 36 -5.87 3.37 -8.93
N THR B 37 -5.88 4.66 -9.21
CA THR B 37 -7.01 5.53 -8.88
C THR B 37 -7.39 6.40 -10.07
N ARG B 38 -6.42 6.68 -10.96
CA ARG B 38 -6.68 7.55 -12.09
C ARG B 38 -7.56 6.84 -13.11
N LEU B 39 -8.70 7.46 -13.41
CA LEU B 39 -9.73 6.86 -14.26
C LEU B 39 -9.79 7.65 -15.56
N GLU B 40 -9.47 7.00 -16.67
CA GLU B 40 -9.44 7.64 -17.97
C GLU B 40 -10.52 7.04 -18.87
N ILE B 41 -11.26 7.91 -19.56
CA ILE B 41 -12.30 7.52 -20.50
C ILE B 41 -11.81 7.89 -21.89
N TYR B 42 -11.79 6.91 -22.79
CA TYR B 42 -11.38 7.10 -24.17
C TYR B 42 -12.60 6.95 -25.06
N VAL B 43 -12.80 7.90 -25.97
CA VAL B 43 -13.88 7.87 -26.95
C VAL B 43 -13.34 7.22 -28.21
N VAL B 44 -13.98 6.15 -28.66
CA VAL B 44 -13.51 5.41 -29.82
C VAL B 44 -13.81 6.22 -31.07
N THR B 45 -12.79 6.42 -31.90
CA THR B 45 -12.92 7.24 -33.11
C THR B 45 -12.05 6.64 -34.21
N ALA B 46 -12.18 7.22 -35.40
CA ALA B 46 -11.41 6.74 -36.55
C ALA B 46 -9.93 7.03 -36.40
N GLU B 47 -9.57 8.17 -35.81
CA GLU B 47 -8.17 8.53 -35.64
C GLU B 47 -7.44 7.61 -34.67
N GLY B 48 -8.16 6.91 -33.79
CA GLY B 48 -7.55 6.02 -32.84
C GLY B 48 -8.31 5.94 -31.54
N LEU B 49 -7.61 6.13 -30.42
CA LEU B 49 -8.22 6.14 -29.09
C LEU B 49 -7.99 7.52 -28.49
N ARG B 50 -8.89 8.44 -28.78
CA ARG B 50 -8.76 9.81 -28.30
C ARG B 50 -9.25 9.91 -26.86
N PRO B 51 -8.42 10.32 -25.92
CA PRO B 51 -8.90 10.53 -24.55
C PRO B 51 -9.82 11.73 -24.47
N VAL B 52 -10.77 11.68 -23.52
CA VAL B 52 -11.73 12.75 -23.37
C VAL B 52 -11.69 13.31 -21.96
N LYS B 53 -11.25 12.50 -21.00
CA LYS B 53 -11.23 12.92 -19.59
C LYS B 53 -10.45 11.90 -18.78
N GLU B 54 -9.70 12.40 -17.80
CA GLU B 54 -9.15 11.59 -16.73
C GLU B 54 -9.49 12.27 -15.40
N VAL B 55 -9.82 11.46 -14.40
CA VAL B 55 -10.17 11.94 -13.08
C VAL B 55 -9.32 11.22 -12.04
N GLY B 56 -9.19 11.84 -10.87
CA GLY B 56 -8.49 11.22 -9.77
C GLY B 56 -9.39 11.01 -8.56
N MET B 57 -9.68 9.75 -8.25
CA MET B 57 -10.56 9.42 -7.15
C MET B 57 -9.75 9.04 -5.92
N TYR B 58 -10.33 9.29 -4.74
CA TYR B 58 -9.67 9.04 -3.47
C TYR B 58 -9.97 7.61 -3.01
N GLY B 59 -9.40 6.65 -3.74
CA GLY B 59 -9.61 5.25 -3.44
C GLY B 59 -9.18 4.33 -4.57
N LYS B 60 -8.60 3.19 -4.21
CA LYS B 60 -8.16 2.21 -5.21
C LYS B 60 -9.36 1.56 -5.86
N ILE B 61 -9.64 1.91 -7.12
CA ILE B 61 -10.82 1.41 -7.80
C ILE B 61 -10.67 -0.10 -8.04
N ALA B 62 -11.65 -0.87 -7.57
CA ALA B 62 -11.61 -2.32 -7.65
C ALA B 62 -12.75 -2.94 -8.44
N VAL B 63 -13.97 -2.40 -8.34
CA VAL B 63 -15.11 -2.94 -9.07
C VAL B 63 -15.66 -1.87 -10.00
N MET B 64 -15.73 -2.20 -11.29
CA MET B 64 -16.08 -1.25 -12.34
C MET B 64 -16.98 -1.91 -13.37
N GLU B 65 -18.19 -1.37 -13.54
CA GLU B 65 -19.04 -1.83 -14.63
C GLU B 65 -20.00 -0.72 -15.02
N LEU B 66 -20.64 -0.91 -16.17
CA LEU B 66 -21.60 0.03 -16.74
C LEU B 66 -22.98 -0.59 -16.75
N PHE B 67 -23.98 0.15 -16.28
CA PHE B 67 -25.36 -0.33 -16.24
C PHE B 67 -26.29 0.77 -16.74
N ARG B 68 -27.31 0.37 -17.50
CA ARG B 68 -28.27 1.31 -18.08
C ARG B 68 -29.66 1.10 -17.49
N PRO B 69 -30.03 1.85 -16.47
CA PRO B 69 -31.39 1.74 -15.93
C PRO B 69 -32.41 2.35 -16.89
N LYS B 70 -33.65 1.90 -16.76
CA LYS B 70 -34.74 2.45 -17.56
C LYS B 70 -35.00 3.89 -17.17
N GLY B 71 -35.31 4.71 -18.17
CA GLY B 71 -35.52 6.13 -17.97
C GLY B 71 -34.29 6.99 -18.13
N GLU B 72 -33.13 6.39 -18.39
CA GLU B 72 -31.89 7.12 -18.61
C GLU B 72 -31.32 6.76 -19.98
N SER B 73 -30.86 7.77 -20.71
CA SER B 73 -30.34 7.55 -22.05
C SER B 73 -28.96 6.90 -22.03
N LYS B 74 -27.99 7.58 -21.44
CA LYS B 74 -26.64 7.05 -21.33
C LYS B 74 -26.48 6.27 -20.03
N ASP B 75 -25.84 5.11 -20.12
CA ASP B 75 -25.69 4.22 -18.98
C ASP B 75 -24.77 4.83 -17.93
N LEU B 76 -25.15 4.64 -16.66
CA LEU B 76 -24.34 5.06 -15.54
C LEU B 76 -23.22 4.07 -15.27
N LEU B 77 -22.27 4.48 -14.43
CA LEU B 77 -21.11 3.69 -14.07
C LEU B 77 -21.13 3.43 -12.57
N PHE B 78 -20.89 2.19 -12.17
CA PHE B 78 -20.80 1.86 -10.75
C PHE B 78 -19.35 1.61 -10.39
N ILE B 79 -18.87 2.32 -9.37
CA ILE B 79 -17.47 2.24 -8.94
C ILE B 79 -17.44 1.84 -7.48
N LEU B 80 -16.70 0.76 -7.17
CA LEU B 80 -16.44 0.37 -5.80
C LEU B 80 -14.94 0.35 -5.58
N THR B 81 -14.49 1.05 -4.54
CA THR B 81 -13.07 1.20 -4.26
C THR B 81 -12.61 0.15 -3.26
N ALA B 82 -11.32 0.18 -2.93
CA ALA B 82 -10.75 -0.74 -1.95
C ALA B 82 -11.04 -0.34 -0.51
N LYS B 83 -11.57 0.87 -0.29
CA LYS B 83 -11.96 1.32 1.04
C LYS B 83 -13.44 1.09 1.31
N TYR B 84 -14.10 0.25 0.50
CA TYR B 84 -15.50 -0.11 0.66
C TYR B 84 -16.41 1.13 0.58
N ASN B 85 -16.30 1.82 -0.55
CA ASN B 85 -17.13 2.98 -0.85
C ASN B 85 -17.75 2.81 -2.22
N ALA B 86 -19.07 2.99 -2.31
CA ALA B 86 -19.81 2.78 -3.55
C ALA B 86 -20.23 4.13 -4.12
N CYS B 87 -19.99 4.30 -5.43
CA CYS B 87 -20.36 5.53 -6.12
C CYS B 87 -21.04 5.20 -7.43
N ILE B 88 -22.04 6.00 -7.78
CA ILE B 88 -22.72 5.90 -9.06
C ILE B 88 -22.44 7.19 -9.82
N LEU B 89 -21.79 7.06 -10.97
CA LEU B 89 -21.29 8.20 -11.72
C LEU B 89 -22.01 8.32 -13.06
N GLU B 90 -22.24 9.55 -13.48
CA GLU B 90 -22.88 9.87 -14.75
C GLU B 90 -22.08 10.93 -15.48
N TYR B 91 -21.91 10.73 -16.79
CA TYR B 91 -21.14 11.67 -17.61
C TYR B 91 -22.04 12.83 -18.02
N LYS B 92 -21.69 14.03 -17.56
CA LYS B 92 -22.47 15.23 -17.86
C LYS B 92 -21.63 16.17 -18.71
N GLN B 93 -22.15 16.54 -19.88
CA GLN B 93 -21.48 17.46 -20.79
C GLN B 93 -22.45 18.52 -21.23
N SER B 94 -22.03 19.79 -21.15
CA SER B 94 -22.83 20.93 -21.58
C SER B 94 -21.97 21.79 -22.51
N GLY B 95 -22.02 21.46 -23.80
CA GLY B 95 -21.23 22.17 -24.79
C GLY B 95 -19.76 21.85 -24.70
N GLU B 96 -19.10 22.40 -23.68
CA GLU B 96 -17.68 22.14 -23.43
C GLU B 96 -17.37 21.77 -21.98
N SER B 97 -18.21 22.16 -21.03
CA SER B 97 -17.97 21.84 -19.62
C SER B 97 -18.18 20.35 -19.39
N ILE B 98 -17.08 19.63 -19.17
CA ILE B 98 -17.12 18.19 -18.94
C ILE B 98 -16.93 17.94 -17.45
N ASP B 99 -17.93 17.31 -16.83
CA ASP B 99 -17.86 16.97 -15.42
C ASP B 99 -18.63 15.70 -15.17
N ILE B 100 -18.27 14.99 -14.10
CA ILE B 100 -18.91 13.75 -13.73
C ILE B 100 -19.60 13.95 -12.39
N ILE B 101 -20.92 13.76 -12.37
CA ILE B 101 -21.73 13.99 -11.18
C ILE B 101 -22.01 12.65 -10.50
N THR B 102 -21.98 12.65 -9.18
CA THR B 102 -22.24 11.46 -8.38
C THR B 102 -23.72 11.43 -8.03
N ARG B 103 -24.48 10.56 -8.70
CA ARG B 103 -25.91 10.46 -8.45
C ARG B 103 -26.22 9.75 -7.14
N ALA B 104 -25.33 8.90 -6.64
CA ALA B 104 -25.55 8.19 -5.39
C ALA B 104 -24.21 7.76 -4.84
N HIS B 105 -23.86 8.25 -3.65
CA HIS B 105 -22.62 7.89 -2.98
C HIS B 105 -22.94 7.28 -1.63
N GLY B 106 -22.08 6.36 -1.18
CA GLY B 106 -22.30 5.75 0.12
C GLY B 106 -21.11 4.92 0.54
N ASN B 107 -21.14 4.53 1.82
CA ASN B 107 -20.14 3.66 2.40
C ASN B 107 -20.81 2.34 2.78
N VAL B 108 -20.27 1.23 2.28
CA VAL B 108 -20.86 -0.08 2.47
C VAL B 108 -19.96 -0.98 3.31
N GLN B 109 -19.02 -0.40 4.06
CA GLN B 109 -18.15 -1.19 4.93
C GLN B 109 -18.94 -1.69 6.12
N ASP B 110 -18.74 -2.97 6.45
CA ASP B 110 -19.37 -3.59 7.61
C ASP B 110 -18.36 -3.72 8.74
N ARG B 111 -18.82 -3.47 9.98
CA ARG B 111 -17.93 -3.53 11.13
C ARG B 111 -17.45 -4.95 11.38
N ILE B 112 -18.30 -5.94 11.13
CA ILE B 112 -17.96 -7.34 11.36
C ILE B 112 -17.90 -8.06 10.01
N GLY B 113 -17.14 -9.15 9.97
CA GLY B 113 -17.01 -9.94 8.76
C GLY B 113 -15.57 -10.05 8.30
N ARG B 114 -15.22 -11.23 7.76
CA ARG B 114 -13.89 -11.50 7.24
C ARG B 114 -13.82 -11.15 5.77
N PRO B 115 -12.82 -10.37 5.34
CA PRO B 115 -12.67 -10.06 3.92
C PRO B 115 -12.44 -11.32 3.09
N SER B 116 -12.97 -11.32 1.87
CA SER B 116 -12.91 -12.50 1.03
C SER B 116 -11.49 -12.73 0.51
N GLU B 117 -11.19 -13.98 0.20
CA GLU B 117 -9.86 -14.34 -0.28
C GLU B 117 -9.65 -13.91 -1.72
N THR B 118 -10.66 -14.07 -2.57
CA THR B 118 -10.54 -13.70 -3.97
C THR B 118 -10.40 -12.20 -4.14
N GLY B 119 -11.08 -11.43 -3.29
CA GLY B 119 -11.08 -9.99 -3.42
C GLY B 119 -12.47 -9.41 -3.27
N ILE B 120 -12.93 -8.67 -4.27
CA ILE B 120 -14.26 -8.08 -4.26
C ILE B 120 -14.90 -8.33 -5.61
N ILE B 121 -16.14 -8.82 -5.60
CA ILE B 121 -16.85 -9.16 -6.83
C ILE B 121 -18.15 -8.36 -6.89
N GLY B 122 -18.36 -7.65 -7.99
CA GLY B 122 -19.59 -6.90 -8.22
C GLY B 122 -20.32 -7.47 -9.43
N ILE B 123 -21.66 -7.57 -9.31
CA ILE B 123 -22.50 -8.14 -10.34
C ILE B 123 -23.75 -7.30 -10.51
N ILE B 124 -24.25 -7.26 -11.74
CA ILE B 124 -25.44 -6.49 -12.11
C ILE B 124 -26.45 -7.45 -12.73
N ASP B 125 -27.72 -7.30 -12.36
CA ASP B 125 -28.77 -8.03 -13.03
C ASP B 125 -28.86 -7.58 -14.50
N PRO B 126 -29.07 -8.51 -15.44
CA PRO B 126 -29.15 -8.11 -16.85
C PRO B 126 -30.25 -7.11 -17.15
N GLU B 127 -31.37 -7.16 -16.44
CA GLU B 127 -32.42 -6.18 -16.61
C GLU B 127 -32.21 -4.94 -15.74
N CYS B 128 -31.09 -4.86 -15.03
CA CYS B 128 -30.68 -3.68 -14.27
C CYS B 128 -31.70 -3.34 -13.17
N ARG B 129 -31.85 -4.29 -12.25
CA ARG B 129 -32.76 -4.13 -11.12
C ARG B 129 -32.06 -3.92 -9.79
N MET B 130 -30.90 -4.54 -9.57
CA MET B 130 -30.22 -4.44 -8.28
C MET B 130 -28.73 -4.70 -8.49
N ILE B 131 -27.95 -4.35 -7.47
CA ILE B 131 -26.50 -4.51 -7.50
C ILE B 131 -26.11 -5.55 -6.45
N GLY B 132 -25.32 -6.53 -6.85
CA GLY B 132 -24.85 -7.58 -5.95
C GLY B 132 -23.37 -7.43 -5.67
N LEU B 133 -23.00 -7.58 -4.41
CA LEU B 133 -21.62 -7.42 -3.95
C LEU B 133 -21.24 -8.61 -3.10
N ARG B 134 -20.11 -9.24 -3.42
CA ARG B 134 -19.52 -10.29 -2.60
C ARG B 134 -18.38 -9.67 -1.79
N LEU B 135 -18.77 -8.90 -0.76
CA LEU B 135 -17.80 -8.14 0.00
C LEU B 135 -17.10 -9.01 1.04
N TYR B 136 -17.86 -9.56 1.98
CA TYR B 136 -17.31 -10.34 3.08
C TYR B 136 -17.69 -11.81 2.92
N ASP B 137 -16.95 -12.67 3.63
CA ASP B 137 -17.19 -14.10 3.57
C ASP B 137 -18.47 -14.43 4.33
N GLY B 138 -19.36 -15.18 3.67
CA GLY B 138 -20.62 -15.57 4.28
C GLY B 138 -21.75 -14.58 4.13
N LEU B 139 -21.50 -13.42 3.54
CA LEU B 139 -22.51 -12.39 3.34
C LEU B 139 -22.60 -12.03 1.86
N PHE B 140 -23.76 -11.50 1.48
CA PHE B 140 -23.97 -11.06 0.10
C PHE B 140 -24.74 -9.75 0.15
N LYS B 141 -24.07 -8.65 -0.18
CA LYS B 141 -24.71 -7.34 -0.14
C LYS B 141 -25.57 -7.14 -1.38
N VAL B 142 -26.78 -6.61 -1.18
CA VAL B 142 -27.69 -6.32 -2.27
C VAL B 142 -28.16 -4.87 -2.12
N ILE B 143 -28.01 -4.10 -3.19
CA ILE B 143 -28.41 -2.70 -3.23
C ILE B 143 -29.55 -2.56 -4.22
N PRO B 144 -30.73 -2.11 -3.79
CA PRO B 144 -31.79 -1.80 -4.76
C PRO B 144 -31.45 -0.58 -5.58
N LEU B 145 -32.04 -0.51 -6.77
CA LEU B 145 -31.76 0.54 -7.74
C LEU B 145 -32.84 1.61 -7.75
N ASP B 146 -33.74 1.58 -6.76
CA ASP B 146 -34.77 2.60 -6.65
C ASP B 146 -34.15 3.97 -6.44
N ARG B 147 -34.72 4.97 -7.11
CA ARG B 147 -34.10 6.29 -7.18
C ARG B 147 -34.11 7.01 -5.84
N ASP B 148 -34.98 6.63 -4.91
CA ASP B 148 -34.98 7.26 -3.60
C ASP B 148 -33.79 6.84 -2.75
N ASN B 149 -33.06 5.80 -3.15
CA ASN B 149 -31.90 5.31 -2.41
C ASN B 149 -30.66 6.06 -2.86
N LYS B 150 -30.65 7.37 -2.57
CA LYS B 150 -29.49 8.19 -2.91
C LYS B 150 -28.34 7.94 -1.95
N GLU B 151 -28.63 7.48 -0.74
CA GLU B 151 -27.60 7.20 0.27
C GLU B 151 -27.13 5.75 0.25
N LEU B 152 -27.63 4.95 -0.70
CA LEU B 152 -27.21 3.55 -0.89
C LEU B 152 -27.43 2.73 0.37
N LYS B 153 -28.70 2.61 0.75
CA LYS B 153 -29.11 1.77 1.89
C LYS B 153 -29.31 0.35 1.37
N ALA B 154 -28.33 -0.51 1.60
CA ALA B 154 -28.33 -1.88 1.10
C ALA B 154 -28.76 -2.84 2.22
N PHE B 155 -28.85 -4.12 1.88
CA PHE B 155 -29.12 -5.15 2.87
C PHE B 155 -28.31 -6.39 2.56
N ASN B 156 -27.90 -7.10 3.60
CA ASN B 156 -27.03 -8.26 3.47
C ASN B 156 -27.84 -9.55 3.62
N ILE B 157 -27.62 -10.47 2.70
CA ILE B 157 -28.26 -11.79 2.72
C ILE B 157 -27.23 -12.80 3.20
N ARG B 158 -27.65 -13.72 4.05
CA ARG B 158 -26.79 -14.76 4.59
C ARG B 158 -27.00 -16.05 3.81
N LEU B 159 -25.90 -16.65 3.35
CA LEU B 159 -25.94 -17.89 2.60
C LEU B 159 -25.16 -18.96 3.34
N GLU B 160 -25.55 -20.22 3.11
CA GLU B 160 -24.97 -21.33 3.87
C GLU B 160 -23.55 -21.65 3.41
N GLU B 161 -23.22 -21.35 2.15
CA GLU B 161 -21.91 -21.70 1.61
C GLU B 161 -20.92 -20.58 1.91
N LEU B 162 -19.86 -20.92 2.64
CA LEU B 162 -18.89 -19.90 3.08
C LEU B 162 -17.88 -19.60 1.99
N HIS B 163 -17.09 -20.60 1.58
CA HIS B 163 -16.00 -20.40 0.63
C HIS B 163 -16.56 -20.40 -0.79
N VAL B 164 -17.12 -19.27 -1.19
CA VAL B 164 -17.61 -19.08 -2.55
C VAL B 164 -16.44 -18.56 -3.39
N ILE B 165 -16.06 -19.32 -4.42
CA ILE B 165 -14.92 -18.92 -5.24
C ILE B 165 -15.34 -17.98 -6.37
N ASP B 166 -16.58 -18.07 -6.86
CA ASP B 166 -17.05 -17.08 -7.81
C ASP B 166 -18.57 -17.00 -7.75
N VAL B 167 -19.10 -15.82 -8.04
CA VAL B 167 -20.54 -15.58 -8.11
C VAL B 167 -20.81 -14.68 -9.30
N LYS B 168 -21.84 -15.03 -10.09
CA LYS B 168 -22.22 -14.26 -11.27
C LYS B 168 -23.74 -14.32 -11.42
N PHE B 169 -24.24 -13.63 -12.44
CA PHE B 169 -25.66 -13.56 -12.72
C PHE B 169 -26.03 -14.51 -13.85
N LEU B 170 -27.30 -14.89 -13.90
CA LEU B 170 -27.82 -15.76 -14.95
C LEU B 170 -28.53 -14.90 -16.01
N TYR B 171 -29.16 -15.57 -16.98
CA TYR B 171 -29.83 -14.88 -18.07
C TYR B 171 -31.16 -15.58 -18.36
N GLY B 172 -32.13 -14.79 -18.82
CA GLY B 172 -33.42 -15.32 -19.23
C GLY B 172 -34.41 -15.56 -18.11
N CYS B 173 -34.04 -15.29 -16.86
CA CYS B 173 -34.94 -15.51 -15.74
C CYS B 173 -35.78 -14.27 -15.48
N GLN B 174 -37.07 -14.47 -15.22
CA GLN B 174 -37.96 -13.36 -14.92
C GLN B 174 -37.56 -12.68 -13.61
N ALA B 175 -37.39 -13.46 -12.55
CA ALA B 175 -36.88 -12.96 -11.29
C ALA B 175 -35.36 -12.86 -11.34
N PRO B 176 -34.76 -11.97 -10.54
CA PRO B 176 -33.30 -11.92 -10.47
C PRO B 176 -32.73 -13.24 -9.96
N THR B 177 -31.86 -13.85 -10.77
CA THR B 177 -31.32 -15.18 -10.49
C THR B 177 -29.81 -15.13 -10.62
N ILE B 178 -29.11 -15.61 -9.59
CA ILE B 178 -27.66 -15.65 -9.57
C ILE B 178 -27.21 -17.11 -9.51
N CYS B 179 -25.95 -17.33 -9.89
CA CYS B 179 -25.34 -18.64 -9.78
C CYS B 179 -23.92 -18.47 -9.27
N PHE B 180 -23.50 -19.35 -8.36
CA PHE B 180 -22.17 -19.25 -7.79
C PHE B 180 -21.54 -20.63 -7.69
N VAL B 181 -20.23 -20.66 -7.91
CA VAL B 181 -19.41 -21.83 -7.66
C VAL B 181 -18.65 -21.60 -6.36
N TYR B 182 -18.65 -22.63 -5.50
CA TYR B 182 -18.12 -22.53 -4.15
C TYR B 182 -17.33 -23.79 -3.83
N GLN B 183 -16.49 -23.68 -2.80
CA GLN B 183 -15.64 -24.78 -2.34
C GLN B 183 -16.07 -25.20 -0.95
N ASP B 184 -16.21 -26.50 -0.74
CA ASP B 184 -16.57 -27.11 0.53
C ASP B 184 -15.64 -28.30 0.73
N PRO B 185 -15.59 -28.89 1.92
CA PRO B 185 -14.75 -30.10 2.10
C PRO B 185 -15.14 -31.26 1.18
N GLN B 186 -16.37 -31.29 0.68
CA GLN B 186 -16.78 -32.31 -0.27
C GLN B 186 -16.35 -32.02 -1.70
N GLY B 187 -15.84 -30.81 -1.98
CA GLY B 187 -15.35 -30.47 -3.30
C GLY B 187 -15.93 -29.13 -3.74
N ARG B 188 -15.83 -28.88 -5.04
CA ARG B 188 -16.36 -27.65 -5.64
C ARG B 188 -17.72 -27.92 -6.27
N HIS B 189 -18.68 -27.05 -5.99
CA HIS B 189 -20.04 -27.22 -6.50
C HIS B 189 -20.56 -25.89 -7.02
N VAL B 190 -21.47 -25.96 -7.98
CA VAL B 190 -22.13 -24.79 -8.55
C VAL B 190 -23.61 -24.86 -8.20
N LYS B 191 -24.14 -23.77 -7.63
CA LYS B 191 -25.52 -23.74 -7.19
C LYS B 191 -26.14 -22.40 -7.61
N THR B 192 -27.41 -22.46 -7.99
CA THR B 192 -28.18 -21.30 -8.43
C THR B 192 -29.21 -20.91 -7.39
N TYR B 193 -29.35 -19.60 -7.18
CA TYR B 193 -30.33 -19.05 -6.26
C TYR B 193 -31.17 -18.01 -6.99
N GLU B 194 -32.41 -17.86 -6.53
CA GLU B 194 -33.33 -16.85 -7.05
C GLU B 194 -33.50 -15.78 -5.98
N VAL B 195 -32.71 -14.71 -6.08
CA VAL B 195 -32.75 -13.65 -5.10
C VAL B 195 -34.00 -12.80 -5.33
N SER B 196 -34.76 -12.57 -4.27
CA SER B 196 -35.97 -11.75 -4.32
C SER B 196 -35.85 -10.65 -3.28
N LEU B 197 -36.04 -9.39 -3.73
CA LEU B 197 -35.92 -8.27 -2.82
C LEU B 197 -37.12 -8.12 -1.90
N ARG B 198 -38.26 -8.72 -2.27
CA ARG B 198 -39.46 -8.60 -1.46
C ARG B 198 -39.30 -9.34 -0.12
N GLU B 199 -38.81 -10.58 -0.17
CA GLU B 199 -38.58 -11.35 1.04
C GLU B 199 -37.17 -11.17 1.60
N LYS B 200 -36.27 -10.54 0.85
CA LYS B 200 -34.90 -10.29 1.27
C LYS B 200 -34.19 -11.58 1.69
N GLU B 201 -34.39 -12.63 0.89
CA GLU B 201 -33.79 -13.93 1.15
C GLU B 201 -33.48 -14.59 -0.18
N PHE B 202 -33.14 -15.87 -0.15
CA PHE B 202 -32.75 -16.64 -1.32
C PHE B 202 -33.72 -17.81 -1.51
N ASN B 203 -34.12 -18.04 -2.76
CA ASN B 203 -35.08 -19.08 -3.08
C ASN B 203 -34.35 -20.38 -3.42
N LYS B 204 -35.10 -21.35 -3.97
CA LYS B 204 -34.54 -22.68 -4.22
C LYS B 204 -33.54 -22.66 -5.36
N GLY B 205 -33.88 -22.03 -6.48
CA GLY B 205 -33.00 -21.99 -7.63
C GLY B 205 -33.55 -22.77 -8.81
N PRO B 206 -33.20 -22.34 -10.03
CA PRO B 206 -33.68 -23.02 -11.23
C PRO B 206 -33.26 -24.49 -11.33
N TRP B 207 -31.95 -24.75 -11.29
CA TRP B 207 -31.44 -26.12 -11.42
C TRP B 207 -30.58 -26.47 -10.22
N LYS B 208 -30.41 -27.78 -10.02
CA LYS B 208 -29.77 -28.32 -8.84
C LYS B 208 -28.25 -28.22 -8.94
N GLN B 209 -27.58 -28.55 -7.83
CA GLN B 209 -26.13 -28.49 -7.78
C GLN B 209 -25.51 -29.59 -8.63
N GLU B 210 -24.41 -29.26 -9.30
CA GLU B 210 -23.66 -30.20 -10.11
C GLU B 210 -22.20 -30.16 -9.67
N ASN B 211 -21.61 -31.33 -9.48
CA ASN B 211 -20.23 -31.43 -8.99
C ASN B 211 -19.27 -31.03 -10.10
N VAL B 212 -18.78 -29.79 -10.03
CA VAL B 212 -17.78 -29.30 -10.97
C VAL B 212 -16.40 -29.77 -10.52
N GLU B 213 -15.40 -29.59 -11.38
CA GLU B 213 -14.04 -30.03 -11.08
C GLU B 213 -13.46 -29.24 -9.91
N ALA B 214 -12.36 -29.75 -9.38
CA ALA B 214 -11.75 -29.17 -8.18
C ALA B 214 -11.08 -27.83 -8.45
N GLU B 215 -10.93 -27.42 -9.70
CA GLU B 215 -10.23 -26.19 -10.05
C GLU B 215 -11.11 -25.29 -10.92
N ALA B 216 -12.36 -25.11 -10.49
CA ALA B 216 -13.25 -24.18 -11.18
C ALA B 216 -12.81 -22.75 -10.87
N SER B 217 -12.46 -22.00 -11.91
CA SER B 217 -11.86 -20.68 -11.72
C SER B 217 -12.92 -19.60 -11.57
N MET B 218 -13.75 -19.41 -12.59
CA MET B 218 -14.84 -18.44 -12.52
C MET B 218 -15.92 -18.78 -13.55
N VAL B 219 -17.08 -18.15 -13.40
CA VAL B 219 -18.27 -18.44 -14.19
C VAL B 219 -18.48 -17.36 -15.24
N ILE B 220 -18.98 -17.80 -16.40
CA ILE B 220 -19.32 -16.91 -17.51
C ILE B 220 -20.83 -16.99 -17.74
N ALA B 221 -21.45 -15.82 -17.89
CA ALA B 221 -22.89 -15.72 -18.09
C ALA B 221 -23.18 -15.67 -19.59
N VAL B 222 -23.84 -16.70 -20.09
CA VAL B 222 -24.20 -16.80 -21.51
C VAL B 222 -25.51 -16.05 -21.71
N PRO B 223 -25.62 -15.22 -22.78
CA PRO B 223 -26.84 -14.40 -22.97
C PRO B 223 -28.08 -15.20 -23.31
N GLU B 224 -29.15 -14.46 -23.63
CA GLU B 224 -30.47 -15.03 -23.85
C GLU B 224 -30.55 -16.18 -24.86
N PRO B 225 -29.91 -16.15 -26.04
CA PRO B 225 -30.13 -17.23 -27.03
C PRO B 225 -29.84 -18.63 -26.52
N PHE B 226 -28.84 -18.80 -25.66
CA PHE B 226 -28.54 -20.10 -25.07
C PHE B 226 -28.78 -20.17 -23.58
N GLY B 227 -28.44 -19.10 -22.84
CA GLY B 227 -28.66 -19.11 -21.41
C GLY B 227 -27.68 -20.04 -20.68
N GLY B 228 -28.02 -20.31 -19.43
CA GLY B 228 -27.18 -21.17 -18.62
C GLY B 228 -25.90 -20.48 -18.17
N ALA B 229 -24.93 -21.30 -17.79
CA ALA B 229 -23.65 -20.83 -17.28
C ALA B 229 -22.52 -21.63 -17.92
N ILE B 230 -21.34 -21.01 -17.96
CA ILE B 230 -20.13 -21.62 -18.47
C ILE B 230 -19.10 -21.66 -17.35
N ILE B 231 -18.57 -22.84 -17.07
CA ILE B 231 -17.54 -23.03 -16.05
C ILE B 231 -16.24 -23.38 -16.76
N ILE B 232 -15.26 -22.49 -16.68
CA ILE B 232 -13.94 -22.73 -17.25
C ILE B 232 -12.95 -22.90 -16.11
N GLY B 233 -12.09 -23.92 -16.23
CA GLY B 233 -11.04 -24.16 -15.28
C GLY B 233 -9.93 -24.95 -15.93
N GLN B 234 -8.85 -25.13 -15.17
CA GLN B 234 -7.70 -25.87 -15.68
C GLN B 234 -8.13 -27.26 -16.11
N GLU B 235 -7.98 -27.53 -17.41
CA GLU B 235 -8.29 -28.82 -18.05
C GLU B 235 -9.79 -29.10 -18.10
N SER B 236 -10.63 -28.06 -18.14
CA SER B 236 -12.07 -28.29 -18.25
C SER B 236 -12.80 -27.05 -18.75
N ILE B 237 -13.68 -27.23 -19.74
CA ILE B 237 -14.65 -26.22 -20.14
C ILE B 237 -16.02 -26.88 -20.16
N THR B 238 -16.93 -26.43 -19.31
CA THR B 238 -18.24 -27.04 -19.16
C THR B 238 -19.33 -26.01 -19.39
N TYR B 239 -20.47 -26.48 -19.91
CA TYR B 239 -21.66 -25.68 -20.11
C TYR B 239 -22.82 -26.33 -19.38
N HIS B 240 -23.39 -25.62 -18.42
CA HIS B 240 -24.49 -26.11 -17.60
C HIS B 240 -25.75 -25.32 -17.91
N ASN B 241 -26.81 -26.00 -18.31
CA ASN B 241 -28.10 -25.34 -18.55
C ASN B 241 -29.19 -26.38 -18.31
N GLY B 242 -29.77 -26.37 -17.11
CA GLY B 242 -30.82 -27.31 -16.77
C GLY B 242 -30.40 -28.76 -16.87
N ASP B 243 -30.91 -29.44 -17.89
CA ASP B 243 -30.58 -30.83 -18.14
C ASP B 243 -29.37 -31.01 -19.04
N LYS B 244 -28.71 -29.92 -19.43
CA LYS B 244 -27.56 -29.96 -20.33
C LYS B 244 -26.28 -29.77 -19.53
N TYR B 245 -25.35 -30.71 -19.69
CA TYR B 245 -24.08 -30.76 -18.97
C TYR B 245 -22.94 -30.99 -19.96
N LEU B 246 -22.87 -30.14 -20.99
CA LEU B 246 -21.92 -30.40 -22.08
C LEU B 246 -20.53 -29.94 -21.66
N ALA B 247 -19.67 -30.90 -21.32
CA ALA B 247 -18.34 -30.61 -20.80
C ALA B 247 -17.28 -31.28 -21.66
N ILE B 248 -16.21 -30.53 -21.93
CA ILE B 248 -15.05 -31.04 -22.68
C ILE B 248 -13.79 -30.71 -21.89
N ALA B 249 -12.72 -31.45 -22.20
CA ALA B 249 -11.40 -31.24 -21.62
C ALA B 249 -10.42 -31.07 -22.77
N PRO B 250 -10.30 -29.85 -23.31
CA PRO B 250 -9.42 -29.65 -24.47
C PRO B 250 -7.97 -29.89 -24.11
N PRO B 251 -7.16 -30.38 -25.05
CA PRO B 251 -5.76 -30.66 -24.78
C PRO B 251 -4.84 -29.45 -24.92
N ILE B 252 -5.36 -28.29 -25.33
CA ILE B 252 -4.55 -27.10 -25.53
C ILE B 252 -4.54 -26.20 -24.30
N ILE B 253 -5.61 -26.22 -23.50
CA ILE B 253 -5.75 -25.38 -22.33
C ILE B 253 -5.01 -25.95 -21.12
N LYS B 254 -4.25 -27.03 -21.30
CA LYS B 254 -3.61 -27.69 -20.17
C LYS B 254 -2.43 -26.91 -19.62
N GLN B 255 -1.82 -26.04 -20.43
CA GLN B 255 -0.55 -25.42 -20.04
C GLN B 255 -0.74 -24.45 -18.86
N SER B 256 -1.80 -23.66 -18.88
CA SER B 256 -2.02 -22.65 -17.85
C SER B 256 -3.52 -22.51 -17.61
N THR B 257 -3.87 -21.59 -16.70
CA THR B 257 -5.24 -21.39 -16.27
C THR B 257 -5.75 -20.03 -16.73
N ILE B 258 -7.04 -19.98 -17.07
CA ILE B 258 -7.65 -18.75 -17.56
C ILE B 258 -7.82 -17.76 -16.41
N VAL B 259 -7.55 -16.48 -16.69
CA VAL B 259 -7.65 -15.43 -15.70
C VAL B 259 -8.80 -14.48 -16.04
N CYS B 260 -8.73 -13.87 -17.21
CA CYS B 260 -9.70 -12.88 -17.64
C CYS B 260 -10.50 -13.39 -18.82
N HIS B 261 -11.64 -12.75 -19.07
CA HIS B 261 -12.55 -13.16 -20.13
C HIS B 261 -13.36 -11.96 -20.60
N ASN B 262 -13.95 -12.10 -21.79
CA ASN B 262 -14.86 -11.10 -22.32
C ASN B 262 -15.73 -11.74 -23.40
N ARG B 263 -16.86 -11.09 -23.67
CA ARG B 263 -17.84 -11.56 -24.64
C ARG B 263 -17.82 -10.62 -25.85
N VAL B 264 -17.78 -11.20 -27.05
CA VAL B 264 -17.66 -10.42 -28.27
C VAL B 264 -19.02 -10.28 -28.94
N ASP B 265 -19.60 -11.40 -29.33
CA ASP B 265 -20.89 -11.38 -30.01
C ASP B 265 -22.00 -11.02 -29.03
N PRO B 266 -22.85 -10.05 -29.33
CA PRO B 266 -23.92 -9.68 -28.39
C PRO B 266 -24.87 -10.82 -28.07
N ASN B 267 -25.12 -11.73 -29.02
CA ASN B 267 -25.94 -12.90 -28.73
C ASN B 267 -25.17 -13.99 -28.01
N GLY B 268 -23.86 -13.86 -27.86
CA GLY B 268 -23.07 -14.83 -27.15
C GLY B 268 -22.50 -15.95 -27.99
N SER B 269 -22.19 -15.68 -29.26
CA SER B 269 -21.66 -16.70 -30.16
C SER B 269 -20.14 -16.75 -30.19
N ARG B 270 -19.46 -15.91 -29.41
CA ARG B 270 -18.01 -15.89 -29.41
C ARG B 270 -17.52 -15.29 -28.10
N TYR B 271 -16.46 -15.86 -27.54
CA TYR B 271 -15.86 -15.35 -26.32
C TYR B 271 -14.34 -15.31 -26.46
N LEU B 272 -13.71 -14.43 -25.69
CA LEU B 272 -12.27 -14.39 -25.57
C LEU B 272 -11.88 -14.69 -24.13
N LEU B 273 -10.89 -15.57 -23.95
CA LEU B 273 -10.43 -15.95 -22.62
C LEU B 273 -8.93 -15.75 -22.56
N GLY B 274 -8.46 -15.09 -21.50
CA GLY B 274 -7.05 -14.84 -21.32
C GLY B 274 -6.32 -16.04 -20.74
N ASP B 275 -5.04 -15.85 -20.45
CA ASP B 275 -4.21 -16.90 -19.89
C ASP B 275 -3.08 -16.27 -19.11
N MET B 276 -2.48 -17.07 -18.22
CA MET B 276 -1.38 -16.58 -17.39
C MET B 276 -0.13 -16.32 -18.22
N GLU B 277 0.07 -17.10 -19.30
CA GLU B 277 1.27 -16.98 -20.11
C GLU B 277 1.15 -15.98 -21.24
N GLY B 278 0.00 -15.33 -21.38
CA GLY B 278 -0.20 -14.33 -22.41
C GLY B 278 -0.96 -14.81 -23.63
N ARG B 279 -1.22 -16.11 -23.74
CA ARG B 279 -1.97 -16.63 -24.87
C ARG B 279 -3.42 -16.17 -24.80
N LEU B 280 -3.98 -15.81 -25.95
CA LEU B 280 -5.35 -15.29 -26.06
C LEU B 280 -6.22 -16.38 -26.70
N PHE B 281 -6.90 -17.15 -25.86
CA PHE B 281 -7.75 -18.22 -26.37
C PHE B 281 -9.11 -17.65 -26.80
N MET B 282 -9.74 -18.33 -27.75
CA MET B 282 -11.07 -17.95 -28.23
C MET B 282 -12.01 -19.13 -28.09
N LEU B 283 -13.22 -18.85 -27.60
CA LEU B 283 -14.21 -19.88 -27.33
C LEU B 283 -15.39 -19.72 -28.28
N LEU B 284 -15.75 -20.81 -28.96
CA LEU B 284 -16.80 -20.84 -29.96
C LEU B 284 -18.00 -21.60 -29.43
N LEU B 285 -19.18 -21.00 -29.60
CA LEU B 285 -20.46 -21.60 -29.23
C LEU B 285 -21.19 -21.97 -30.52
N GLU B 286 -21.40 -23.26 -30.73
CA GLU B 286 -22.09 -23.76 -31.92
C GLU B 286 -23.57 -23.93 -31.60
N LYS B 287 -24.42 -23.25 -32.37
CA LYS B 287 -25.85 -23.25 -32.13
C LYS B 287 -26.59 -23.97 -33.25
N GLU B 288 -27.82 -24.39 -32.95
CA GLU B 288 -28.69 -25.03 -33.93
C GLU B 288 -30.14 -24.86 -33.48
N GLU B 289 -31.03 -24.78 -34.45
CA GLU B 289 -32.45 -24.57 -34.19
C GLU B 289 -33.19 -25.90 -34.21
N GLN B 290 -34.12 -26.06 -33.26
CA GLN B 290 -34.97 -27.25 -33.19
C GLN B 290 -36.41 -26.82 -33.37
N MET B 291 -37.13 -27.51 -34.25
CA MET B 291 -38.46 -27.13 -34.71
C MET B 291 -38.51 -25.64 -35.06
N ASP B 292 -39.28 -24.86 -34.32
CA ASP B 292 -39.40 -23.43 -34.55
C ASP B 292 -39.26 -22.67 -33.25
N GLY B 293 -38.51 -21.58 -33.29
CA GLY B 293 -38.34 -20.73 -32.11
C GLY B 293 -37.25 -21.19 -31.17
N THR B 294 -37.24 -22.48 -30.85
CA THR B 294 -36.27 -23.01 -29.90
C THR B 294 -34.90 -23.13 -30.55
N VAL B 295 -33.90 -22.51 -29.92
CA VAL B 295 -32.51 -22.59 -30.37
C VAL B 295 -31.69 -23.16 -29.22
N THR B 296 -30.89 -24.17 -29.52
CA THR B 296 -30.04 -24.81 -28.52
C THR B 296 -28.60 -24.83 -29.01
N LEU B 297 -27.73 -25.48 -28.25
CA LEU B 297 -26.29 -25.46 -28.50
C LEU B 297 -25.84 -26.83 -28.99
N LYS B 298 -24.96 -26.82 -29.99
CA LYS B 298 -24.45 -28.08 -30.57
C LYS B 298 -23.21 -28.57 -29.84
N ASP B 299 -22.15 -27.76 -29.83
CA ASP B 299 -20.90 -28.16 -29.20
C ASP B 299 -20.09 -26.91 -28.88
N LEU B 300 -19.10 -27.09 -28.00
CA LEU B 300 -18.16 -26.04 -27.64
C LEU B 300 -16.84 -26.24 -28.39
N ARG B 301 -16.17 -25.13 -28.69
CA ARG B 301 -14.86 -25.21 -29.31
C ARG B 301 -13.93 -24.20 -28.67
N VAL B 302 -12.63 -24.51 -28.68
CA VAL B 302 -11.60 -23.58 -28.25
C VAL B 302 -10.55 -23.49 -29.35
N GLU B 303 -9.87 -22.34 -29.42
CA GLU B 303 -8.86 -22.14 -30.44
C GLU B 303 -7.81 -21.16 -29.97
N LEU B 304 -6.54 -21.48 -30.24
CA LEU B 304 -5.45 -20.57 -29.88
C LEU B 304 -5.30 -19.52 -30.97
N LEU B 305 -5.24 -18.25 -30.56
CA LEU B 305 -5.16 -17.13 -31.49
C LEU B 305 -3.74 -16.60 -31.64
N GLY B 306 -2.99 -16.51 -30.56
CA GLY B 306 -1.63 -16.01 -30.63
C GLY B 306 -1.12 -15.69 -29.24
N GLU B 307 -0.03 -14.93 -29.21
CA GLU B 307 0.58 -14.49 -27.97
C GLU B 307 0.42 -12.98 -27.83
N THR B 308 0.21 -12.53 -26.60
CA THR B 308 -0.01 -11.11 -26.30
C THR B 308 0.77 -10.78 -25.03
N SER B 309 0.47 -9.62 -24.45
CA SER B 309 1.02 -9.25 -23.16
C SER B 309 0.39 -10.08 -22.05
N ILE B 310 0.86 -9.87 -20.83
CA ILE B 310 0.34 -10.59 -19.67
C ILE B 310 -1.09 -10.12 -19.45
N ALA B 311 -2.06 -10.99 -19.72
CA ALA B 311 -3.45 -10.59 -19.84
C ALA B 311 -4.11 -10.51 -18.47
N GLU B 312 -4.52 -9.30 -18.08
CA GLU B 312 -5.43 -9.11 -16.96
C GLU B 312 -6.73 -8.43 -17.38
N CYS B 313 -6.76 -7.81 -18.55
CA CYS B 313 -7.98 -7.24 -19.11
C CYS B 313 -8.09 -7.59 -20.59
N LEU B 314 -9.29 -8.00 -21.00
CA LEU B 314 -9.62 -8.25 -22.39
C LEU B 314 -10.91 -7.55 -22.73
N THR B 315 -10.92 -6.80 -23.84
CA THR B 315 -12.11 -6.08 -24.28
C THR B 315 -12.11 -5.99 -25.79
N TYR B 316 -13.30 -6.13 -26.38
CA TYR B 316 -13.49 -6.00 -27.82
C TYR B 316 -14.14 -4.67 -28.12
N LEU B 317 -13.42 -3.77 -28.78
CA LEU B 317 -13.94 -2.44 -29.05
C LEU B 317 -14.84 -2.44 -30.29
N ASP B 318 -14.26 -2.70 -31.46
CA ASP B 318 -14.97 -2.65 -32.74
C ASP B 318 -14.04 -3.11 -33.84
N ASN B 319 -14.64 -3.63 -34.93
CA ASN B 319 -13.93 -3.94 -36.18
C ASN B 319 -12.79 -4.92 -35.97
N GLY B 320 -13.01 -5.91 -35.10
CA GLY B 320 -12.06 -6.99 -34.95
C GLY B 320 -10.78 -6.63 -34.22
N VAL B 321 -10.78 -5.57 -33.43
CA VAL B 321 -9.63 -5.21 -32.62
C VAL B 321 -9.96 -5.46 -31.17
N VAL B 322 -8.92 -5.71 -30.37
CA VAL B 322 -9.07 -6.11 -28.97
C VAL B 322 -8.09 -5.30 -28.13
N PHE B 323 -8.60 -4.72 -27.04
CA PHE B 323 -7.78 -4.04 -26.05
C PHE B 323 -7.27 -5.08 -25.05
N VAL B 324 -5.99 -5.44 -25.16
CA VAL B 324 -5.36 -6.38 -24.25
C VAL B 324 -4.78 -5.58 -23.09
N GLY B 325 -5.45 -5.64 -21.94
CA GLY B 325 -4.98 -4.93 -20.77
C GLY B 325 -4.02 -5.79 -19.96
N SER B 326 -3.02 -5.15 -19.40
CA SER B 326 -1.97 -5.85 -18.67
C SER B 326 -1.69 -5.17 -17.34
N ARG B 327 -1.22 -5.98 -16.40
CA ARG B 327 -0.76 -5.51 -15.10
C ARG B 327 0.75 -5.52 -14.98
N LEU B 328 1.43 -6.52 -15.54
CA LEU B 328 2.88 -6.62 -15.48
C LEU B 328 3.55 -6.30 -16.80
N GLY B 329 2.83 -5.70 -17.74
CA GLY B 329 3.37 -5.42 -19.06
C GLY B 329 2.64 -4.25 -19.69
N ASP B 330 3.12 -3.84 -20.86
CA ASP B 330 2.50 -2.75 -21.60
C ASP B 330 1.17 -3.20 -22.20
N SER B 331 0.20 -2.31 -22.21
CA SER B 331 -1.10 -2.63 -22.80
C SER B 331 -1.02 -2.63 -24.32
N GLN B 332 -1.89 -3.42 -24.96
CA GLN B 332 -1.82 -3.63 -26.39
C GLN B 332 -3.17 -3.36 -27.05
N LEU B 333 -3.12 -2.94 -28.32
CA LEU B 333 -4.28 -2.82 -29.19
C LEU B 333 -4.07 -3.81 -30.33
N VAL B 334 -4.50 -5.05 -30.12
CA VAL B 334 -4.22 -6.11 -31.08
C VAL B 334 -5.34 -6.17 -32.12
N LYS B 335 -5.00 -6.68 -33.30
CA LYS B 335 -5.95 -6.82 -34.39
C LYS B 335 -6.12 -8.30 -34.71
N LEU B 336 -7.37 -8.72 -34.89
CA LEU B 336 -7.71 -10.12 -35.16
C LEU B 336 -7.96 -10.26 -36.66
N ASN B 337 -6.90 -10.57 -37.40
CA ASN B 337 -7.01 -10.79 -38.83
C ASN B 337 -7.79 -12.07 -39.12
N VAL B 338 -8.63 -12.01 -40.15
CA VAL B 338 -9.40 -13.19 -40.55
C VAL B 338 -8.47 -14.28 -41.06
N ASP B 339 -7.51 -13.92 -41.92
CA ASP B 339 -6.54 -14.85 -42.46
C ASP B 339 -5.26 -14.83 -41.63
N SER B 340 -4.62 -16.00 -41.55
CA SER B 340 -3.41 -16.15 -40.76
C SER B 340 -2.20 -15.70 -41.57
N ASN B 341 -1.00 -15.95 -41.05
CA ASN B 341 0.25 -15.57 -41.70
C ASN B 341 1.32 -16.61 -41.33
N GLU B 342 2.58 -16.24 -41.54
CA GLU B 342 3.68 -17.10 -41.11
C GLU B 342 3.71 -17.17 -39.58
N GLN B 343 4.33 -18.24 -39.09
CA GLN B 343 4.27 -18.65 -37.67
C GLN B 343 2.87 -18.44 -37.11
N GLY B 344 1.91 -19.14 -37.74
CA GLY B 344 0.50 -18.82 -37.71
C GLY B 344 -0.12 -18.36 -36.41
N SER B 345 -0.57 -17.11 -36.41
CA SER B 345 -1.21 -16.50 -35.26
C SER B 345 -2.00 -15.30 -35.75
N TYR B 346 -3.31 -15.31 -35.54
CA TYR B 346 -4.20 -14.26 -36.03
C TYR B 346 -4.13 -12.98 -35.21
N VAL B 347 -3.15 -12.83 -34.31
CA VAL B 347 -3.02 -11.66 -33.46
C VAL B 347 -1.88 -10.80 -33.98
N VAL B 348 -2.21 -9.58 -34.40
CA VAL B 348 -1.21 -8.59 -34.81
C VAL B 348 -1.47 -7.30 -34.04
N ALA B 349 -0.42 -6.77 -33.41
CA ALA B 349 -0.57 -5.58 -32.60
C ALA B 349 -0.58 -4.32 -33.47
N MET B 350 -1.28 -3.30 -32.99
CA MET B 350 -1.35 -2.01 -33.66
C MET B 350 -0.75 -0.89 -32.83
N GLU B 351 -1.12 -0.78 -31.55
CA GLU B 351 -0.60 0.25 -30.66
C GLU B 351 -0.18 -0.39 -29.34
N THR B 352 0.80 0.23 -28.69
CA THR B 352 1.34 -0.26 -27.43
C THR B 352 1.38 0.90 -26.44
N PHE B 353 0.52 0.83 -25.42
CA PHE B 353 0.55 1.82 -24.34
C PHE B 353 1.57 1.38 -23.31
N THR B 354 2.54 2.25 -23.04
CA THR B 354 3.62 1.92 -22.12
C THR B 354 3.11 1.78 -20.69
N ASN B 355 3.64 0.78 -19.98
CA ASN B 355 3.29 0.52 -18.59
C ASN B 355 4.58 0.26 -17.84
N LEU B 356 4.76 0.97 -16.72
CA LEU B 356 5.94 0.76 -15.90
C LEU B 356 5.90 -0.59 -15.17
N GLY B 357 4.72 -1.10 -14.88
CA GLY B 357 4.57 -2.43 -14.34
C GLY B 357 5.14 -2.57 -12.94
N PRO B 358 5.45 -3.82 -12.56
CA PRO B 358 5.99 -4.07 -11.21
C PRO B 358 7.44 -3.64 -11.07
N ILE B 359 7.66 -2.35 -10.79
CA ILE B 359 9.02 -1.86 -10.56
C ILE B 359 9.56 -2.52 -9.30
N VAL B 360 10.58 -3.35 -9.47
CA VAL B 360 11.18 -4.06 -8.34
C VAL B 360 12.24 -3.19 -7.66
N ASP B 361 13.27 -2.81 -8.40
CA ASP B 361 14.30 -1.88 -7.92
C ASP B 361 14.42 -0.73 -8.90
N MET B 362 15.20 0.27 -8.49
CA MET B 362 15.55 1.40 -9.33
C MET B 362 16.85 2.00 -8.82
N CYS B 363 17.51 2.78 -9.68
CA CYS B 363 18.74 3.43 -9.29
C CYS B 363 18.92 4.71 -10.09
N VAL B 364 19.75 5.60 -9.56
CA VAL B 364 20.05 6.88 -10.20
C VAL B 364 21.44 6.82 -10.80
N VAL B 365 21.54 7.09 -12.10
CA VAL B 365 22.81 7.06 -12.83
C VAL B 365 22.99 8.39 -13.55
N ASP B 366 24.16 8.55 -14.19
CA ASP B 366 24.49 9.77 -14.92
C ASP B 366 25.02 9.38 -16.29
N LEU B 367 24.11 9.24 -17.25
CA LEU B 367 24.51 8.98 -18.63
C LEU B 367 25.20 10.20 -19.24
N GLU B 368 24.75 11.40 -18.87
CA GLU B 368 25.36 12.62 -19.38
C GLU B 368 26.77 12.82 -18.83
N ARG B 369 27.09 12.19 -17.70
CA ARG B 369 28.40 12.29 -17.05
C ARG B 369 28.71 13.74 -16.66
N GLN B 370 27.79 14.35 -15.93
CA GLN B 370 27.96 15.70 -15.41
C GLN B 370 27.87 15.76 -13.89
N GLY B 371 26.94 15.04 -13.29
CA GLY B 371 26.78 15.07 -11.84
C GLY B 371 25.34 15.03 -11.41
N GLN B 372 24.42 15.08 -12.38
CA GLN B 372 22.98 15.02 -12.09
C GLN B 372 22.53 13.56 -12.10
N GLY B 373 21.23 13.33 -11.99
CA GLY B 373 20.73 11.97 -11.86
C GLY B 373 19.50 11.65 -12.70
N GLN B 374 19.54 10.51 -13.38
CA GLN B 374 18.41 9.98 -14.14
C GLN B 374 18.06 8.61 -13.59
N LEU B 375 16.76 8.32 -13.54
CA LEU B 375 16.27 7.06 -13.00
C LEU B 375 16.38 5.95 -14.03
N VAL B 376 16.64 4.74 -13.52
CA VAL B 376 16.56 3.53 -14.33
C VAL B 376 16.01 2.40 -13.46
N THR B 377 14.96 1.74 -13.95
CA THR B 377 14.23 0.73 -13.19
C THR B 377 14.24 -0.60 -13.93
N CYS B 378 14.11 -1.68 -13.17
CA CYS B 378 13.97 -3.02 -13.74
C CYS B 378 12.49 -3.37 -13.83
N SER B 379 11.84 -2.75 -14.82
CA SER B 379 10.40 -2.88 -14.96
C SER B 379 10.02 -4.23 -15.53
N GLY B 380 8.74 -4.58 -15.37
CA GLY B 380 8.18 -5.77 -15.98
C GLY B 380 8.42 -7.03 -15.17
N ALA B 381 7.78 -8.10 -15.61
CA ALA B 381 7.87 -9.40 -14.95
C ALA B 381 7.54 -10.49 -15.96
N PHE B 382 7.88 -11.72 -15.58
CA PHE B 382 7.65 -12.94 -16.38
C PHE B 382 8.39 -12.78 -17.69
N LYS B 383 7.76 -13.03 -18.85
CA LYS B 383 8.44 -12.96 -20.13
C LYS B 383 8.60 -11.55 -20.66
N GLU B 384 7.87 -10.57 -20.12
CA GLU B 384 7.88 -9.22 -20.64
C GLU B 384 8.61 -8.24 -19.72
N GLY B 385 9.47 -8.74 -18.83
CA GLY B 385 10.32 -7.86 -18.05
C GLY B 385 11.27 -7.09 -18.96
N SER B 386 11.47 -5.82 -18.65
CA SER B 386 12.30 -4.94 -19.48
C SER B 386 13.19 -4.11 -18.56
N LEU B 387 13.80 -3.08 -19.15
CA LEU B 387 14.74 -2.18 -18.49
C LEU B 387 14.38 -0.73 -18.81
N ARG B 388 13.10 -0.39 -18.61
CA ARG B 388 12.62 0.94 -18.94
C ARG B 388 13.35 2.01 -18.13
N ILE B 389 13.69 3.11 -18.81
CA ILE B 389 14.50 4.18 -18.24
C ILE B 389 13.67 5.45 -18.22
N ILE B 390 13.60 6.08 -17.05
CA ILE B 390 12.82 7.30 -16.82
C ILE B 390 13.77 8.48 -16.75
N ARG B 391 13.49 9.52 -17.53
CA ARG B 391 14.30 10.72 -17.52
C ARG B 391 13.39 11.95 -17.57
N ASN B 392 13.98 13.11 -17.31
CA ASN B 392 13.26 14.37 -17.31
C ASN B 392 13.59 15.16 -18.56
N GLY B 393 12.58 15.78 -19.16
CA GLY B 393 12.80 16.54 -20.38
C GLY B 393 11.48 17.04 -20.94
N ILE B 394 11.53 17.46 -22.20
CA ILE B 394 10.34 17.96 -22.89
C ILE B 394 10.37 17.55 -24.35
N GLY B 406 22.71 12.15 -36.65
CA GLY B 406 23.51 13.30 -37.04
C GLY B 406 22.70 14.37 -37.75
N ILE B 407 21.47 14.57 -37.29
CA ILE B 407 20.57 15.56 -37.88
C ILE B 407 20.93 16.91 -37.26
N LYS B 408 21.79 17.67 -37.92
CA LYS B 408 22.20 19.00 -37.47
C LYS B 408 21.70 20.03 -38.48
N GLY B 409 20.98 21.03 -37.99
CA GLY B 409 20.34 22.00 -38.85
C GLY B 409 18.86 21.75 -38.98
N LEU B 410 18.08 22.83 -38.90
CA LEU B 410 16.63 22.74 -38.94
C LEU B 410 16.05 23.61 -40.04
N TRP B 411 14.73 23.58 -40.20
CA TRP B 411 14.00 24.54 -41.03
C TRP B 411 13.02 25.28 -40.13
N PRO B 412 13.39 26.47 -39.67
CA PRO B 412 12.45 27.31 -38.91
C PRO B 412 11.53 28.15 -39.76
N LEU B 413 11.68 28.10 -41.08
CA LEU B 413 10.93 28.93 -42.02
C LEU B 413 9.56 28.29 -42.22
N ARG B 414 8.58 28.71 -41.42
CA ARG B 414 7.20 28.25 -41.54
C ARG B 414 6.51 29.16 -42.55
N SER B 415 7.00 29.12 -43.80
CA SER B 415 6.47 29.99 -44.85
C SER B 415 5.05 29.59 -45.24
N ASP B 416 4.82 28.31 -45.47
CA ASP B 416 3.49 27.86 -45.83
C ASP B 416 2.63 27.76 -44.58
N PRO B 417 1.47 28.43 -44.53
CA PRO B 417 0.64 28.38 -43.32
C PRO B 417 0.17 26.99 -42.95
N ASN B 418 -0.12 26.14 -43.92
CA ASN B 418 -0.64 24.82 -43.61
C ASN B 418 0.11 23.68 -44.29
N ARG B 419 0.56 23.88 -45.53
CA ARG B 419 1.21 22.80 -46.26
C ARG B 419 2.55 22.42 -45.64
N GLU B 420 3.40 23.41 -45.39
CA GLU B 420 4.74 23.23 -44.83
C GLU B 420 5.55 22.18 -45.59
N THR B 421 5.80 21.04 -44.96
CA THR B 421 6.72 20.00 -45.44
C THR B 421 8.06 20.69 -45.73
N ASP B 422 8.66 20.51 -46.90
CA ASP B 422 9.83 21.27 -47.31
C ASP B 422 9.51 21.94 -48.64
N ASP B 423 9.43 23.26 -48.64
CA ASP B 423 9.26 24.05 -49.85
C ASP B 423 10.55 24.73 -50.29
N THR B 424 11.34 25.20 -49.35
CA THR B 424 12.65 25.78 -49.62
C THR B 424 13.70 24.95 -48.90
N LEU B 425 14.49 24.20 -49.65
CA LEU B 425 15.66 23.52 -49.12
C LEU B 425 16.67 24.60 -48.76
N VAL B 426 16.74 24.92 -47.47
CA VAL B 426 17.68 25.92 -46.96
C VAL B 426 18.85 25.11 -46.42
N LEU B 427 19.81 24.82 -47.29
CA LEU B 427 20.99 24.07 -46.91
C LEU B 427 22.19 25.00 -46.73
N SER B 428 23.15 24.51 -45.94
CA SER B 428 23.96 25.29 -45.01
C SER B 428 25.43 24.91 -45.03
N PHE B 429 26.28 25.93 -45.07
CA PHE B 429 27.71 25.84 -44.79
C PHE B 429 28.20 27.24 -44.40
N VAL B 430 29.52 27.43 -44.38
CA VAL B 430 30.12 28.64 -43.87
C VAL B 430 29.94 29.77 -44.88
N GLY B 431 29.12 30.76 -44.53
CA GLY B 431 29.05 32.01 -45.25
C GLY B 431 28.59 31.97 -46.70
N GLN B 432 27.42 31.37 -46.95
CA GLN B 432 26.94 31.12 -48.30
C GLN B 432 25.41 31.01 -48.25
N THR B 433 24.81 30.51 -49.33
CA THR B 433 23.34 30.41 -49.45
C THR B 433 22.90 29.24 -50.32
N ARG B 434 22.27 28.18 -49.74
CA ARG B 434 21.61 27.18 -50.57
C ARG B 434 20.10 27.28 -50.36
N VAL B 435 19.39 27.78 -51.36
CA VAL B 435 17.93 27.86 -51.33
C VAL B 435 17.40 27.19 -52.58
N LEU B 436 16.87 25.98 -52.42
CA LEU B 436 16.25 25.24 -53.53
C LEU B 436 14.74 25.25 -53.39
N MET B 437 14.06 25.20 -54.53
CA MET B 437 12.62 25.04 -54.57
C MET B 437 12.28 23.56 -54.49
N LEU B 438 11.58 23.17 -53.42
CA LEU B 438 11.26 21.77 -53.17
C LEU B 438 9.77 21.51 -53.26
N ASN B 439 9.42 20.24 -53.45
CA ASN B 439 8.05 19.76 -53.44
C ASN B 439 7.96 18.69 -52.35
N GLY B 440 7.65 19.11 -51.13
CA GLY B 440 7.63 18.20 -50.00
C GLY B 440 9.01 17.90 -49.48
N GLU B 441 9.09 16.87 -48.64
CA GLU B 441 10.37 16.49 -48.01
C GLU B 441 11.34 15.83 -48.97
N GLU B 442 11.08 15.83 -50.27
CA GLU B 442 12.02 15.27 -51.25
C GLU B 442 13.25 16.14 -51.31
N VAL B 443 14.35 15.67 -50.72
CA VAL B 443 15.66 16.32 -50.83
C VAL B 443 16.56 15.39 -51.62
N GLU B 444 17.32 15.97 -52.55
CA GLU B 444 18.17 15.20 -53.45
C GLU B 444 19.45 15.96 -53.73
N GLU B 445 20.55 15.22 -53.86
CA GLU B 445 21.82 15.82 -54.21
C GLU B 445 21.98 15.90 -55.72
N THR B 446 20.98 16.46 -56.40
CA THR B 446 21.02 16.69 -57.84
C THR B 446 21.17 18.18 -58.05
N GLU B 447 22.42 18.62 -58.18
CA GLU B 447 22.70 20.04 -58.30
C GLU B 447 22.21 20.57 -59.65
N LEU B 448 21.45 21.65 -59.61
CA LEU B 448 20.91 22.28 -60.80
C LEU B 448 21.63 23.61 -61.04
N MET B 449 21.86 23.92 -62.32
CA MET B 449 22.63 25.12 -62.65
C MET B 449 21.74 26.37 -62.70
N GLY B 450 20.42 26.20 -62.57
CA GLY B 450 19.53 27.35 -62.60
C GLY B 450 19.73 28.26 -61.41
N PHE B 451 19.87 27.70 -60.22
CA PHE B 451 20.17 28.44 -59.01
C PHE B 451 21.55 28.01 -58.50
N VAL B 452 22.26 28.94 -57.88
CA VAL B 452 23.61 28.65 -57.37
C VAL B 452 23.51 27.61 -56.26
N ASP B 453 24.28 26.53 -56.40
CA ASP B 453 24.20 25.40 -55.48
C ASP B 453 25.51 25.13 -54.76
N ASP B 454 26.61 25.76 -55.18
CA ASP B 454 27.86 25.68 -54.43
C ASP B 454 27.81 26.51 -53.15
N GLN B 455 26.81 27.35 -53.00
CA GLN B 455 26.58 28.15 -51.81
C GLN B 455 25.61 27.42 -50.89
N GLN B 456 25.61 27.79 -49.61
CA GLN B 456 24.90 27.04 -48.56
C GLN B 456 24.60 27.93 -47.35
N THR B 457 23.31 28.00 -46.97
CA THR B 457 22.70 29.14 -46.26
C THR B 457 22.78 29.05 -44.74
N PHE B 458 22.87 30.20 -44.09
CA PHE B 458 22.60 30.25 -42.65
C PHE B 458 21.21 30.81 -42.35
N PHE B 459 20.89 32.00 -42.85
CA PHE B 459 19.60 32.62 -42.53
C PHE B 459 19.17 33.54 -43.67
N CYS B 460 17.86 33.82 -43.72
CA CYS B 460 17.27 34.73 -44.68
C CYS B 460 16.03 35.36 -44.06
N GLY B 461 15.60 36.49 -44.63
CA GLY B 461 14.48 37.23 -44.08
C GLY B 461 13.72 38.01 -45.13
N ASN B 462 12.55 38.51 -44.72
CA ASN B 462 11.67 39.34 -45.54
C ASN B 462 11.68 40.76 -44.99
N VAL B 463 11.25 41.72 -45.80
CA VAL B 463 11.43 43.12 -45.43
C VAL B 463 10.10 43.83 -45.18
N ALA B 464 9.29 44.01 -46.22
CA ALA B 464 8.05 44.77 -46.12
C ALA B 464 7.27 44.65 -47.42
N HIS B 465 5.94 44.51 -47.29
CA HIS B 465 5.01 44.44 -48.42
C HIS B 465 5.39 43.37 -49.43
N GLN B 466 6.13 42.36 -48.97
CA GLN B 466 6.56 41.23 -49.78
C GLN B 466 7.32 41.68 -51.03
N GLN B 467 8.13 42.73 -50.89
CA GLN B 467 9.14 43.06 -51.88
C GLN B 467 10.42 42.29 -51.54
N LEU B 468 10.32 40.97 -51.73
CA LEU B 468 11.38 40.05 -51.33
C LEU B 468 12.63 40.27 -52.16
N ILE B 469 13.72 39.66 -51.71
CA ILE B 469 15.02 39.82 -52.34
C ILE B 469 15.58 38.44 -52.66
N GLN B 470 15.92 38.23 -53.94
CA GLN B 470 16.53 36.99 -54.39
C GLN B 470 18.05 37.15 -54.29
N ILE B 471 18.59 36.72 -53.15
CA ILE B 471 20.02 36.89 -52.89
C ILE B 471 20.81 35.95 -53.80
N THR B 472 21.48 36.54 -54.80
CA THR B 472 22.29 35.79 -55.74
C THR B 472 23.44 36.67 -56.20
N SER B 473 24.64 36.07 -56.29
CA SER B 473 25.80 36.81 -56.74
C SER B 473 25.80 37.03 -58.25
N ALA B 474 25.14 36.15 -59.00
CA ALA B 474 25.16 36.25 -60.46
C ALA B 474 24.32 37.43 -60.94
N SER B 475 23.02 37.39 -60.66
CA SER B 475 22.12 38.44 -61.12
C SER B 475 20.88 38.45 -60.23
N VAL B 476 20.10 39.52 -60.34
CA VAL B 476 18.90 39.70 -59.55
C VAL B 476 17.73 39.14 -60.35
N ARG B 477 17.46 37.85 -60.20
CA ARG B 477 16.37 37.18 -60.90
C ARG B 477 15.37 36.70 -59.85
N LEU B 478 14.42 37.57 -59.51
CA LEU B 478 13.42 37.28 -58.49
C LEU B 478 12.40 36.30 -59.04
N VAL B 479 12.43 35.07 -58.53
CA VAL B 479 11.45 34.05 -58.96
C VAL B 479 10.26 34.21 -58.02
N SER B 480 9.40 35.17 -58.35
CA SER B 480 8.22 35.50 -57.57
C SER B 480 7.38 36.47 -58.38
N GLN B 481 6.15 36.69 -57.92
CA GLN B 481 5.22 37.58 -58.62
C GLN B 481 4.97 38.89 -57.90
N GLU B 482 5.20 38.96 -56.59
CA GLU B 482 4.89 40.17 -55.84
C GLU B 482 5.88 41.30 -56.15
N PRO B 483 7.21 41.18 -55.85
CA PRO B 483 8.09 42.32 -56.11
C PRO B 483 8.33 42.57 -57.59
N LYS B 484 8.79 41.53 -58.29
CA LYS B 484 9.04 41.56 -59.74
C LYS B 484 9.92 42.76 -60.13
N ALA B 485 10.98 43.00 -59.37
CA ALA B 485 11.84 44.13 -59.63
C ALA B 485 13.24 43.86 -59.09
N LEU B 486 14.20 44.64 -59.60
CA LEU B 486 15.60 44.56 -59.17
C LEU B 486 15.91 45.83 -58.37
N VAL B 487 15.64 45.78 -57.07
CA VAL B 487 15.66 46.96 -56.21
C VAL B 487 16.80 46.92 -55.20
N SER B 488 16.76 45.98 -54.27
CA SER B 488 17.62 46.02 -53.08
C SER B 488 18.26 44.67 -52.80
N GLU B 489 18.85 44.06 -53.84
CA GLU B 489 19.44 42.74 -53.71
C GLU B 489 20.55 42.74 -52.66
N TRP B 490 20.62 41.67 -51.86
CA TRP B 490 21.61 41.57 -50.80
C TRP B 490 22.98 41.36 -51.45
N LYS B 491 23.69 42.47 -51.66
CA LYS B 491 24.92 42.47 -52.44
C LYS B 491 26.05 41.81 -51.65
N GLU B 492 27.19 41.63 -52.30
CA GLU B 492 28.39 41.04 -51.71
C GLU B 492 29.54 42.00 -51.90
N PRO B 493 29.63 43.05 -51.08
CA PRO B 493 30.69 44.05 -51.26
C PRO B 493 32.10 43.48 -51.11
N GLN B 494 32.29 42.49 -50.24
CA GLN B 494 33.58 41.81 -50.08
C GLN B 494 33.41 40.31 -50.18
N ALA B 495 32.51 39.85 -51.05
CA ALA B 495 32.05 38.47 -51.09
C ALA B 495 31.55 38.03 -49.73
N LYS B 496 30.86 38.93 -49.04
CA LYS B 496 30.44 38.74 -47.66
C LYS B 496 28.98 38.28 -47.65
N ASN B 497 28.78 36.96 -47.70
CA ASN B 497 27.48 36.36 -47.47
C ASN B 497 27.24 36.30 -45.97
N ILE B 498 26.28 35.49 -45.53
CA ILE B 498 25.92 35.47 -44.11
C ILE B 498 27.07 34.80 -43.36
N SER B 499 27.96 35.63 -42.81
CA SER B 499 29.14 35.20 -42.06
C SER B 499 29.18 36.05 -40.80
N VAL B 500 28.64 35.51 -39.70
CA VAL B 500 28.30 36.28 -38.51
C VAL B 500 27.44 37.45 -38.96
N ALA B 501 26.28 37.13 -39.55
CA ALA B 501 25.36 38.13 -40.05
C ALA B 501 23.94 37.60 -39.92
N SER B 502 22.98 38.50 -39.84
CA SER B 502 21.56 38.13 -39.74
C SER B 502 20.71 39.38 -39.92
N CYS B 503 19.41 39.16 -40.13
CA CYS B 503 18.45 40.23 -40.29
C CYS B 503 17.11 39.79 -39.71
N ASN B 504 16.35 40.76 -39.20
CA ASN B 504 14.99 40.52 -38.74
C ASN B 504 14.01 40.94 -39.82
N SER B 505 12.72 40.96 -39.48
CA SER B 505 11.67 41.19 -40.47
C SER B 505 10.94 42.52 -40.32
N SER B 506 10.60 42.91 -39.08
CA SER B 506 9.91 44.19 -38.88
C SER B 506 10.78 45.35 -39.33
N GLN B 507 12.07 45.32 -39.02
CA GLN B 507 13.05 46.22 -39.59
C GLN B 507 14.21 45.37 -40.08
N VAL B 508 14.97 45.92 -41.04
CA VAL B 508 16.11 45.21 -41.62
C VAL B 508 17.30 46.16 -41.62
N VAL B 509 18.19 45.99 -40.64
CA VAL B 509 19.42 46.77 -40.54
C VAL B 509 20.57 45.87 -40.97
N VAL B 510 21.32 46.30 -41.97
CA VAL B 510 22.47 45.55 -42.48
C VAL B 510 23.73 46.37 -42.22
N ALA B 511 24.87 45.78 -42.57
CA ALA B 511 26.15 46.48 -42.60
C ALA B 511 26.81 46.14 -43.94
N VAL B 512 26.45 46.88 -44.98
CA VAL B 512 27.00 46.69 -46.32
C VAL B 512 28.31 47.46 -46.38
N GLY B 513 29.42 46.74 -46.40
CA GLY B 513 30.72 47.39 -46.30
C GLY B 513 30.85 48.12 -44.99
N ARG B 514 31.27 49.40 -45.07
CA ARG B 514 31.34 50.26 -43.90
C ARG B 514 30.52 51.54 -44.04
N ALA B 515 30.49 52.15 -45.21
CA ALA B 515 29.61 53.28 -45.49
C ALA B 515 28.38 52.75 -46.21
N LEU B 516 27.20 53.06 -45.66
CA LEU B 516 25.99 52.39 -46.11
C LEU B 516 24.79 53.31 -45.87
N TYR B 517 23.95 53.45 -46.88
CA TYR B 517 22.66 54.09 -46.71
C TYR B 517 21.66 53.04 -46.24
N TYR B 518 20.98 53.34 -45.11
CA TYR B 518 20.16 52.36 -44.41
C TYR B 518 19.20 51.67 -45.38
N LEU B 519 19.37 50.36 -45.53
CA LEU B 519 18.71 49.55 -46.55
C LEU B 519 17.19 49.47 -46.35
N GLN B 520 16.67 50.07 -45.28
CA GLN B 520 15.23 50.18 -45.10
C GLN B 520 14.64 51.18 -46.08
N ILE B 521 14.72 50.88 -47.37
CA ILE B 521 14.09 51.67 -48.42
C ILE B 521 13.17 50.71 -49.16
N HIS B 522 11.94 50.60 -48.68
CA HIS B 522 10.93 49.69 -49.20
C HIS B 522 9.59 50.40 -49.14
N PRO B 523 8.58 49.90 -49.89
CA PRO B 523 7.25 50.52 -49.84
C PRO B 523 6.69 50.69 -48.42
N GLN B 524 6.46 51.94 -48.05
CA GLN B 524 5.99 52.33 -46.71
C GLN B 524 6.95 51.87 -45.61
N GLU B 525 8.22 51.66 -45.97
CA GLU B 525 9.26 51.37 -44.99
C GLU B 525 10.48 52.20 -45.39
N LEU B 526 10.54 53.44 -44.92
CA LEU B 526 11.64 54.33 -45.20
C LEU B 526 12.21 54.85 -43.89
N ARG B 527 13.51 54.67 -43.70
CA ARG B 527 14.17 55.10 -42.48
C ARG B 527 15.65 55.30 -42.77
N GLN B 528 16.25 56.29 -42.10
CA GLN B 528 17.70 56.51 -42.12
C GLN B 528 18.12 56.68 -40.67
N ILE B 529 18.39 55.57 -39.99
CA ILE B 529 18.82 55.55 -38.61
C ILE B 529 20.22 54.96 -38.46
N SER B 530 20.49 53.85 -39.15
CA SER B 530 21.83 53.26 -39.12
C SER B 530 22.72 53.92 -40.16
N HIS B 531 22.77 55.26 -40.14
CA HIS B 531 23.61 56.01 -41.05
C HIS B 531 24.93 56.43 -40.43
N THR B 532 24.97 56.66 -39.12
CA THR B 532 26.21 56.90 -38.42
C THR B 532 27.12 55.68 -38.53
N GLU B 533 28.39 55.92 -38.83
CA GLU B 533 29.37 54.87 -39.04
C GLU B 533 29.47 54.00 -37.80
N MET B 534 29.04 52.74 -37.93
CA MET B 534 29.09 51.78 -36.84
C MET B 534 30.44 51.07 -36.87
N GLU B 535 31.12 51.07 -35.72
CA GLU B 535 32.39 50.38 -35.58
C GLU B 535 32.24 48.98 -35.01
N HIS B 536 31.04 48.60 -34.61
CA HIS B 536 30.76 47.28 -34.04
C HIS B 536 29.82 46.56 -35.00
N GLU B 537 30.39 45.80 -35.93
CA GLU B 537 29.60 45.05 -36.90
C GLU B 537 29.00 43.83 -36.21
N VAL B 538 27.69 43.85 -36.00
CA VAL B 538 27.00 42.79 -35.29
C VAL B 538 26.41 41.82 -36.31
N ALA B 539 26.24 40.56 -35.89
CA ALA B 539 25.56 39.59 -36.73
C ALA B 539 24.14 40.04 -37.05
N CYS B 540 23.32 40.23 -36.03
CA CYS B 540 21.99 40.81 -36.20
C CYS B 540 21.93 42.10 -35.40
N LEU B 541 22.40 43.19 -36.01
CA LEU B 541 22.37 44.52 -35.42
C LEU B 541 20.98 45.07 -35.69
N ASP B 542 20.10 45.00 -34.70
CA ASP B 542 18.72 45.44 -34.85
C ASP B 542 18.06 45.47 -33.48
N ILE B 543 16.78 45.80 -33.49
CA ILE B 543 15.97 45.76 -32.27
C ILE B 543 14.87 44.72 -32.48
N THR B 544 14.41 44.17 -31.37
CA THR B 544 13.27 43.24 -31.40
C THR B 544 12.08 43.89 -30.75
N PRO B 545 11.06 44.30 -31.51
CA PRO B 545 9.93 45.06 -30.89
C PRO B 545 9.08 44.26 -29.90
N LEU B 546 8.18 44.97 -29.23
CA LEU B 546 7.30 44.35 -28.26
C LEU B 546 5.97 43.97 -28.92
N GLY B 547 6.06 43.02 -29.86
CA GLY B 547 4.96 42.65 -30.71
C GLY B 547 5.26 42.97 -32.17
N ASP B 548 4.36 43.72 -32.80
CA ASP B 548 4.56 44.20 -34.17
C ASP B 548 4.38 45.71 -34.28
N SER B 549 4.67 46.45 -33.21
CA SER B 549 4.51 47.89 -33.23
C SER B 549 5.55 48.55 -34.13
N ASN B 550 5.10 49.52 -34.93
CA ASN B 550 5.97 50.24 -35.84
C ASN B 550 5.39 51.62 -36.10
N GLY B 551 6.24 52.51 -36.60
CA GLY B 551 5.86 53.87 -36.89
C GLY B 551 6.06 54.86 -35.76
N LEU B 552 6.27 54.38 -34.54
CA LEU B 552 6.53 55.24 -33.39
C LEU B 552 7.76 54.76 -32.65
N SER B 553 8.00 55.30 -31.46
CA SER B 553 9.14 54.90 -30.62
C SER B 553 8.63 54.56 -29.22
N PRO B 554 7.96 53.41 -29.06
CA PRO B 554 7.54 53.01 -27.72
C PRO B 554 8.70 52.60 -26.83
N LEU B 555 9.63 51.81 -27.37
CA LEU B 555 10.81 51.40 -26.61
C LEU B 555 11.97 51.28 -27.60
N CYS B 556 12.74 52.35 -27.76
CA CYS B 556 13.92 52.35 -28.62
C CYS B 556 15.20 52.00 -27.87
N ALA B 557 15.11 51.77 -26.56
CA ALA B 557 16.28 51.45 -25.74
C ALA B 557 16.50 49.95 -25.74
N ILE B 558 17.62 49.51 -26.30
CA ILE B 558 17.93 48.09 -26.42
C ILE B 558 19.24 47.78 -25.70
N GLY B 559 20.31 48.46 -26.09
CA GLY B 559 21.62 48.25 -25.49
C GLY B 559 22.55 47.46 -26.39
N LEU B 560 23.82 47.43 -25.97
CA LEU B 560 24.86 46.71 -26.68
C LEU B 560 25.56 45.77 -25.70
N TRP B 561 26.05 44.64 -26.23
CA TRP B 561 26.69 43.62 -25.42
C TRP B 561 28.20 43.56 -25.64
N THR B 562 28.77 44.45 -26.45
CA THR B 562 30.21 44.44 -26.68
C THR B 562 30.98 44.82 -25.41
N ASP B 563 30.49 45.82 -24.68
CA ASP B 563 31.12 46.26 -23.45
C ASP B 563 30.28 45.98 -22.21
N ILE B 564 28.97 45.77 -22.37
CA ILE B 564 28.04 45.47 -21.27
C ILE B 564 28.10 46.57 -20.22
N SER B 565 27.44 47.69 -20.49
CA SER B 565 27.43 48.83 -19.59
C SER B 565 26.02 49.08 -19.09
N ALA B 566 25.91 49.82 -17.99
CA ALA B 566 24.61 50.19 -17.45
C ALA B 566 23.87 51.12 -18.41
N ARG B 567 24.60 51.88 -19.21
CA ARG B 567 23.96 52.69 -20.25
C ARG B 567 23.32 51.80 -21.29
N ILE B 568 22.09 52.15 -21.68
CA ILE B 568 21.36 51.40 -22.70
C ILE B 568 21.55 52.14 -24.03
N LEU B 569 22.24 51.49 -24.95
CA LEU B 569 22.61 52.10 -26.22
C LEU B 569 21.52 51.82 -27.26
N LYS B 570 20.86 52.89 -27.71
CA LYS B 570 19.92 52.81 -28.81
C LYS B 570 20.69 52.66 -30.12
N LEU B 571 20.00 52.15 -31.13
CA LEU B 571 20.64 51.94 -32.44
C LEU B 571 21.18 53.20 -33.09
N PRO B 572 20.51 54.37 -33.09
CA PRO B 572 21.08 55.52 -33.80
C PRO B 572 22.33 56.11 -33.17
N SER B 573 22.58 55.87 -31.88
CA SER B 573 23.63 56.59 -31.17
C SER B 573 25.01 56.06 -31.50
N PHE B 574 25.29 54.81 -31.13
CA PHE B 574 26.59 54.17 -31.28
C PHE B 574 27.71 55.05 -30.69
N GLU B 575 27.63 55.25 -29.37
CA GLU B 575 28.60 56.07 -28.68
C GLU B 575 29.87 55.26 -28.39
N LEU B 576 30.81 55.90 -27.68
CA LEU B 576 32.07 55.26 -27.30
C LEU B 576 32.13 55.11 -25.79
N LEU B 577 32.59 53.95 -25.33
CA LEU B 577 32.68 53.64 -23.91
C LEU B 577 34.04 53.02 -23.63
N HIS B 578 34.20 52.50 -22.42
CA HIS B 578 35.44 51.84 -22.04
C HIS B 578 35.62 50.53 -22.83
N LYS B 579 36.87 50.26 -23.20
CA LYS B 579 37.19 49.07 -23.98
C LYS B 579 37.11 47.85 -23.06
N GLU B 580 35.98 47.17 -23.07
CA GLU B 580 35.75 45.97 -22.28
C GLU B 580 35.43 44.80 -23.22
N MET B 581 36.23 44.66 -24.28
CA MET B 581 36.06 43.55 -25.20
C MET B 581 36.50 42.26 -24.51
N LEU B 582 35.55 41.55 -23.91
CA LEU B 582 35.86 40.34 -23.18
C LEU B 582 36.20 39.21 -24.15
N GLY B 583 36.54 38.06 -23.58
CA GLY B 583 36.88 36.90 -24.38
C GLY B 583 35.71 36.17 -24.97
N GLY B 584 34.48 36.59 -24.68
CA GLY B 584 33.31 35.88 -25.14
C GLY B 584 33.12 35.98 -26.65
N GLU B 585 33.20 34.83 -27.33
CA GLU B 585 32.83 34.77 -28.73
C GLU B 585 32.10 33.49 -29.12
N ILE B 586 31.90 32.53 -28.21
CA ILE B 586 31.23 31.29 -28.56
C ILE B 586 29.73 31.54 -28.70
N ILE B 587 29.12 30.88 -29.68
CA ILE B 587 27.74 31.13 -30.07
C ILE B 587 26.85 30.08 -29.39
N PRO B 588 25.71 30.48 -28.82
CA PRO B 588 24.70 29.49 -28.40
C PRO B 588 23.78 29.12 -29.55
N ARG B 589 22.72 28.39 -29.20
CA ARG B 589 21.67 28.10 -30.18
C ARG B 589 20.71 29.27 -30.32
N SER B 590 19.99 29.60 -29.25
CA SER B 590 18.89 30.56 -29.37
C SER B 590 18.62 31.22 -28.03
N ILE B 591 17.88 32.33 -28.10
CA ILE B 591 17.22 32.92 -26.95
C ILE B 591 15.72 32.88 -27.22
N LEU B 592 14.94 32.52 -26.20
CA LEU B 592 13.69 31.81 -26.43
C LEU B 592 12.47 32.64 -26.03
N MET B 593 11.62 32.92 -27.02
CA MET B 593 10.28 33.45 -26.79
C MET B 593 9.50 32.43 -25.97
N THR B 594 9.33 32.68 -24.67
CA THR B 594 8.57 31.76 -23.81
C THR B 594 8.02 32.50 -22.61
N THR B 595 6.71 32.82 -22.64
CA THR B 595 5.99 33.26 -21.46
C THR B 595 4.53 32.82 -21.59
N PHE B 596 3.70 33.18 -20.62
CA PHE B 596 2.31 32.73 -20.64
C PHE B 596 1.37 33.74 -21.30
N GLU B 597 1.19 34.91 -20.69
CA GLU B 597 0.19 35.79 -21.30
C GLU B 597 0.68 37.21 -21.59
N SER B 598 1.37 37.86 -20.65
CA SER B 598 1.67 39.27 -20.80
C SER B 598 3.02 39.72 -20.28
N SER B 599 3.82 38.83 -19.69
CA SER B 599 5.04 39.22 -19.01
C SER B 599 6.23 39.00 -19.93
N HIS B 600 7.02 40.05 -20.14
CA HIS B 600 8.21 39.98 -20.99
C HIS B 600 9.46 40.26 -20.17
N TYR B 601 10.47 39.41 -20.34
CA TYR B 601 11.73 39.51 -19.62
C TYR B 601 12.88 39.45 -20.62
N LEU B 602 14.08 39.82 -20.16
CA LEU B 602 15.27 39.82 -21.03
C LEU B 602 16.38 39.03 -20.32
N LEU B 603 16.32 37.70 -20.42
CA LEU B 603 17.34 36.81 -19.91
C LEU B 603 18.44 36.70 -20.97
N CYS B 604 19.29 37.71 -21.05
CA CYS B 604 20.39 37.71 -22.01
C CYS B 604 21.39 36.63 -21.66
N ALA B 605 21.95 36.01 -22.70
CA ALA B 605 22.86 34.87 -22.53
C ALA B 605 24.26 35.34 -22.16
N LEU B 606 24.39 36.09 -21.07
CA LEU B 606 25.67 36.67 -20.67
C LEU B 606 26.48 35.63 -19.86
N GLY B 607 26.95 34.62 -20.57
CA GLY B 607 27.66 33.52 -19.94
C GLY B 607 29.12 33.79 -19.63
N ASP B 608 29.62 34.99 -19.94
CA ASP B 608 30.99 35.35 -19.59
C ASP B 608 31.15 35.41 -18.07
N GLY B 609 30.12 35.82 -17.37
CA GLY B 609 30.16 35.97 -15.93
C GLY B 609 29.01 36.82 -15.46
N ALA B 610 28.54 36.51 -14.25
CA ALA B 610 27.32 37.10 -13.68
C ALA B 610 26.15 36.96 -14.65
N LEU B 611 25.75 35.71 -14.86
CA LEU B 611 24.65 35.39 -15.77
C LEU B 611 23.39 36.16 -15.37
N PHE B 612 22.98 37.08 -16.24
CA PHE B 612 21.91 38.03 -15.94
C PHE B 612 20.59 37.46 -16.44
N TYR B 613 19.81 36.91 -15.52
CA TYR B 613 18.47 36.40 -15.81
C TYR B 613 17.49 37.52 -15.51
N PHE B 614 17.58 38.60 -16.29
CA PHE B 614 16.86 39.83 -15.99
C PHE B 614 15.37 39.60 -15.89
N GLY B 615 14.78 40.00 -14.76
CA GLY B 615 13.35 40.17 -14.71
C GLY B 615 13.05 41.57 -15.20
N LEU B 616 12.72 41.68 -16.49
CA LEU B 616 12.71 42.99 -17.13
C LEU B 616 11.50 43.79 -16.67
N ASN B 617 11.77 44.91 -16.02
CA ASN B 617 10.75 45.85 -15.58
C ASN B 617 10.45 46.89 -16.66
N ILE B 618 10.65 46.52 -17.93
CA ILE B 618 10.63 47.35 -19.14
C ILE B 618 11.17 48.76 -18.90
N GLU B 619 10.55 49.51 -17.98
CA GLU B 619 11.01 50.85 -17.69
C GLU B 619 12.42 50.85 -17.09
N THR B 620 12.67 49.97 -16.12
CA THR B 620 13.93 49.99 -15.38
C THR B 620 14.93 48.94 -15.86
N GLY B 621 14.60 47.66 -15.74
CA GLY B 621 15.50 46.59 -16.11
C GLY B 621 16.85 46.65 -15.42
N LEU B 622 16.85 46.92 -14.11
CA LEU B 622 18.09 47.28 -13.42
C LEU B 622 18.94 46.05 -13.12
N LEU B 623 18.41 45.11 -12.33
CA LEU B 623 19.17 43.95 -11.88
C LEU B 623 18.28 42.72 -11.93
N SER B 624 18.75 41.63 -11.33
CA SER B 624 18.01 40.38 -11.30
C SER B 624 18.59 39.45 -10.26
N ASP B 625 17.90 38.33 -10.05
CA ASP B 625 18.43 37.26 -9.23
C ASP B 625 19.51 36.50 -10.00
N ARG B 626 20.77 36.81 -9.67
CA ARG B 626 21.91 36.28 -10.39
C ARG B 626 22.39 34.97 -9.77
N LYS B 627 22.35 33.91 -10.58
CA LYS B 627 22.93 32.63 -10.20
C LYS B 627 24.31 32.51 -10.82
N LYS B 628 25.34 32.62 -9.99
CA LYS B 628 26.72 32.64 -10.46
C LYS B 628 27.12 31.23 -10.92
N VAL B 629 27.07 31.01 -12.23
CA VAL B 629 27.52 29.78 -12.85
C VAL B 629 28.77 30.12 -13.65
N THR B 630 29.94 29.86 -13.06
CA THR B 630 31.22 30.30 -13.63
C THR B 630 31.54 29.44 -14.84
N LEU B 631 31.13 29.90 -16.03
CA LEU B 631 31.33 29.13 -17.25
C LEU B 631 32.20 29.89 -18.25
N GLY B 632 32.24 29.39 -19.48
CA GLY B 632 33.18 29.89 -20.47
C GLY B 632 32.86 31.23 -21.10
N THR B 633 33.30 31.41 -22.35
CA THR B 633 33.27 32.69 -23.04
C THR B 633 32.07 32.71 -24.00
N GLN B 634 30.89 33.01 -23.45
CA GLN B 634 29.63 32.91 -24.20
C GLN B 634 28.76 34.14 -23.98
N PRO B 635 28.83 35.14 -24.87
CA PRO B 635 27.93 36.29 -24.75
C PRO B 635 26.56 36.01 -25.33
N THR B 636 25.67 36.99 -25.29
CA THR B 636 24.33 36.84 -25.83
C THR B 636 24.36 36.82 -27.35
N VAL B 637 23.48 36.03 -27.94
CA VAL B 637 23.29 35.96 -29.38
C VAL B 637 21.80 35.99 -29.66
N LEU B 638 21.37 36.90 -30.53
CA LEU B 638 19.95 37.18 -30.73
C LEU B 638 19.36 36.23 -31.77
N ARG B 639 18.31 35.52 -31.38
CA ARG B 639 17.66 34.53 -32.22
C ARG B 639 16.23 34.35 -31.72
N THR B 640 15.34 33.90 -32.61
CA THR B 640 13.91 33.85 -32.28
C THR B 640 13.22 32.73 -33.05
N PHE B 641 12.48 31.88 -32.33
CA PHE B 641 11.45 31.04 -32.93
C PHE B 641 10.19 31.23 -32.09
N ARG B 642 9.04 31.29 -32.77
CA ARG B 642 7.77 31.68 -32.15
C ARG B 642 6.81 30.49 -32.20
N SER B 643 6.18 30.19 -31.07
CA SER B 643 5.23 29.09 -30.99
C SER B 643 3.87 29.49 -30.44
N LEU B 644 3.82 30.43 -29.50
CA LEU B 644 2.58 30.88 -28.89
C LEU B 644 2.73 32.35 -28.54
N SER B 645 1.81 32.86 -27.71
CA SER B 645 1.86 34.26 -27.29
C SER B 645 2.99 34.46 -26.30
N THR B 646 4.23 34.49 -26.81
CA THR B 646 5.42 34.43 -25.98
C THR B 646 6.36 35.58 -26.33
N THR B 647 6.96 36.19 -25.30
CA THR B 647 7.96 37.25 -25.48
C THR B 647 8.92 37.15 -24.29
N ASN B 648 10.02 36.42 -24.50
CA ASN B 648 11.09 36.25 -23.50
C ASN B 648 12.37 35.88 -24.24
N VAL B 649 13.48 35.80 -23.50
CA VAL B 649 14.71 35.24 -24.04
C VAL B 649 15.35 34.34 -22.99
N PHE B 650 16.51 33.78 -23.33
CA PHE B 650 17.00 32.54 -22.74
C PHE B 650 18.52 32.58 -22.66
N ALA B 651 19.07 32.44 -21.45
CA ALA B 651 20.51 32.37 -21.27
C ALA B 651 21.02 30.97 -21.55
N CYS B 652 22.01 30.85 -22.43
CA CYS B 652 22.46 29.58 -23.00
C CYS B 652 23.97 29.43 -22.89
N SER B 653 24.51 29.60 -21.68
CA SER B 653 25.94 29.60 -21.46
C SER B 653 26.55 28.23 -21.78
N ASP B 654 27.89 28.16 -21.67
CA ASP B 654 28.66 27.05 -22.23
C ASP B 654 28.28 25.71 -21.61
N ARG B 655 28.55 25.55 -20.32
CA ARG B 655 28.30 24.27 -19.67
C ARG B 655 26.80 24.02 -19.59
N PRO B 656 26.33 22.78 -19.89
CA PRO B 656 24.90 22.53 -20.17
C PRO B 656 23.88 23.23 -19.29
N THR B 657 23.03 24.03 -19.92
CA THR B 657 22.02 24.83 -19.24
C THR B 657 20.73 24.73 -20.03
N VAL B 658 19.74 24.04 -19.48
CA VAL B 658 18.40 23.95 -20.05
C VAL B 658 17.43 24.31 -18.93
N ILE B 659 16.56 25.28 -19.20
CA ILE B 659 15.83 25.99 -18.16
C ILE B 659 14.33 25.72 -18.26
N TYR B 660 13.60 26.18 -17.25
CA TYR B 660 12.16 26.29 -17.27
C TYR B 660 11.79 27.76 -17.35
N SER B 661 10.57 28.05 -17.82
CA SER B 661 10.12 29.43 -17.95
C SER B 661 9.61 29.93 -16.60
N SER B 662 10.27 30.94 -16.05
CA SER B 662 9.90 31.53 -14.76
C SER B 662 9.92 33.06 -14.88
N ASN B 663 9.75 33.72 -13.73
CA ASN B 663 9.75 35.18 -13.71
C ASN B 663 11.16 35.73 -13.82
N HIS B 664 11.99 35.47 -12.81
CA HIS B 664 13.39 35.89 -12.86
C HIS B 664 14.35 34.84 -12.32
N LYS B 665 13.87 33.68 -11.88
CA LYS B 665 14.71 32.61 -11.36
C LYS B 665 14.88 31.54 -12.43
N LEU B 666 15.71 30.55 -12.13
CA LEU B 666 16.01 29.52 -13.11
C LEU B 666 16.20 28.17 -12.42
N VAL B 667 16.01 27.11 -13.20
CA VAL B 667 16.38 25.75 -12.83
C VAL B 667 17.18 25.16 -13.99
N PHE B 668 17.78 24.00 -13.74
CA PHE B 668 18.57 23.31 -14.75
C PHE B 668 17.99 21.93 -15.00
N SER B 669 17.72 21.64 -16.27
CA SER B 669 17.06 20.39 -16.66
C SER B 669 17.70 19.92 -17.97
N ASN B 670 17.02 19.00 -18.64
CA ASN B 670 17.48 18.45 -19.90
C ASN B 670 16.46 18.69 -21.00
N VAL B 671 16.95 19.01 -22.19
CA VAL B 671 16.13 18.98 -23.40
C VAL B 671 16.19 17.57 -23.95
N ASN B 672 15.13 17.15 -24.63
CA ASN B 672 15.05 15.75 -25.06
C ASN B 672 16.09 15.42 -26.11
N LEU B 673 16.43 16.37 -26.98
CA LEU B 673 17.50 16.14 -27.95
C LEU B 673 18.83 15.96 -27.23
N LYS B 674 19.62 15.00 -27.69
CA LYS B 674 20.94 14.74 -27.13
C LYS B 674 22.03 15.63 -27.71
N GLU B 675 21.75 16.34 -28.80
CA GLU B 675 22.70 17.28 -29.37
C GLU B 675 21.94 18.43 -30.02
N VAL B 676 22.22 19.65 -29.54
CA VAL B 676 21.54 20.85 -30.03
C VAL B 676 22.56 21.90 -30.41
N ASN B 677 22.90 21.98 -31.70
CA ASN B 677 23.70 23.08 -32.22
C ASN B 677 22.82 24.12 -32.90
N TYR B 678 22.06 23.71 -33.94
CA TYR B 678 21.03 24.55 -34.54
C TYR B 678 19.80 23.66 -34.70
N MET B 679 19.01 23.53 -33.62
CA MET B 679 17.95 22.54 -33.53
C MET B 679 16.68 23.15 -32.97
N CYS B 680 15.54 22.75 -33.54
CA CYS B 680 14.21 22.99 -33.01
C CYS B 680 13.24 22.06 -33.71
N PRO B 681 12.39 21.35 -32.96
CA PRO B 681 11.53 20.34 -33.57
C PRO B 681 10.39 20.96 -34.36
N LEU B 682 9.65 20.08 -35.05
CA LEU B 682 8.56 20.48 -35.91
C LEU B 682 7.31 20.84 -35.10
N ASN B 683 6.37 21.51 -35.77
CA ASN B 683 5.05 21.77 -35.22
C ASN B 683 3.97 20.92 -35.90
N SER B 684 4.38 19.94 -36.72
CA SER B 684 3.42 19.09 -37.39
C SER B 684 2.73 18.16 -36.39
N ASP B 685 1.41 18.10 -36.47
CA ASP B 685 0.59 17.34 -35.53
C ASP B 685 0.07 16.03 -36.13
N GLY B 686 0.88 15.36 -36.95
CA GLY B 686 0.40 14.17 -37.63
C GLY B 686 0.52 12.91 -36.79
N TYR B 687 1.67 12.71 -36.14
CA TYR B 687 1.97 11.47 -35.43
C TYR B 687 2.23 11.78 -33.95
N PRO B 688 1.20 11.67 -33.11
CA PRO B 688 1.41 11.89 -31.68
C PRO B 688 2.10 10.74 -30.99
N ASP B 689 2.00 9.52 -31.53
CA ASP B 689 2.67 8.38 -30.91
C ASP B 689 4.18 8.44 -31.12
N SER B 690 4.63 8.77 -32.33
CA SER B 690 6.04 8.99 -32.64
C SER B 690 6.27 10.49 -32.66
N LEU B 691 6.55 11.07 -31.50
CA LEU B 691 6.71 12.51 -31.35
C LEU B 691 8.02 12.96 -31.98
N ALA B 692 8.30 14.26 -31.90
CA ALA B 692 9.55 14.84 -32.39
C ALA B 692 10.65 14.78 -31.33
N LEU B 693 10.51 13.90 -30.35
CA LEU B 693 11.50 13.78 -29.29
C LEU B 693 12.73 13.04 -29.83
N ALA B 694 13.73 13.81 -30.25
CA ALA B 694 14.99 13.22 -30.69
C ALA B 694 15.76 12.69 -29.48
N ASN B 695 16.73 11.83 -29.75
CA ASN B 695 17.54 11.24 -28.69
C ASN B 695 18.86 10.72 -29.23
N GLN B 708 3.08 13.70 -19.45
CA GLN B 708 4.15 13.18 -20.29
C GLN B 708 5.42 14.02 -20.15
N LYS B 709 5.56 14.68 -18.99
CA LYS B 709 6.77 15.44 -18.73
C LYS B 709 7.98 14.53 -18.56
N LEU B 710 7.76 13.32 -18.05
CA LEU B 710 8.84 12.35 -17.87
C LEU B 710 8.89 11.44 -19.10
N HIS B 711 10.07 11.35 -19.71
CA HIS B 711 10.25 10.55 -20.91
C HIS B 711 10.74 9.15 -20.55
N ILE B 712 10.31 8.17 -21.33
CA ILE B 712 10.60 6.75 -21.08
C ILE B 712 11.30 6.18 -22.30
N ARG B 713 12.42 5.49 -22.06
CA ARG B 713 13.13 4.76 -23.09
C ARG B 713 13.10 3.28 -22.74
N THR B 714 12.58 2.46 -23.65
CA THR B 714 12.32 1.05 -23.36
C THR B 714 13.39 0.17 -23.99
N VAL B 715 14.01 -0.66 -23.16
CA VAL B 715 14.97 -1.67 -23.60
C VAL B 715 14.44 -3.03 -23.20
N PRO B 716 13.87 -3.80 -24.13
CA PRO B 716 13.26 -5.09 -23.78
C PRO B 716 14.31 -6.17 -23.61
N LEU B 717 14.31 -6.81 -22.44
CA LEU B 717 15.22 -7.92 -22.16
C LEU B 717 14.55 -9.28 -22.36
N TYR B 718 13.23 -9.32 -22.55
CA TYR B 718 12.47 -10.55 -22.79
C TYR B 718 12.60 -11.55 -21.65
N GLU B 719 12.89 -11.06 -20.44
CA GLU B 719 13.02 -11.91 -19.27
C GLU B 719 12.91 -11.02 -18.03
N SER B 720 12.44 -11.61 -16.93
CA SER B 720 12.11 -10.84 -15.74
C SER B 720 13.39 -10.51 -14.96
N PRO B 721 13.69 -9.24 -14.72
CA PRO B 721 14.83 -8.89 -13.88
C PRO B 721 14.42 -8.72 -12.42
N ARG B 722 15.41 -8.84 -11.53
CA ARG B 722 15.18 -8.76 -10.10
C ARG B 722 15.85 -7.56 -9.45
N LYS B 723 17.18 -7.42 -9.58
CA LYS B 723 17.90 -6.31 -8.98
C LYS B 723 18.86 -5.72 -9.99
N ILE B 724 19.13 -4.43 -9.85
CA ILE B 724 19.96 -3.68 -10.79
C ILE B 724 20.89 -2.76 -10.01
N CYS B 725 22.16 -2.70 -10.41
CA CYS B 725 23.09 -1.74 -9.86
C CYS B 725 24.01 -1.23 -10.96
N TYR B 726 24.70 -0.13 -10.68
CA TYR B 726 25.51 0.57 -11.66
C TYR B 726 26.96 0.68 -11.20
N GLN B 727 27.88 0.57 -12.15
CA GLN B 727 29.31 0.76 -11.90
C GLN B 727 29.82 1.86 -12.83
N GLU B 728 30.48 2.86 -12.26
CA GLU B 728 30.97 3.99 -13.04
C GLU B 728 32.41 3.82 -13.52
N VAL B 729 33.19 2.95 -12.88
CA VAL B 729 34.56 2.72 -13.34
C VAL B 729 34.57 2.05 -14.71
N SER B 730 33.78 0.99 -14.86
CA SER B 730 33.63 0.33 -16.15
C SER B 730 32.40 0.82 -16.91
N GLN B 731 31.57 1.66 -16.29
CA GLN B 731 30.36 2.22 -16.91
C GLN B 731 29.44 1.11 -17.41
N CYS B 732 29.00 0.28 -16.47
CA CYS B 732 28.19 -0.89 -16.79
C CYS B 732 27.03 -1.00 -15.83
N PHE B 733 26.00 -1.74 -16.27
CA PHE B 733 24.84 -2.05 -15.45
C PHE B 733 24.85 -3.55 -15.16
N GLY B 734 24.88 -3.92 -13.88
CA GLY B 734 24.77 -5.31 -13.49
C GLY B 734 23.36 -5.59 -13.04
N VAL B 735 22.69 -6.51 -13.73
CA VAL B 735 21.28 -6.78 -13.49
C VAL B 735 21.09 -8.27 -13.20
N LEU B 736 20.44 -8.56 -12.08
CA LEU B 736 19.95 -9.90 -11.80
C LEU B 736 18.68 -10.18 -12.59
N SER B 737 18.59 -11.38 -13.16
CA SER B 737 17.41 -11.75 -13.93
C SER B 737 17.10 -13.21 -13.69
N SER B 738 15.83 -13.57 -13.89
CA SER B 738 15.37 -14.94 -13.73
C SER B 738 14.69 -15.39 -15.02
N ARG B 739 15.13 -16.52 -15.55
CA ARG B 739 14.55 -17.11 -16.75
C ARG B 739 13.84 -18.39 -16.39
N ILE B 740 12.58 -18.51 -16.77
CA ILE B 740 11.76 -19.67 -16.47
C ILE B 740 11.77 -20.58 -17.69
N GLU B 741 12.19 -21.83 -17.50
CA GLU B 741 12.30 -22.79 -18.60
C GLU B 741 11.62 -24.09 -18.21
N VAL B 742 10.87 -24.68 -19.14
CA VAL B 742 10.23 -25.96 -18.89
C VAL B 742 11.30 -27.04 -18.82
N GLN B 743 11.32 -27.78 -17.71
CA GLN B 743 12.33 -28.81 -17.49
C GLN B 743 11.83 -30.13 -18.08
N ASP B 744 12.53 -30.62 -19.10
CA ASP B 744 12.19 -31.88 -19.76
C ASP B 744 13.34 -32.85 -19.61
N THR B 745 13.01 -34.12 -19.36
CA THR B 745 14.04 -35.13 -19.16
C THR B 745 14.91 -35.32 -20.39
N SER B 746 14.34 -35.11 -21.58
CA SER B 746 15.10 -35.21 -22.83
C SER B 746 15.91 -33.93 -22.99
N GLY B 747 17.17 -33.98 -22.56
CA GLY B 747 18.06 -32.84 -22.66
C GLY B 747 18.26 -32.04 -21.39
N GLY B 748 17.72 -32.49 -20.26
CA GLY B 748 17.88 -31.78 -19.01
C GLY B 748 16.91 -30.65 -18.82
N THR B 749 17.13 -29.54 -19.53
CA THR B 749 16.23 -28.39 -19.48
C THR B 749 16.16 -27.75 -20.85
N THR B 750 14.95 -27.44 -21.30
CA THR B 750 14.71 -26.81 -22.59
C THR B 750 14.14 -25.42 -22.39
N ALA B 751 14.63 -24.47 -23.17
CA ALA B 751 14.14 -23.10 -23.08
C ALA B 751 12.77 -22.98 -23.74
N LEU B 752 12.05 -21.92 -23.36
CA LEU B 752 10.74 -21.62 -23.91
C LEU B 752 10.77 -20.56 -24.99
N ARG B 753 11.35 -19.39 -24.69
CA ARG B 753 11.49 -18.31 -25.64
C ARG B 753 12.92 -17.80 -25.64
N PRO B 754 13.42 -17.34 -26.79
CA PRO B 754 14.78 -16.78 -26.83
C PRO B 754 14.88 -15.44 -26.12
N SER B 755 15.50 -15.44 -24.94
CA SER B 755 15.64 -14.22 -24.15
C SER B 755 16.98 -13.56 -24.47
N ALA B 756 17.33 -12.52 -23.72
CA ALA B 756 18.59 -11.82 -23.94
C ALA B 756 19.80 -12.60 -23.43
N SER B 757 19.61 -13.49 -22.47
CA SER B 757 20.72 -14.29 -21.97
C SER B 757 21.26 -15.23 -23.03
N THR B 758 20.36 -15.90 -23.76
CA THR B 758 20.79 -16.78 -24.84
C THR B 758 21.42 -16.00 -25.99
N GLN B 759 20.84 -14.85 -26.34
CA GLN B 759 21.35 -14.02 -27.42
C GLN B 759 22.33 -12.97 -26.88
N ALA B 760 23.36 -13.47 -26.21
CA ALA B 760 24.39 -12.64 -25.61
C ALA B 760 25.71 -12.81 -26.35
N LEU B 761 26.56 -11.79 -26.27
CA LEU B 761 27.86 -11.82 -26.93
C LEU B 761 28.79 -12.86 -26.33
N SER B 762 28.65 -13.17 -25.04
CA SER B 762 29.49 -14.14 -24.37
C SER B 762 28.62 -14.95 -23.42
N SER B 763 29.22 -15.91 -22.73
CA SER B 763 28.51 -16.74 -21.77
C SER B 763 29.50 -17.30 -20.76
N SER B 764 28.98 -17.64 -19.59
CA SER B 764 29.79 -18.22 -18.53
C SER B 764 28.89 -18.99 -17.58
N VAL B 765 29.43 -20.05 -16.99
CA VAL B 765 28.72 -20.89 -16.04
C VAL B 765 29.52 -20.95 -14.76
N SER B 766 28.86 -20.73 -13.63
CA SER B 766 29.53 -20.78 -12.34
C SER B 766 29.98 -22.20 -12.00
N SER B 767 31.03 -22.30 -11.20
CA SER B 767 31.58 -23.59 -10.80
C SER B 767 32.14 -23.45 -9.38
N SER B 768 31.35 -23.87 -8.40
CA SER B 768 31.78 -23.88 -6.99
C SER B 768 32.03 -25.33 -6.60
N LYS B 769 33.30 -25.72 -6.56
CA LYS B 769 33.64 -27.11 -6.29
C LYS B 769 33.35 -27.50 -4.85
N LEU B 770 33.73 -26.64 -3.89
CA LEU B 770 33.56 -26.98 -2.48
C LEU B 770 32.08 -27.03 -2.09
N PHE B 771 31.26 -26.18 -2.71
CA PHE B 771 29.84 -26.10 -2.39
C PHE B 771 29.03 -26.86 -3.43
N SER B 772 28.97 -28.17 -3.26
CA SER B 772 28.27 -29.04 -4.21
C SER B 772 26.86 -29.39 -3.77
N SER B 773 26.52 -29.19 -2.50
CA SER B 773 25.18 -29.52 -2.01
C SER B 773 24.78 -28.60 -0.86
N HIS B 778 15.08 -32.84 -5.39
CA HIS B 778 16.22 -33.13 -6.26
C HIS B 778 15.77 -33.30 -7.70
N GLU B 779 15.60 -34.54 -8.13
CA GLU B 779 15.14 -34.82 -9.48
C GLU B 779 13.69 -34.38 -9.67
N THR B 780 13.38 -33.90 -10.87
CA THR B 780 12.06 -33.41 -11.21
C THR B 780 11.46 -34.27 -12.33
N SER B 781 10.24 -33.94 -12.72
CA SER B 781 9.53 -34.65 -13.75
C SER B 781 9.67 -33.95 -15.10
N PHE B 782 9.11 -34.58 -16.14
CA PHE B 782 9.19 -34.01 -17.48
C PHE B 782 8.30 -32.79 -17.64
N GLY B 783 7.34 -32.58 -16.75
CA GLY B 783 6.46 -31.43 -16.79
C GLY B 783 6.82 -30.31 -15.84
N GLU B 784 7.90 -30.46 -15.08
CA GLU B 784 8.29 -29.44 -14.12
C GLU B 784 8.98 -28.27 -14.81
N GLU B 785 9.15 -27.17 -14.08
CA GLU B 785 9.76 -25.96 -14.58
C GLU B 785 10.88 -25.52 -13.65
N VAL B 786 11.90 -24.88 -14.22
CA VAL B 786 13.09 -24.46 -13.49
C VAL B 786 13.31 -22.98 -13.74
N GLU B 787 13.52 -22.22 -12.66
CA GLU B 787 13.86 -20.80 -12.73
C GLU B 787 15.37 -20.68 -12.54
N VAL B 788 16.08 -20.36 -13.62
CA VAL B 788 17.53 -20.19 -13.58
C VAL B 788 17.84 -18.70 -13.46
N HIS B 789 18.70 -18.35 -12.51
CA HIS B 789 19.04 -16.96 -12.23
C HIS B 789 20.39 -16.62 -12.84
N ASN B 790 20.43 -15.50 -13.57
CA ASN B 790 21.63 -15.06 -14.25
C ASN B 790 21.95 -13.62 -13.88
N LEU B 791 23.22 -13.26 -14.06
CA LEU B 791 23.69 -11.88 -13.90
C LEU B 791 24.14 -11.38 -15.26
N LEU B 792 23.56 -10.27 -15.72
CA LEU B 792 23.87 -9.70 -17.02
C LEU B 792 24.60 -8.38 -16.85
N ILE B 793 25.66 -8.20 -17.65
CA ILE B 793 26.40 -6.96 -17.70
C ILE B 793 26.00 -6.23 -18.98
N ILE B 794 25.51 -5.01 -18.83
CA ILE B 794 24.96 -4.24 -19.94
C ILE B 794 25.75 -2.95 -20.11
N ASP B 795 26.11 -2.64 -21.35
CA ASP B 795 26.81 -1.39 -21.64
C ASP B 795 25.89 -0.19 -21.40
N GLN B 796 26.50 0.95 -21.03
CA GLN B 796 25.75 2.15 -20.76
C GLN B 796 25.35 2.91 -22.02
N HIS B 797 26.01 2.64 -23.15
CA HIS B 797 25.79 3.40 -24.38
C HIS B 797 24.82 2.72 -25.32
N THR B 798 25.13 1.50 -25.75
CA THR B 798 24.27 0.75 -26.66
C THR B 798 23.20 -0.06 -25.93
N PHE B 799 23.36 -0.25 -24.61
CA PHE B 799 22.42 -1.03 -23.79
C PHE B 799 22.22 -2.43 -24.34
N GLU B 800 23.32 -3.05 -24.76
CA GLU B 800 23.32 -4.43 -25.22
C GLU B 800 23.99 -5.32 -24.17
N VAL B 801 23.51 -6.56 -24.06
CA VAL B 801 24.08 -7.50 -23.11
C VAL B 801 25.45 -7.94 -23.59
N LEU B 802 26.41 -7.95 -22.67
CA LEU B 802 27.78 -8.36 -22.98
C LEU B 802 28.11 -9.73 -22.39
N HIS B 803 27.92 -9.92 -21.09
CA HIS B 803 28.20 -11.17 -20.43
C HIS B 803 27.00 -11.58 -19.58
N ALA B 804 26.60 -12.84 -19.71
CA ALA B 804 25.46 -13.40 -18.98
C ALA B 804 25.98 -14.58 -18.16
N HIS B 805 26.41 -14.30 -16.93
CA HIS B 805 26.90 -15.35 -16.05
C HIS B 805 25.73 -16.12 -15.46
N GLN B 806 25.73 -17.43 -15.66
CA GLN B 806 24.64 -18.29 -15.23
C GLN B 806 25.03 -19.01 -13.93
N PHE B 807 24.13 -18.97 -12.95
CA PHE B 807 24.39 -19.59 -11.66
C PHE B 807 24.12 -21.10 -11.72
N LEU B 808 24.19 -21.75 -10.57
CA LEU B 808 24.04 -23.20 -10.51
C LEU B 808 22.56 -23.58 -10.57
N GLN B 809 22.28 -24.87 -10.46
CA GLN B 809 20.93 -25.38 -10.46
C GLN B 809 20.29 -25.18 -9.10
N ASN B 810 18.99 -24.86 -9.11
CA ASN B 810 18.23 -24.56 -7.89
C ASN B 810 18.89 -23.43 -7.10
N GLU B 811 19.39 -22.43 -7.82
CA GLU B 811 20.13 -21.30 -7.25
C GLU B 811 19.35 -20.02 -7.52
N TYR B 812 18.83 -19.39 -6.47
CA TYR B 812 18.12 -18.12 -6.59
C TYR B 812 19.00 -17.02 -6.05
N ALA B 813 19.23 -16.00 -6.87
CA ALA B 813 20.08 -14.87 -6.51
C ALA B 813 19.21 -13.69 -6.10
N LEU B 814 19.49 -13.13 -4.92
CA LEU B 814 18.62 -12.15 -4.30
C LEU B 814 19.30 -10.85 -3.93
N SER B 815 20.52 -10.58 -4.41
CA SER B 815 21.21 -9.36 -4.04
C SER B 815 22.21 -8.99 -5.12
N LEU B 816 22.62 -7.72 -5.10
CA LEU B 816 23.62 -7.20 -6.02
C LEU B 816 24.15 -5.89 -5.46
N VAL B 817 25.48 -5.72 -5.46
CA VAL B 817 26.05 -4.42 -5.13
C VAL B 817 27.43 -4.28 -5.77
N SER B 818 27.66 -3.16 -6.46
CA SER B 818 28.98 -2.80 -6.95
C SER B 818 29.61 -1.87 -5.93
N CYS B 819 30.74 -2.30 -5.36
CA CYS B 819 31.27 -1.56 -4.22
C CYS B 819 32.79 -1.66 -4.18
N LYS B 820 33.39 -0.72 -3.44
CA LYS B 820 34.82 -0.71 -3.17
C LYS B 820 35.04 -1.22 -1.75
N LEU B 821 35.87 -2.24 -1.61
CA LEU B 821 36.03 -2.95 -0.35
C LEU B 821 37.43 -2.74 0.20
N GLY B 822 37.51 -2.22 1.42
CA GLY B 822 38.78 -2.06 2.11
C GLY B 822 39.75 -1.17 1.36
N LYS B 823 41.01 -1.60 1.31
CA LYS B 823 42.06 -0.87 0.62
C LYS B 823 42.26 -1.34 -0.80
N ASP B 824 41.42 -2.25 -1.29
CA ASP B 824 41.55 -2.74 -2.66
C ASP B 824 41.14 -1.66 -3.64
N PRO B 825 42.01 -1.25 -4.56
CA PRO B 825 41.61 -0.23 -5.55
C PRO B 825 40.52 -0.68 -6.49
N ASN B 826 40.35 -1.99 -6.69
CA ASN B 826 39.36 -2.50 -7.61
C ASN B 826 37.95 -2.39 -7.03
N THR B 827 36.97 -2.31 -7.92
CA THR B 827 35.56 -2.30 -7.57
C THR B 827 34.96 -3.65 -7.95
N TYR B 828 34.13 -4.20 -7.07
CA TYR B 828 33.67 -5.57 -7.20
C TYR B 828 32.15 -5.64 -7.25
N PHE B 829 31.65 -6.59 -8.04
CA PHE B 829 30.23 -6.93 -8.10
C PHE B 829 29.98 -8.08 -7.12
N ILE B 830 29.28 -7.83 -6.04
CA ILE B 830 29.02 -8.84 -5.02
C ILE B 830 27.56 -9.25 -5.10
N VAL B 831 27.33 -10.55 -5.24
CA VAL B 831 26.00 -11.12 -5.41
C VAL B 831 25.81 -12.22 -4.36
N GLY B 832 24.74 -12.11 -3.57
CA GLY B 832 24.38 -13.13 -2.61
C GLY B 832 23.25 -13.99 -3.17
N THR B 833 23.36 -15.30 -2.95
CA THR B 833 22.37 -16.22 -3.49
C THR B 833 22.21 -17.42 -2.56
N ALA B 834 21.14 -18.17 -2.78
CA ALA B 834 20.80 -19.29 -1.90
C ALA B 834 20.17 -20.43 -2.68
N MET B 835 20.31 -21.64 -2.13
CA MET B 835 19.60 -22.80 -2.65
C MET B 835 18.13 -22.76 -2.26
N VAL B 836 17.27 -23.18 -3.19
CA VAL B 836 15.85 -23.34 -2.92
C VAL B 836 15.40 -24.67 -3.51
N TYR B 837 14.84 -25.53 -2.66
CA TYR B 837 14.28 -26.79 -3.10
C TYR B 837 12.79 -26.82 -2.81
N PRO B 838 11.99 -27.47 -3.66
CA PRO B 838 10.53 -27.50 -3.43
C PRO B 838 10.12 -28.14 -2.12
N GLU B 839 10.96 -29.01 -1.55
CA GLU B 839 10.61 -29.71 -0.31
C GLU B 839 10.66 -28.75 0.87
N GLU B 840 11.80 -28.14 1.12
CA GLU B 840 11.96 -27.26 2.27
C GLU B 840 11.21 -25.94 2.06
N ALA B 841 10.86 -25.30 3.17
CA ALA B 841 10.15 -24.03 3.13
C ALA B 841 11.07 -22.83 3.25
N GLU B 842 12.22 -22.99 3.90
CA GLU B 842 13.18 -21.91 4.06
C GLU B 842 14.55 -22.38 3.61
N PRO B 843 15.28 -21.54 2.87
CA PRO B 843 16.64 -21.91 2.45
C PRO B 843 17.56 -22.10 3.65
N LYS B 844 18.48 -23.06 3.51
CA LYS B 844 19.42 -23.38 4.59
C LYS B 844 20.87 -23.09 4.24
N GLN B 845 21.23 -23.10 2.95
CA GLN B 845 22.60 -22.89 2.53
C GLN B 845 22.63 -21.84 1.42
N GLY B 846 23.67 -21.00 1.44
CA GLY B 846 23.82 -19.95 0.47
C GLY B 846 25.29 -19.62 0.25
N ARG B 847 25.51 -18.59 -0.56
CA ARG B 847 26.87 -18.16 -0.88
C ARG B 847 26.88 -16.68 -1.24
N ILE B 848 28.05 -16.08 -1.12
CA ILE B 848 28.27 -14.66 -1.37
C ILE B 848 29.42 -14.57 -2.37
N VAL B 849 29.09 -14.48 -3.66
CA VAL B 849 30.08 -14.59 -4.71
C VAL B 849 30.51 -13.20 -5.16
N VAL B 850 31.82 -13.05 -5.40
CA VAL B 850 32.42 -11.79 -5.79
C VAL B 850 32.93 -11.92 -7.22
N PHE B 851 32.54 -10.97 -8.07
CA PHE B 851 32.94 -10.90 -9.47
C PHE B 851 33.74 -9.63 -9.72
N GLN B 852 34.67 -9.72 -10.65
CA GLN B 852 35.40 -8.57 -11.17
C GLN B 852 35.24 -8.54 -12.68
N TYR B 853 34.98 -7.35 -13.22
CA TYR B 853 34.78 -7.14 -14.65
C TYR B 853 36.01 -6.43 -15.20
N SER B 854 37.02 -7.21 -15.60
CA SER B 854 38.21 -6.62 -16.19
C SER B 854 37.94 -6.17 -17.62
N ASP B 855 37.60 -7.12 -18.50
CA ASP B 855 37.19 -6.80 -19.87
C ASP B 855 36.47 -8.01 -20.44
N GLY B 856 35.23 -7.83 -20.88
CA GLY B 856 34.49 -8.88 -21.52
C GLY B 856 33.97 -9.98 -20.61
N LYS B 857 34.85 -10.51 -19.76
CA LYS B 857 34.54 -11.67 -18.94
C LYS B 857 34.45 -11.30 -17.47
N LEU B 858 33.55 -11.97 -16.75
CA LEU B 858 33.42 -11.82 -15.31
C LEU B 858 34.26 -12.89 -14.63
N GLN B 859 35.18 -12.48 -13.77
CA GLN B 859 36.08 -13.40 -13.09
C GLN B 859 35.74 -13.46 -11.62
N THR B 860 35.55 -14.67 -11.10
CA THR B 860 35.26 -14.87 -9.70
C THR B 860 36.53 -14.69 -8.86
N VAL B 861 36.34 -14.31 -7.60
CA VAL B 861 37.47 -14.10 -6.69
C VAL B 861 37.30 -14.98 -5.46
N ALA B 862 36.16 -14.84 -4.77
CA ALA B 862 35.89 -15.57 -3.55
C ALA B 862 34.49 -16.15 -3.58
N GLU B 863 34.28 -17.21 -2.79
CA GLU B 863 32.99 -17.88 -2.71
C GLU B 863 32.29 -17.65 -1.38
N LYS B 864 32.96 -17.93 -0.26
CA LYS B 864 32.47 -17.65 1.10
C LYS B 864 31.09 -18.28 1.32
N GLU B 865 31.08 -19.61 1.30
CA GLU B 865 29.85 -20.35 1.53
C GLU B 865 29.30 -20.06 2.93
N VAL B 866 28.02 -19.73 3.00
CA VAL B 866 27.37 -19.34 4.24
C VAL B 866 26.10 -20.16 4.41
N LYS B 867 25.95 -20.79 5.57
CA LYS B 867 24.76 -21.58 5.89
C LYS B 867 23.61 -20.64 6.19
N GLY B 868 22.79 -20.36 5.17
CA GLY B 868 21.65 -19.48 5.34
C GLY B 868 21.02 -19.03 4.04
N ALA B 869 20.56 -17.78 4.00
CA ALA B 869 19.90 -17.24 2.81
C ALA B 869 20.18 -15.74 2.76
N VAL B 870 20.96 -15.31 1.77
CA VAL B 870 21.30 -13.90 1.63
C VAL B 870 20.10 -13.15 1.05
N TYR B 871 19.78 -12.00 1.66
CA TYR B 871 18.61 -11.21 1.28
C TYR B 871 18.96 -9.87 0.67
N SER B 872 19.76 -9.05 1.34
CA SER B 872 20.12 -7.74 0.82
C SER B 872 21.45 -7.31 1.43
N MET B 873 22.36 -6.82 0.60
CA MET B 873 23.72 -6.51 1.02
C MET B 873 24.06 -5.08 0.65
N VAL B 874 24.61 -4.33 1.61
CA VAL B 874 24.97 -2.93 1.42
C VAL B 874 26.39 -2.72 1.94
N GLU B 875 27.20 -2.02 1.15
CA GLU B 875 28.55 -1.64 1.58
C GLU B 875 28.46 -0.64 2.73
N PHE B 876 29.01 -1.02 3.89
CA PHE B 876 28.83 -0.21 5.09
C PHE B 876 29.82 0.95 5.17
N ASN B 877 31.10 0.65 5.36
CA ASN B 877 32.11 1.68 5.56
C ASN B 877 33.44 1.29 4.92
N GLY B 878 33.40 0.55 3.82
CA GLY B 878 34.56 -0.10 3.27
C GLY B 878 34.60 -1.59 3.52
N LYS B 879 33.93 -2.03 4.59
CA LYS B 879 33.66 -3.44 4.81
C LYS B 879 32.30 -3.75 4.20
N LEU B 880 31.74 -4.92 4.51
CA LEU B 880 30.46 -5.33 3.96
C LEU B 880 29.59 -5.88 5.08
N LEU B 881 28.27 -5.75 4.92
CA LEU B 881 27.32 -6.35 5.84
C LEU B 881 26.33 -7.21 5.06
N ALA B 882 25.94 -8.32 5.67
CA ALA B 882 25.07 -9.30 5.04
C ALA B 882 23.70 -9.32 5.73
N SER B 883 22.78 -10.07 5.15
CA SER B 883 21.41 -10.18 5.65
C SER B 883 20.98 -11.64 5.67
N ILE B 884 21.82 -12.50 6.27
CA ILE B 884 21.46 -13.90 6.43
C ILE B 884 20.20 -14.00 7.30
N ASN B 885 19.47 -15.10 7.16
CA ASN B 885 18.24 -15.28 7.90
C ASN B 885 18.52 -15.29 9.40
N SER B 886 17.86 -14.37 10.11
CA SER B 886 18.05 -14.19 11.56
C SER B 886 19.51 -13.91 11.91
N THR B 887 20.20 -13.17 11.05
CA THR B 887 21.63 -12.93 11.25
C THR B 887 22.05 -11.68 10.49
N VAL B 888 22.62 -10.72 11.21
CA VAL B 888 23.29 -9.57 10.60
C VAL B 888 24.78 -9.74 10.83
N ARG B 889 25.53 -9.95 9.75
CA ARG B 889 26.94 -10.27 9.83
C ARG B 889 27.77 -9.18 9.16
N LEU B 890 28.97 -8.97 9.67
CA LEU B 890 29.92 -8.03 9.09
C LEU B 890 31.12 -8.80 8.56
N TYR B 891 31.41 -8.63 7.27
CA TYR B 891 32.52 -9.28 6.60
C TYR B 891 33.56 -8.23 6.22
N GLU B 892 34.82 -8.57 6.44
CA GLU B 892 35.95 -7.70 6.11
C GLU B 892 36.71 -8.27 4.93
N TRP B 893 37.02 -7.43 3.95
CA TRP B 893 37.75 -7.85 2.75
C TRP B 893 39.24 -7.75 3.07
N THR B 894 39.84 -8.91 3.35
CA THR B 894 41.24 -8.94 3.74
C THR B 894 42.14 -8.82 2.52
N THR B 895 43.45 -8.84 2.77
CA THR B 895 44.42 -8.67 1.69
C THR B 895 44.51 -9.90 0.80
N GLU B 896 44.26 -11.09 1.35
CA GLU B 896 44.37 -12.34 0.59
C GLU B 896 43.12 -12.64 -0.22
N LYS B 897 42.25 -11.66 -0.42
CA LYS B 897 41.06 -11.78 -1.27
C LYS B 897 40.11 -12.86 -0.76
N GLU B 898 39.65 -12.70 0.47
CA GLU B 898 38.57 -13.51 1.00
C GLU B 898 37.84 -12.70 2.07
N LEU B 899 36.61 -13.09 2.35
CA LEU B 899 35.78 -12.40 3.33
C LEU B 899 35.88 -13.10 4.68
N ARG B 900 36.18 -12.32 5.72
CA ARG B 900 36.31 -12.83 7.07
C ARG B 900 35.27 -12.17 7.97
N THR B 901 34.57 -12.97 8.77
CA THR B 901 33.55 -12.44 9.65
C THR B 901 34.15 -11.53 10.71
N GLU B 902 33.46 -10.43 11.00
CA GLU B 902 33.90 -9.45 11.99
C GLU B 902 33.00 -9.42 13.22
N CYS B 903 31.69 -9.23 13.03
CA CYS B 903 30.76 -9.19 14.14
C CYS B 903 29.40 -9.70 13.69
N ASN B 904 28.60 -10.13 14.66
CA ASN B 904 27.30 -10.74 14.41
C ASN B 904 26.25 -10.11 15.30
N HIS B 905 25.00 -10.17 14.83
CA HIS B 905 23.85 -9.72 15.60
C HIS B 905 22.67 -10.60 15.24
N TYR B 906 22.10 -11.30 16.23
CA TYR B 906 21.07 -12.30 15.98
C TYR B 906 19.72 -11.93 16.58
N ASN B 907 19.50 -10.66 16.93
CA ASN B 907 18.24 -10.25 17.57
C ASN B 907 17.21 -9.81 16.53
N ASN B 908 16.87 -10.76 15.65
CA ASN B 908 15.85 -10.52 14.64
C ASN B 908 15.30 -11.86 14.19
N ILE B 909 14.13 -11.82 13.55
CA ILE B 909 13.52 -13.03 12.99
C ILE B 909 14.18 -13.41 11.68
N MET B 910 14.19 -12.48 10.71
CA MET B 910 15.14 -12.49 9.60
C MET B 910 15.11 -11.13 8.91
N ALA B 911 16.28 -10.58 8.62
CA ALA B 911 16.41 -9.22 8.09
C ALA B 911 16.20 -9.25 6.59
N LEU B 912 15.08 -8.67 6.14
CA LEU B 912 14.76 -8.68 4.72
C LEU B 912 15.36 -7.49 3.99
N TYR B 913 15.01 -6.27 4.42
CA TYR B 913 15.46 -5.05 3.76
C TYR B 913 16.32 -4.25 4.72
N LEU B 914 17.48 -3.81 4.26
CA LEU B 914 18.46 -3.11 5.10
C LEU B 914 18.95 -1.87 4.38
N LYS B 915 19.03 -0.76 5.11
CA LYS B 915 19.61 0.48 4.59
C LYS B 915 20.69 0.96 5.56
N THR B 916 21.61 1.76 5.06
CA THR B 916 22.72 2.27 5.86
C THR B 916 22.87 3.77 5.66
N LYS B 917 23.36 4.43 6.70
CA LYS B 917 23.76 5.83 6.60
C LYS B 917 24.76 6.11 7.72
N GLY B 918 26.01 6.41 7.35
CA GLY B 918 27.05 6.66 8.33
C GLY B 918 27.32 5.47 9.22
N ASP B 919 27.09 5.63 10.52
CA ASP B 919 27.22 4.54 11.48
C ASP B 919 25.89 3.92 11.87
N PHE B 920 24.81 4.26 11.16
CA PHE B 920 23.48 3.75 11.46
C PHE B 920 23.06 2.72 10.42
N ILE B 921 22.56 1.59 10.90
CA ILE B 921 22.14 0.47 10.05
C ILE B 921 20.66 0.25 10.34
N LEU B 922 19.79 0.75 9.46
CA LEU B 922 18.35 0.52 9.58
C LEU B 922 18.04 -0.88 9.06
N VAL B 923 17.63 -1.76 9.98
CA VAL B 923 17.38 -3.17 9.66
C VAL B 923 15.87 -3.40 9.71
N GLY B 924 15.31 -3.89 8.62
CA GLY B 924 13.90 -4.18 8.54
C GLY B 924 13.58 -5.61 8.93
N ASP B 925 12.29 -5.91 8.94
CA ASP B 925 11.79 -7.24 9.28
C ASP B 925 10.41 -7.41 8.66
N LEU B 926 10.10 -8.64 8.25
CA LEU B 926 8.84 -8.88 7.54
C LEU B 926 7.62 -8.73 8.45
N MET B 927 7.75 -9.08 9.73
CA MET B 927 6.68 -8.87 10.70
C MET B 927 7.09 -8.06 11.92
N ARG B 928 8.37 -8.01 12.26
CA ARG B 928 8.85 -7.11 13.30
C ARG B 928 9.07 -5.72 12.69
N SER B 929 9.72 -4.84 13.43
CA SER B 929 9.72 -3.43 13.10
C SER B 929 11.12 -2.89 12.89
N VAL B 930 11.24 -1.56 12.81
CA VAL B 930 12.54 -0.93 12.61
C VAL B 930 13.48 -1.31 13.74
N LEU B 931 14.70 -1.71 13.37
CA LEU B 931 15.66 -2.34 14.27
C LEU B 931 17.01 -1.64 14.12
N LEU B 932 16.98 -0.31 14.28
CA LEU B 932 18.19 0.50 14.13
C LEU B 932 19.32 0.02 15.03
N LEU B 933 20.44 -0.29 14.41
CA LEU B 933 21.64 -0.72 15.11
C LEU B 933 22.78 0.26 14.87
N ALA B 934 23.64 0.40 15.87
CA ALA B 934 24.79 1.29 15.81
C ALA B 934 26.07 0.46 15.85
N TYR B 935 26.97 0.75 14.92
CA TYR B 935 28.29 0.13 14.94
C TYR B 935 29.16 0.77 16.02
N LYS B 936 29.97 -0.06 16.66
CA LYS B 936 30.90 0.41 17.70
C LYS B 936 32.32 0.24 17.18
N PRO B 937 32.96 1.31 16.69
CA PRO B 937 34.32 1.17 16.16
C PRO B 937 35.33 0.70 17.20
N MET B 938 35.20 1.11 18.45
CA MET B 938 36.14 0.70 19.47
C MET B 938 35.91 -0.74 19.92
N GLU B 939 34.65 -1.15 20.02
CA GLU B 939 34.30 -2.51 20.45
C GLU B 939 34.28 -3.50 19.30
N GLY B 940 33.75 -3.10 18.14
CA GLY B 940 33.71 -3.96 16.97
C GLY B 940 32.38 -4.63 16.74
N ASN B 941 31.50 -4.68 17.74
CA ASN B 941 30.20 -5.34 17.62
C ASN B 941 29.08 -4.32 17.56
N PHE B 942 27.93 -4.76 17.05
CA PHE B 942 26.78 -3.89 16.93
C PHE B 942 26.11 -3.70 18.29
N GLU B 943 25.36 -2.60 18.41
CA GLU B 943 24.56 -2.34 19.59
C GLU B 943 23.17 -1.89 19.17
N GLU B 944 22.19 -2.12 20.05
CA GLU B 944 20.80 -1.76 19.80
C GLU B 944 20.50 -0.45 20.49
N ILE B 945 20.54 0.65 19.74
CA ILE B 945 20.19 1.95 20.29
C ILE B 945 18.70 2.00 20.63
N ALA B 946 17.86 1.58 19.68
CA ALA B 946 16.42 1.59 19.88
C ALA B 946 15.79 0.60 18.92
N ARG B 947 14.55 0.22 19.22
CA ARG B 947 13.80 -0.70 18.37
C ARG B 947 12.32 -0.33 18.47
N ASP B 948 11.62 -0.44 17.35
CA ASP B 948 10.20 -0.14 17.34
C ASP B 948 9.41 -1.35 17.80
N PHE B 949 8.33 -1.10 18.55
CA PHE B 949 7.61 -2.17 19.23
C PHE B 949 6.15 -2.27 18.79
N ASN B 950 5.90 -2.24 17.49
CA ASN B 950 4.56 -2.30 16.94
C ASN B 950 4.52 -3.36 15.83
N PRO B 951 3.36 -3.98 15.60
CA PRO B 951 3.22 -4.89 14.46
C PRO B 951 2.84 -4.14 13.18
N ASN B 952 3.65 -4.32 12.15
CA ASN B 952 3.48 -3.46 10.98
C ASN B 952 3.31 -4.27 9.70
N TRP B 953 3.97 -5.43 9.61
CA TRP B 953 4.12 -6.19 8.37
C TRP B 953 4.82 -5.34 7.31
N MET B 954 6.11 -5.09 7.56
CA MET B 954 6.91 -4.13 6.79
C MET B 954 7.20 -4.67 5.38
N SER B 955 7.41 -3.74 4.44
CA SER B 955 7.77 -4.08 3.07
C SER B 955 8.90 -3.25 2.48
N ALA B 956 9.24 -2.09 3.05
CA ALA B 956 10.26 -1.21 2.48
C ALA B 956 10.79 -0.31 3.58
N VAL B 957 12.10 -0.10 3.58
CA VAL B 957 12.78 0.62 4.65
C VAL B 957 13.65 1.71 4.03
N GLU B 958 13.62 2.90 4.63
CA GLU B 958 14.52 3.96 4.20
C GLU B 958 14.87 4.84 5.39
N ILE B 959 16.05 5.44 5.35
CA ILE B 959 16.49 6.39 6.36
C ILE B 959 16.57 7.77 5.70
N LEU B 960 15.73 8.69 6.17
CA LEU B 960 15.67 10.02 5.58
C LEU B 960 16.77 10.93 6.14
N ASP B 961 16.73 11.16 7.45
CA ASP B 961 17.71 12.01 8.12
C ASP B 961 18.36 11.25 9.26
N ASP B 962 19.13 11.96 10.09
CA ASP B 962 19.80 11.30 11.22
C ASP B 962 18.80 10.82 12.27
N ASP B 963 17.57 11.33 12.26
CA ASP B 963 16.57 10.94 13.24
C ASP B 963 15.38 10.25 12.60
N ASN B 964 14.86 10.76 11.48
CA ASN B 964 13.65 10.23 10.89
C ASN B 964 13.94 8.94 10.12
N PHE B 965 13.18 7.90 10.40
CA PHE B 965 13.26 6.63 9.70
C PHE B 965 11.89 6.32 9.10
N LEU B 966 11.84 6.12 7.78
CA LEU B 966 10.58 6.00 7.07
C LEU B 966 10.40 4.58 6.54
N GLY B 967 9.15 4.15 6.47
CA GLY B 967 8.86 2.81 6.00
C GLY B 967 7.58 2.76 5.20
N ALA B 968 7.52 1.72 4.37
CA ALA B 968 6.41 1.48 3.45
C ALA B 968 5.93 0.06 3.68
N GLU B 969 4.62 -0.15 3.72
CA GLU B 969 4.07 -1.34 4.35
C GLU B 969 3.59 -2.33 3.29
N ASN B 970 3.01 -3.47 3.71
CA ASN B 970 2.42 -4.40 2.75
C ASN B 970 0.93 -4.16 2.53
N ALA B 971 0.30 -3.29 3.33
CA ALA B 971 -1.11 -2.99 3.19
C ALA B 971 -1.32 -1.59 2.62
N PHE B 972 -0.40 -1.15 1.77
CA PHE B 972 -0.45 0.16 1.10
C PHE B 972 -0.49 1.29 2.14
N ASN B 973 0.58 1.38 2.93
CA ASN B 973 0.69 2.39 3.95
C ASN B 973 2.11 2.96 3.98
N LEU B 974 2.22 4.17 4.49
CA LEU B 974 3.49 4.84 4.71
C LEU B 974 3.55 5.35 6.14
N PHE B 975 4.73 5.31 6.74
CA PHE B 975 4.88 5.85 8.08
C PHE B 975 6.30 6.38 8.24
N VAL B 976 6.47 7.27 9.21
CA VAL B 976 7.78 7.77 9.61
C VAL B 976 7.85 7.82 11.13
N CYS B 977 8.91 7.24 11.69
CA CYS B 977 9.17 7.24 13.12
C CYS B 977 10.43 8.04 13.41
N GLN B 978 10.61 8.38 14.69
CA GLN B 978 11.75 9.18 15.11
C GLN B 978 12.35 8.60 16.40
N LYS B 979 13.67 8.76 16.52
CA LYS B 979 14.39 8.41 17.74
C LYS B 979 14.38 9.65 18.63
N ASP B 980 13.41 9.71 19.54
CA ASP B 980 13.25 10.88 20.39
C ASP B 980 14.40 10.99 21.39
N SER B 981 15.03 12.15 21.42
CA SER B 981 16.13 12.41 22.34
C SER B 981 15.67 13.04 23.65
N ALA B 982 14.38 13.33 23.79
CA ALA B 982 13.86 13.91 25.01
C ALA B 982 13.61 12.89 26.10
N ALA B 983 13.74 11.60 25.80
CA ALA B 983 13.54 10.56 26.80
C ALA B 983 14.68 10.55 27.80
N THR B 984 14.40 9.98 28.97
CA THR B 984 15.39 9.89 30.04
C THR B 984 16.47 8.86 29.68
N THR B 985 17.55 8.88 30.46
CA THR B 985 18.64 7.93 30.26
C THR B 985 18.26 6.55 30.75
N ASP B 986 17.35 5.90 30.03
CA ASP B 986 16.81 4.61 30.42
C ASP B 986 16.25 3.93 29.17
N GLU B 987 15.42 2.91 29.36
CA GLU B 987 14.82 2.19 28.25
C GLU B 987 13.79 3.03 27.48
N GLU B 988 13.44 4.21 27.99
CA GLU B 988 12.48 5.06 27.29
C GLU B 988 13.01 5.47 25.92
N ARG B 989 14.31 5.75 25.82
CA ARG B 989 14.93 6.06 24.53
C ARG B 989 15.02 4.84 23.63
N GLN B 990 14.81 3.64 24.16
CA GLN B 990 14.83 2.43 23.34
C GLN B 990 13.62 2.29 22.44
N HIS B 991 12.61 3.14 22.60
CA HIS B 991 11.38 3.09 21.82
C HIS B 991 11.37 4.21 20.79
N LEU B 992 10.89 3.89 19.59
CA LEU B 992 10.62 4.87 18.55
C LEU B 992 9.11 4.89 18.29
N GLN B 993 8.52 6.08 18.32
CA GLN B 993 7.10 6.25 18.10
C GLN B 993 6.83 6.66 16.66
N GLU B 994 5.71 6.20 16.13
CA GLU B 994 5.32 6.53 14.75
C GLU B 994 4.89 7.99 14.71
N VAL B 995 5.80 8.86 14.27
CA VAL B 995 5.53 10.29 14.27
C VAL B 995 4.47 10.63 13.24
N GLY B 996 4.61 10.10 12.04
CA GLY B 996 3.68 10.40 10.95
C GLY B 996 3.17 9.16 10.28
N LEU B 997 1.91 9.21 9.86
CA LEU B 997 1.25 8.09 9.18
C LEU B 997 0.54 8.62 7.94
N PHE B 998 0.41 7.73 6.95
CA PHE B 998 -0.18 8.09 5.66
C PHE B 998 -0.68 6.83 4.99
N HIS B 999 -1.73 6.98 4.18
CA HIS B 999 -2.29 5.88 3.40
C HIS B 999 -2.06 6.21 1.93
N LEU B 1000 -0.95 5.70 1.38
CA LEU B 1000 -0.62 5.97 -0.01
C LEU B 1000 -1.58 5.26 -0.95
N GLY B 1001 -2.10 4.11 -0.54
CA GLY B 1001 -2.97 3.32 -1.39
C GLY B 1001 -2.26 2.54 -2.47
N GLU B 1002 -0.96 2.32 -2.35
CA GLU B 1002 -0.20 1.59 -3.34
C GLU B 1002 0.88 0.76 -2.64
N PHE B 1003 1.23 -0.38 -3.25
CA PHE B 1003 2.24 -1.26 -2.68
C PHE B 1003 3.64 -0.77 -3.05
N VAL B 1004 4.26 -0.01 -2.15
CA VAL B 1004 5.58 0.55 -2.43
C VAL B 1004 6.63 -0.55 -2.39
N ASN B 1005 7.50 -0.57 -3.40
CA ASN B 1005 8.47 -1.64 -3.56
C ASN B 1005 9.91 -1.21 -3.33
N VAL B 1006 10.31 -0.01 -3.77
CA VAL B 1006 11.72 0.37 -3.72
C VAL B 1006 11.82 1.84 -3.35
N PHE B 1007 12.84 2.17 -2.55
CA PHE B 1007 13.17 3.55 -2.21
C PHE B 1007 14.58 3.87 -2.73
N CYS B 1008 14.79 5.14 -3.07
CA CYS B 1008 16.06 5.57 -3.63
C CYS B 1008 16.25 7.06 -3.35
N HIS B 1009 17.48 7.52 -3.52
CA HIS B 1009 17.85 8.90 -3.24
C HIS B 1009 18.21 9.60 -4.55
N GLY B 1010 17.69 10.80 -4.74
CA GLY B 1010 17.98 11.59 -5.92
C GLY B 1010 16.82 12.49 -6.28
N SER B 1011 16.93 13.06 -7.47
CA SER B 1011 15.86 13.90 -8.02
C SER B 1011 16.11 14.09 -9.51
N LEU B 1012 15.04 14.41 -10.23
CA LEU B 1012 15.14 14.73 -11.66
C LEU B 1012 15.65 16.13 -11.91
N VAL B 1013 15.48 17.04 -10.95
CA VAL B 1013 15.99 18.41 -11.03
C VAL B 1013 17.48 18.37 -10.74
N MET B 1014 18.21 19.37 -11.24
CA MET B 1014 19.65 19.46 -10.99
C MET B 1014 19.92 19.50 -9.50
N GLN B 1015 20.76 18.57 -9.04
CA GLN B 1015 20.83 18.20 -7.63
C GLN B 1015 21.98 18.91 -6.92
N ASN B 1016 21.81 20.22 -6.76
CA ASN B 1016 22.70 21.05 -5.95
C ASN B 1016 21.97 22.38 -5.78
N LEU B 1017 22.40 23.16 -4.79
CA LEU B 1017 21.91 24.51 -4.55
C LEU B 1017 20.40 24.52 -4.24
N GLY B 1018 19.90 23.46 -3.63
CA GLY B 1018 18.51 23.37 -3.23
C GLY B 1018 18.24 23.88 -1.84
N GLU B 1019 19.24 24.43 -1.16
CA GLU B 1019 19.08 24.94 0.20
C GLU B 1019 18.84 26.44 0.25
N THR B 1020 18.72 27.11 -0.90
CA THR B 1020 18.50 28.55 -0.95
C THR B 1020 17.02 28.88 -0.72
N SER B 1021 16.57 28.61 0.50
CA SER B 1021 15.20 28.84 0.98
C SER B 1021 14.15 28.03 0.21
N THR B 1022 14.56 27.11 -0.66
CA THR B 1022 13.61 26.27 -1.35
C THR B 1022 13.09 25.18 -0.42
N PRO B 1023 11.78 24.89 -0.45
CA PRO B 1023 11.19 23.91 0.48
C PRO B 1023 11.37 22.46 0.04
N THR B 1024 12.62 22.07 -0.22
CA THR B 1024 12.97 20.69 -0.55
C THR B 1024 14.23 20.30 0.25
N GLN B 1025 14.01 19.81 1.47
CA GLN B 1025 15.10 19.41 2.35
C GLN B 1025 15.29 17.90 2.32
N GLY B 1026 15.78 17.41 1.18
CA GLY B 1026 16.05 16.00 1.02
C GLY B 1026 15.02 15.27 0.18
N SER B 1027 15.39 14.95 -1.06
CA SER B 1027 14.49 14.34 -2.02
C SER B 1027 14.70 12.83 -2.06
N VAL B 1028 13.61 12.07 -2.00
CA VAL B 1028 13.65 10.61 -2.02
C VAL B 1028 12.61 10.10 -3.02
N LEU B 1029 13.05 9.25 -3.95
CA LEU B 1029 12.15 8.59 -4.88
C LEU B 1029 11.62 7.30 -4.26
N PHE B 1030 10.37 6.98 -4.58
CA PHE B 1030 9.84 5.65 -4.30
C PHE B 1030 9.13 5.13 -5.54
N GLY B 1031 9.33 3.84 -5.81
CA GLY B 1031 8.65 3.13 -6.87
C GLY B 1031 7.81 2.00 -6.34
N THR B 1032 6.58 1.89 -6.83
CA THR B 1032 5.59 0.95 -6.31
C THR B 1032 5.36 -0.19 -7.30
N VAL B 1033 4.51 -1.13 -6.90
CA VAL B 1033 4.20 -2.27 -7.74
C VAL B 1033 3.35 -1.84 -8.94
N ASN B 1034 2.36 -0.99 -8.70
CA ASN B 1034 1.48 -0.56 -9.80
C ASN B 1034 2.16 0.40 -10.76
N GLY B 1035 3.35 0.90 -10.44
CA GLY B 1035 4.11 1.70 -11.38
C GLY B 1035 4.00 3.20 -11.19
N MET B 1036 4.10 3.66 -9.95
CA MET B 1036 4.11 5.09 -9.64
C MET B 1036 5.48 5.50 -9.13
N ILE B 1037 5.99 6.59 -9.70
CA ILE B 1037 7.19 7.25 -9.20
C ILE B 1037 6.74 8.39 -8.30
N GLY B 1038 7.27 8.43 -7.08
CA GLY B 1038 6.84 9.42 -6.11
C GLY B 1038 8.01 10.08 -5.42
N LEU B 1039 7.78 11.33 -5.02
CA LEU B 1039 8.78 12.16 -4.36
C LEU B 1039 8.39 12.39 -2.90
N VAL B 1040 9.36 12.24 -2.01
CA VAL B 1040 9.18 12.52 -0.59
C VAL B 1040 10.27 13.51 -0.16
N THR B 1041 9.85 14.59 0.48
CA THR B 1041 10.78 15.63 0.93
C THR B 1041 10.37 16.11 2.31
N SER B 1042 11.19 16.96 2.91
CA SER B 1042 10.96 17.50 4.24
C SER B 1042 10.85 19.02 4.20
N LEU B 1043 10.06 19.55 5.12
CA LEU B 1043 9.82 21.00 5.20
C LEU B 1043 10.14 21.53 6.58
N SER B 1044 9.77 22.77 6.86
CA SER B 1044 9.92 23.38 8.18
C SER B 1044 8.61 23.30 8.96
N GLU B 1045 8.68 23.68 10.22
CA GLU B 1045 7.50 23.61 11.09
C GLU B 1045 6.43 24.61 10.66
N SER B 1046 6.81 25.87 10.47
CA SER B 1046 5.85 26.86 10.02
C SER B 1046 5.36 26.55 8.61
N TRP B 1047 6.26 26.08 7.75
CA TRP B 1047 5.87 25.64 6.41
C TRP B 1047 4.84 24.53 6.48
N TYR B 1048 5.08 23.52 7.33
CA TYR B 1048 4.15 22.40 7.45
C TYR B 1048 2.80 22.83 8.01
N ASN B 1049 2.82 23.72 9.02
CA ASN B 1049 1.55 24.16 9.61
C ASN B 1049 0.73 24.98 8.63
N LEU B 1050 1.36 25.95 7.96
CA LEU B 1050 0.68 26.72 6.93
C LEU B 1050 0.16 25.81 5.81
N LEU B 1051 0.97 24.82 5.43
CA LEU B 1051 0.61 23.99 4.29
C LEU B 1051 -0.56 23.07 4.64
N LEU B 1052 -0.56 22.50 5.85
CA LEU B 1052 -1.68 21.69 6.30
C LEU B 1052 -2.96 22.53 6.41
N ASP B 1053 -2.84 23.76 6.92
CA ASP B 1053 -4.01 24.63 7.04
C ASP B 1053 -4.58 24.95 5.67
N MET B 1054 -3.71 25.28 4.70
CA MET B 1054 -4.19 25.59 3.35
C MET B 1054 -4.77 24.36 2.68
N GLN B 1055 -4.18 23.18 2.93
CA GLN B 1055 -4.73 21.94 2.37
C GLN B 1055 -6.11 21.64 2.94
N ASN B 1056 -6.30 21.83 4.24
CA ASN B 1056 -7.62 21.64 4.84
C ASN B 1056 -8.63 22.63 4.27
N ARG B 1057 -8.23 23.89 4.10
CA ARG B 1057 -9.13 24.87 3.52
C ARG B 1057 -9.52 24.51 2.09
N LEU B 1058 -8.54 24.02 1.31
CA LEU B 1058 -8.85 23.63 -0.06
C LEU B 1058 -9.76 22.40 -0.10
N ASN B 1059 -9.53 21.45 0.80
CA ASN B 1059 -10.41 20.28 0.87
C ASN B 1059 -11.82 20.68 1.25
N LYS B 1060 -11.96 21.67 2.13
CA LYS B 1060 -13.29 22.21 2.44
C LYS B 1060 -13.90 22.88 1.21
N VAL B 1061 -13.09 23.63 0.45
CA VAL B 1061 -13.62 24.41 -0.67
C VAL B 1061 -13.92 23.51 -1.86
N ILE B 1062 -12.96 22.67 -2.26
CA ILE B 1062 -13.13 21.88 -3.48
C ILE B 1062 -14.13 20.77 -3.26
N LYS B 1063 -14.73 20.32 -4.36
CA LYS B 1063 -15.69 19.21 -4.34
C LYS B 1063 -15.00 17.94 -4.82
N SER B 1064 -15.21 16.85 -4.10
CA SER B 1064 -14.63 15.58 -4.47
C SER B 1064 -15.35 14.99 -5.68
N VAL B 1065 -14.64 14.10 -6.39
CA VAL B 1065 -15.20 13.52 -7.61
C VAL B 1065 -16.35 12.57 -7.29
N GLY B 1066 -16.24 11.81 -6.21
CA GLY B 1066 -17.27 10.84 -5.86
C GLY B 1066 -17.86 11.03 -4.48
N LYS B 1067 -17.89 12.28 -4.02
CA LYS B 1067 -18.40 12.63 -2.69
C LYS B 1067 -17.70 11.83 -1.60
N ILE B 1068 -16.38 11.70 -1.72
CA ILE B 1068 -15.55 10.95 -0.79
C ILE B 1068 -14.65 11.94 -0.05
N GLU B 1069 -14.51 11.72 1.26
CA GLU B 1069 -13.71 12.63 2.07
C GLU B 1069 -12.23 12.38 1.86
N HIS B 1070 -11.46 13.45 1.70
CA HIS B 1070 -10.02 13.34 1.52
C HIS B 1070 -9.35 12.79 2.78
N SER B 1071 -9.77 13.28 3.95
CA SER B 1071 -9.20 12.82 5.21
C SER B 1071 -9.55 11.36 5.49
N PHE B 1072 -10.74 10.91 5.08
CA PHE B 1072 -11.09 9.50 5.25
C PHE B 1072 -10.21 8.60 4.39
N TRP B 1073 -9.91 9.03 3.16
CA TRP B 1073 -9.12 8.21 2.25
C TRP B 1073 -7.66 8.17 2.66
N ARG B 1074 -7.11 9.29 3.10
CA ARG B 1074 -5.70 9.36 3.47
C ARG B 1074 -5.41 8.86 4.87
N SER B 1075 -6.44 8.58 5.67
CA SER B 1075 -6.23 8.13 7.04
C SER B 1075 -5.58 6.76 7.08
N PHE B 1076 -4.75 6.54 8.09
CA PHE B 1076 -4.13 5.24 8.30
C PHE B 1076 -5.19 4.17 8.53
N HIS B 1077 -5.06 3.04 7.82
CA HIS B 1077 -6.07 1.99 7.90
C HIS B 1077 -5.37 0.65 7.74
N THR B 1078 -5.06 0.02 8.88
CA THR B 1078 -4.62 -1.37 8.90
C THR B 1078 -5.83 -2.27 9.12
N GLU B 1079 -5.59 -3.55 9.41
CA GLU B 1079 -6.69 -4.46 9.69
C GLU B 1079 -7.38 -4.17 11.01
N ARG B 1080 -6.72 -3.44 11.92
CA ARG B 1080 -7.26 -3.16 13.24
C ARG B 1080 -7.22 -1.70 13.66
N LYS B 1081 -6.39 -0.87 13.05
CA LYS B 1081 -6.22 0.52 13.47
C LYS B 1081 -6.68 1.46 12.37
N THR B 1082 -7.43 2.49 12.77
CA THR B 1082 -7.99 3.46 11.83
C THR B 1082 -7.77 4.88 12.38
N GLU B 1083 -6.52 5.16 12.77
CA GLU B 1083 -6.20 6.50 13.25
C GLU B 1083 -5.99 7.45 12.05
N PRO B 1084 -6.42 8.70 12.17
CA PRO B 1084 -6.28 9.63 11.04
C PRO B 1084 -4.83 9.97 10.75
N ALA B 1085 -4.58 10.39 9.51
CA ALA B 1085 -3.21 10.68 9.07
C ALA B 1085 -2.75 12.01 9.66
N THR B 1086 -1.62 11.98 10.35
CA THR B 1086 -1.01 13.17 10.92
C THR B 1086 0.43 13.28 10.44
N GLY B 1087 0.89 14.52 10.29
CA GLY B 1087 2.27 14.76 9.90
C GLY B 1087 2.63 14.27 8.51
N PHE B 1088 1.74 14.48 7.53
CA PHE B 1088 2.01 14.07 6.16
C PHE B 1088 1.19 14.96 5.23
N ILE B 1089 1.88 15.85 4.52
CA ILE B 1089 1.22 16.77 3.60
C ILE B 1089 1.04 16.09 2.25
N ASP B 1090 -0.18 16.13 1.72
CA ASP B 1090 -0.51 15.38 0.52
C ASP B 1090 -0.03 16.12 -0.75
N GLY B 1091 -0.04 15.40 -1.86
CA GLY B 1091 0.51 15.91 -3.10
C GLY B 1091 -0.42 16.28 -4.23
N ASP B 1092 -1.48 15.51 -4.48
CA ASP B 1092 -2.39 15.89 -5.57
C ASP B 1092 -3.35 16.97 -5.12
N LEU B 1093 -3.75 16.93 -3.84
CA LEU B 1093 -4.63 17.98 -3.31
C LEU B 1093 -3.91 19.33 -3.26
N ILE B 1094 -2.62 19.33 -2.96
CA ILE B 1094 -1.86 20.57 -2.93
C ILE B 1094 -1.70 21.15 -4.33
N GLU B 1095 -1.57 20.29 -5.34
CA GLU B 1095 -1.32 20.74 -6.70
C GLU B 1095 -2.60 20.93 -7.49
N SER B 1096 -3.76 20.56 -6.94
CA SER B 1096 -5.04 20.89 -7.55
C SER B 1096 -5.41 22.35 -7.33
N PHE B 1097 -4.63 23.08 -6.53
CA PHE B 1097 -4.91 24.50 -6.30
C PHE B 1097 -4.76 25.32 -7.58
N LEU B 1098 -3.91 24.88 -8.50
CA LEU B 1098 -3.67 25.58 -9.75
C LEU B 1098 -4.68 25.22 -10.84
N ASP B 1099 -5.61 24.30 -10.56
CA ASP B 1099 -6.56 23.81 -11.55
C ASP B 1099 -7.99 24.22 -11.21
N ILE B 1100 -8.17 25.41 -10.66
CA ILE B 1100 -9.49 25.94 -10.35
C ILE B 1100 -9.57 27.38 -10.84
N SER B 1101 -10.81 27.84 -11.06
CA SER B 1101 -11.05 29.16 -11.62
C SER B 1101 -10.74 30.24 -10.59
N ARG B 1102 -10.60 31.47 -11.10
CA ARG B 1102 -10.29 32.62 -10.23
C ARG B 1102 -11.34 32.86 -9.15
N PRO B 1103 -12.66 32.76 -9.39
CA PRO B 1103 -13.60 32.83 -8.27
C PRO B 1103 -13.37 31.73 -7.23
N LYS B 1104 -12.88 30.57 -7.66
CA LYS B 1104 -12.53 29.53 -6.68
C LYS B 1104 -11.27 29.89 -5.91
N MET B 1105 -10.33 30.62 -6.53
CA MET B 1105 -9.20 31.15 -5.79
C MET B 1105 -9.65 32.19 -4.77
N GLN B 1106 -10.71 32.94 -5.10
CA GLN B 1106 -11.22 33.92 -4.13
C GLN B 1106 -12.02 33.25 -3.02
N GLU B 1107 -12.70 32.14 -3.32
CA GLU B 1107 -13.44 31.42 -2.28
C GLU B 1107 -12.49 30.85 -1.24
N VAL B 1108 -11.39 30.25 -1.71
CA VAL B 1108 -10.30 29.82 -0.83
C VAL B 1108 -9.48 31.08 -0.49
N VAL B 1109 -8.56 30.95 0.48
CA VAL B 1109 -7.61 31.99 0.88
C VAL B 1109 -8.32 33.30 1.24
N ALA B 1110 -9.62 33.21 1.54
CA ALA B 1110 -10.39 34.40 1.84
C ALA B 1110 -9.97 35.01 3.18
N ASN B 1111 -9.66 34.18 4.17
CA ASN B 1111 -9.25 34.66 5.48
C ASN B 1111 -8.01 33.90 5.95
N LEU B 1112 -7.13 33.56 5.01
CA LEU B 1112 -5.90 32.88 5.37
C LEU B 1112 -4.90 33.86 5.97
N GLN B 1113 -3.90 33.32 6.66
CA GLN B 1113 -2.89 34.12 7.34
C GLN B 1113 -1.64 34.35 6.50
N TYR B 1114 -1.08 33.28 5.92
CA TYR B 1114 0.14 33.32 5.11
C TYR B 1114 1.29 33.92 5.91
N ASP B 1115 1.71 33.18 6.93
CA ASP B 1115 2.78 33.61 7.83
C ASP B 1115 4.13 33.37 7.17
N ASP B 1116 4.87 34.44 6.90
CA ASP B 1116 6.22 34.31 6.36
C ASP B 1116 7.25 34.26 7.48
N GLY B 1117 7.29 35.30 8.31
CA GLY B 1117 8.18 35.32 9.46
C GLY B 1117 7.47 34.83 10.71
N SER B 1118 7.32 35.71 11.70
CA SER B 1118 6.59 35.37 12.92
C SER B 1118 5.13 35.80 12.85
N GLY B 1119 4.88 37.11 12.67
CA GLY B 1119 3.51 37.60 12.66
C GLY B 1119 3.24 38.76 11.73
N MET B 1120 4.08 38.97 10.73
CA MET B 1120 3.95 40.12 9.84
C MET B 1120 3.38 39.70 8.49
N LYS B 1121 2.81 40.68 7.80
CA LYS B 1121 2.33 40.55 6.42
C LYS B 1121 1.28 39.43 6.29
N ARG B 1122 0.15 39.64 6.98
CA ARG B 1122 -0.98 38.72 6.94
C ARG B 1122 -2.03 39.32 6.01
N GLU B 1123 -1.94 38.98 4.72
CA GLU B 1123 -2.86 39.50 3.72
C GLU B 1123 -3.50 38.44 2.83
N ALA B 1124 -2.91 37.23 2.74
CA ALA B 1124 -3.48 36.11 1.97
C ALA B 1124 -3.70 36.48 0.51
N THR B 1125 -2.66 37.02 -0.13
CA THR B 1125 -2.72 37.34 -1.54
C THR B 1125 -2.70 36.05 -2.36
N ALA B 1126 -3.61 35.96 -3.34
CA ALA B 1126 -3.72 34.73 -4.14
C ALA B 1126 -2.45 34.48 -4.95
N ASP B 1127 -1.84 35.54 -5.50
CA ASP B 1127 -0.60 35.38 -6.25
C ASP B 1127 0.53 34.94 -5.32
N ASP B 1128 0.52 35.41 -4.08
CA ASP B 1128 1.55 35.02 -3.12
C ASP B 1128 1.48 33.54 -2.78
N LEU B 1129 0.28 32.95 -2.78
CA LEU B 1129 0.14 31.50 -2.63
C LEU B 1129 0.40 30.77 -3.93
N ILE B 1130 0.13 31.40 -5.08
CA ILE B 1130 0.45 30.79 -6.37
C ILE B 1130 1.95 30.61 -6.51
N LYS B 1131 2.73 31.61 -6.08
CA LYS B 1131 4.19 31.48 -6.10
C LYS B 1131 4.66 30.37 -5.18
N VAL B 1132 4.03 30.23 -4.01
CA VAL B 1132 4.40 29.17 -3.07
C VAL B 1132 4.12 27.80 -3.68
N VAL B 1133 2.96 27.65 -4.33
CA VAL B 1133 2.62 26.37 -4.95
C VAL B 1133 3.55 26.08 -6.13
N GLU B 1134 3.96 27.13 -6.86
CA GLU B 1134 4.93 26.95 -7.93
C GLU B 1134 6.26 26.46 -7.39
N GLU B 1135 6.72 27.05 -6.28
CA GLU B 1135 7.95 26.59 -5.65
C GLU B 1135 7.82 25.15 -5.17
N LEU B 1136 6.65 24.79 -4.64
CA LEU B 1136 6.42 23.41 -4.21
C LEU B 1136 6.47 22.44 -5.38
N THR B 1137 5.88 22.84 -6.51
CA THR B 1137 5.81 21.97 -7.69
C THR B 1137 7.06 22.05 -8.57
N ARG B 1138 8.05 22.88 -8.20
CA ARG B 1138 9.34 22.83 -8.89
C ARG B 1138 9.97 21.45 -8.78
N ILE B 1139 9.85 20.82 -7.60
CA ILE B 1139 10.44 19.49 -7.40
C ILE B 1139 9.61 18.37 -8.02
N HIS B 1140 8.40 18.68 -8.49
CA HIS B 1140 7.53 17.67 -9.09
C HIS B 1140 8.13 17.15 -10.40
N PRO C 15 -11.72 4.13 76.67
CA PRO C 15 -10.46 4.45 76.01
C PRO C 15 -10.20 3.59 74.77
N LYS C 16 -10.50 4.12 73.59
CA LYS C 16 -10.28 3.38 72.36
C LYS C 16 -8.79 3.24 72.09
N ARG C 17 -8.38 2.04 71.68
CA ARG C 17 -6.98 1.76 71.39
C ARG C 17 -6.89 0.57 70.46
N GLN C 18 -5.72 0.38 69.88
CA GLN C 18 -5.47 -0.74 68.98
C GLN C 18 -4.68 -1.82 69.72
N THR C 19 -5.13 -3.07 69.61
CA THR C 19 -4.58 -4.19 70.34
C THR C 19 -4.49 -5.38 69.38
N ASN C 20 -3.46 -6.22 69.56
CA ASN C 20 -3.15 -7.25 68.56
C ASN C 20 -4.31 -8.21 68.34
N GLN C 21 -5.27 -8.27 69.26
CA GLN C 21 -6.43 -9.14 69.05
C GLN C 21 -7.39 -8.58 68.00
N LEU C 22 -7.50 -7.26 67.86
CA LEU C 22 -8.36 -6.74 66.79
C LEU C 22 -7.67 -6.90 65.44
N GLN C 23 -6.34 -6.91 65.43
CA GLN C 23 -5.61 -7.32 64.24
C GLN C 23 -5.84 -8.79 63.94
N TYR C 24 -5.91 -9.63 64.98
CA TYR C 24 -6.25 -11.03 64.80
C TYR C 24 -7.61 -11.18 64.11
N LEU C 25 -8.65 -10.59 64.69
CA LEU C 25 -9.98 -10.69 64.08
C LEU C 25 -10.13 -9.78 62.86
N LEU C 26 -9.08 -9.05 62.50
CA LEU C 26 -9.12 -8.13 61.37
C LEU C 26 -8.24 -8.58 60.21
N ARG C 27 -7.31 -9.51 60.43
CA ARG C 27 -6.43 -9.95 59.35
C ARG C 27 -6.59 -11.43 59.01
N VAL C 28 -6.42 -12.33 59.98
CA VAL C 28 -6.42 -13.76 59.70
C VAL C 28 -7.58 -14.50 60.36
N VAL C 29 -8.09 -14.05 61.51
CA VAL C 29 -9.36 -14.58 61.98
C VAL C 29 -10.49 -14.11 61.08
N LEU C 30 -10.40 -12.88 60.59
CA LEU C 30 -11.34 -12.44 59.54
C LEU C 30 -11.12 -13.21 58.24
N LYS C 31 -9.88 -13.61 57.95
CA LYS C 31 -9.65 -14.53 56.84
C LYS C 31 -10.39 -15.84 57.03
N THR C 32 -10.31 -16.41 58.24
CA THR C 32 -10.99 -17.69 58.50
C THR C 32 -12.51 -17.51 58.45
N LEU C 33 -12.99 -16.33 58.84
CA LEU C 33 -14.39 -15.98 58.60
C LEU C 33 -14.68 -15.94 57.11
N TRP C 34 -13.76 -15.41 56.31
CA TRP C 34 -13.98 -15.24 54.89
C TRP C 34 -13.65 -16.51 54.14
N LYS C 35 -12.57 -17.19 54.53
CA LYS C 35 -12.26 -18.53 54.04
C LYS C 35 -12.96 -19.59 54.88
N HIS C 36 -14.27 -19.41 55.05
CA HIS C 36 -15.08 -20.34 55.81
C HIS C 36 -16.00 -21.08 54.86
N GLN C 37 -15.93 -22.40 54.89
CA GLN C 37 -16.80 -23.23 54.07
C GLN C 37 -18.16 -23.36 54.77
N PHE C 38 -19.23 -23.28 53.97
CA PHE C 38 -20.64 -23.14 54.37
C PHE C 38 -21.00 -21.71 54.77
N ALA C 39 -20.07 -20.77 54.65
CA ALA C 39 -20.35 -19.35 54.91
C ALA C 39 -20.83 -18.61 53.67
N TRP C 40 -21.40 -19.34 52.71
CA TRP C 40 -21.71 -18.74 51.40
C TRP C 40 -22.79 -17.65 51.44
N PRO C 41 -23.99 -17.87 52.04
CA PRO C 41 -25.04 -16.84 51.86
C PRO C 41 -24.91 -15.66 52.80
N PHE C 42 -23.88 -15.68 53.66
CA PHE C 42 -23.74 -14.62 54.66
C PHE C 42 -22.71 -13.58 54.26
N GLN C 43 -21.70 -13.93 53.45
CA GLN C 43 -20.74 -12.93 53.01
C GLN C 43 -21.41 -11.83 52.20
N GLN C 44 -22.48 -12.15 51.52
CA GLN C 44 -23.41 -11.14 51.03
C GLN C 44 -24.27 -10.65 52.20
N PRO C 45 -24.35 -9.34 52.44
CA PRO C 45 -25.25 -8.84 53.50
C PRO C 45 -26.69 -9.25 53.25
N VAL C 46 -27.32 -9.85 54.27
CA VAL C 46 -28.63 -10.46 54.05
C VAL C 46 -29.70 -9.39 53.85
N ASP C 47 -30.66 -9.71 52.98
CA ASP C 47 -31.80 -8.84 52.72
C ASP C 47 -33.07 -9.67 52.92
N ALA C 48 -34.20 -9.11 52.50
CA ALA C 48 -35.48 -9.79 52.59
C ALA C 48 -36.16 -9.93 51.23
N VAL C 49 -36.07 -8.91 50.38
CA VAL C 49 -36.75 -8.95 49.09
C VAL C 49 -36.12 -9.97 48.16
N LYS C 50 -34.79 -10.14 48.23
CA LYS C 50 -34.11 -11.06 47.33
C LYS C 50 -34.45 -12.51 47.64
N LEU C 51 -34.68 -12.82 48.91
CA LEU C 51 -35.05 -14.17 49.32
C LEU C 51 -36.55 -14.33 49.56
N ASN C 52 -37.31 -13.23 49.53
CA ASN C 52 -38.75 -13.24 49.78
C ASN C 52 -39.08 -13.83 51.15
N LEU C 53 -38.34 -13.38 52.17
CA LEU C 53 -38.58 -13.76 53.56
C LEU C 53 -38.81 -12.48 54.35
N PRO C 54 -40.07 -12.10 54.55
CA PRO C 54 -40.36 -10.86 55.29
C PRO C 54 -40.22 -11.00 56.80
N ASP C 55 -40.16 -12.22 57.33
CA ASP C 55 -40.07 -12.41 58.77
C ASP C 55 -38.73 -11.95 59.33
N TYR C 56 -37.68 -11.92 58.49
CA TYR C 56 -36.34 -11.57 58.96
C TYR C 56 -36.30 -10.15 59.52
N TYR C 57 -36.96 -9.21 58.85
CA TYR C 57 -36.99 -7.83 59.31
C TYR C 57 -38.14 -7.51 60.25
N LYS C 58 -39.12 -8.41 60.37
CA LYS C 58 -40.25 -8.12 61.26
C LYS C 58 -40.05 -8.73 62.64
N ILE C 59 -39.29 -9.83 62.73
CA ILE C 59 -39.01 -10.42 64.04
C ILE C 59 -37.92 -9.64 64.76
N ILE C 60 -36.86 -9.27 64.05
CA ILE C 60 -35.74 -8.54 64.61
C ILE C 60 -35.64 -7.19 63.90
N LYS C 61 -35.42 -6.14 64.68
CA LYS C 61 -35.36 -4.78 64.12
C LYS C 61 -34.22 -4.64 63.11
N THR C 62 -33.05 -5.17 63.44
CA THR C 62 -31.87 -5.05 62.58
C THR C 62 -31.31 -6.45 62.29
N PRO C 63 -31.79 -7.12 61.24
CA PRO C 63 -31.24 -8.44 60.87
C PRO C 63 -29.91 -8.31 60.15
N MET C 64 -28.87 -8.02 60.94
CA MET C 64 -27.54 -7.76 60.39
C MET C 64 -26.83 -9.08 60.07
N ASP C 65 -25.97 -9.05 59.05
CA ASP C 65 -25.05 -10.14 58.76
C ASP C 65 -23.61 -9.68 58.96
N MET C 66 -22.66 -10.60 58.77
CA MET C 66 -21.27 -10.24 59.04
C MET C 66 -20.57 -9.61 57.84
N GLY C 67 -21.22 -9.54 56.68
CA GLY C 67 -20.76 -8.62 55.67
C GLY C 67 -20.85 -7.19 56.14
N THR C 68 -21.90 -6.88 56.90
CA THR C 68 -22.03 -5.55 57.49
C THR C 68 -20.95 -5.30 58.53
N ILE C 69 -20.63 -6.30 59.36
CA ILE C 69 -19.57 -6.09 60.34
C ILE C 69 -18.22 -5.97 59.64
N LYS C 70 -18.06 -6.66 58.50
CA LYS C 70 -16.88 -6.46 57.67
C LYS C 70 -16.75 -5.02 57.20
N LYS C 71 -17.86 -4.47 56.68
CA LYS C 71 -17.89 -3.09 56.24
C LYS C 71 -17.56 -2.15 57.40
N ARG C 72 -18.06 -2.45 58.60
CA ARG C 72 -17.86 -1.53 59.73
C ARG C 72 -16.48 -1.68 60.36
N LEU C 73 -15.84 -2.86 60.24
CA LEU C 73 -14.49 -2.98 60.79
C LEU C 73 -13.47 -2.42 59.82
N GLU C 74 -13.73 -2.48 58.52
CA GLU C 74 -12.92 -1.71 57.60
C GLU C 74 -13.27 -0.23 57.62
N ASN C 75 -14.43 0.12 58.15
CA ASN C 75 -14.78 1.52 58.41
C ASN C 75 -14.35 1.97 59.80
N ASN C 76 -13.89 1.06 60.66
CA ASN C 76 -13.43 1.36 62.01
C ASN C 76 -14.52 2.05 62.84
N TYR C 77 -15.78 1.64 62.64
CA TYR C 77 -16.87 2.22 63.43
C TYR C 77 -16.90 1.65 64.85
N TYR C 78 -16.43 0.43 65.04
CA TYR C 78 -16.55 -0.23 66.33
C TYR C 78 -15.63 0.41 67.36
N TRP C 79 -16.16 0.59 68.56
CA TRP C 79 -15.48 1.33 69.62
C TRP C 79 -14.73 0.44 70.59
N ASN C 80 -15.39 -0.55 71.18
CA ASN C 80 -14.79 -1.41 72.18
C ASN C 80 -14.57 -2.81 71.64
N ALA C 81 -13.53 -3.47 72.14
CA ALA C 81 -13.38 -4.90 71.90
C ALA C 81 -14.56 -5.66 72.51
N GLN C 82 -15.05 -5.19 73.65
CA GLN C 82 -16.31 -5.72 74.18
C GLN C 82 -17.45 -5.46 73.22
N GLU C 83 -17.49 -4.29 72.59
CA GLU C 83 -18.52 -4.00 71.61
C GLU C 83 -18.39 -4.89 70.37
N CYS C 84 -17.15 -5.16 69.95
CA CYS C 84 -16.95 -6.04 68.79
C CYS C 84 -17.39 -7.46 69.09
N ILE C 85 -16.95 -8.03 70.22
CA ILE C 85 -17.38 -9.37 70.58
C ILE C 85 -18.87 -9.38 70.89
N GLN C 86 -19.44 -8.25 71.31
CA GLN C 86 -20.87 -8.19 71.56
C GLN C 86 -21.68 -8.18 70.27
N ASP C 87 -21.20 -7.51 69.23
CA ASP C 87 -21.90 -7.62 67.95
C ASP C 87 -21.67 -8.99 67.30
N PHE C 88 -20.55 -9.64 67.61
CA PHE C 88 -20.33 -10.99 67.11
C PHE C 88 -21.29 -11.98 67.78
N ASN C 89 -21.40 -11.91 69.11
CA ASN C 89 -22.40 -12.73 69.77
C ASN C 89 -23.83 -12.22 69.52
N THR C 90 -23.99 -11.01 69.01
CA THR C 90 -25.27 -10.59 68.47
C THR C 90 -25.56 -11.26 67.14
N MET C 91 -24.53 -11.52 66.34
CA MET C 91 -24.70 -12.33 65.13
C MET C 91 -25.16 -13.73 65.53
N PHE C 92 -24.43 -14.34 66.47
CA PHE C 92 -24.85 -15.54 67.19
C PHE C 92 -26.33 -15.50 67.59
N THR C 93 -26.72 -14.44 68.32
CA THR C 93 -28.06 -14.36 68.87
C THR C 93 -29.10 -14.18 67.77
N ASN C 94 -28.76 -13.47 66.69
CA ASN C 94 -29.69 -13.29 65.58
C ASN C 94 -29.96 -14.62 64.89
N CYS C 95 -28.91 -15.38 64.62
CA CYS C 95 -29.10 -16.71 64.03
C CYS C 95 -29.74 -17.67 65.02
N TYR C 96 -29.73 -17.33 66.30
CA TYR C 96 -30.42 -18.17 67.29
C TYR C 96 -31.89 -17.80 67.42
N ILE C 97 -32.23 -16.53 67.18
CA ILE C 97 -33.60 -16.09 67.45
C ILE C 97 -34.47 -16.15 66.19
N TYR C 98 -33.91 -15.79 65.03
CA TYR C 98 -34.72 -15.87 63.82
C TYR C 98 -34.62 -17.25 63.18
N ASN C 99 -33.40 -17.66 62.83
CA ASN C 99 -33.16 -18.99 62.31
C ASN C 99 -33.56 -20.01 63.37
N LYS C 100 -34.57 -20.82 63.04
CA LYS C 100 -35.23 -21.69 64.02
C LYS C 100 -34.27 -22.79 64.49
N PRO C 101 -34.09 -22.97 65.79
CA PRO C 101 -33.25 -24.06 66.27
C PRO C 101 -33.85 -25.42 65.95
N GLY C 102 -33.00 -26.44 65.96
CA GLY C 102 -33.41 -27.80 65.62
C GLY C 102 -33.81 -27.99 64.17
N ASP C 103 -33.01 -27.48 63.24
CA ASP C 103 -33.34 -27.50 61.82
C ASP C 103 -32.04 -27.53 61.03
N ASP C 104 -32.15 -27.85 59.74
CA ASP C 104 -30.98 -27.90 58.88
C ASP C 104 -30.28 -26.55 58.79
N ILE C 105 -31.05 -25.46 58.74
CA ILE C 105 -30.47 -24.13 58.57
C ILE C 105 -29.64 -23.75 59.79
N VAL C 106 -30.18 -23.99 60.98
CA VAL C 106 -29.39 -23.76 62.18
C VAL C 106 -28.29 -24.80 62.28
N LEU C 107 -28.41 -25.93 61.58
CA LEU C 107 -27.31 -26.88 61.58
C LEU C 107 -26.10 -26.38 60.80
N MET C 108 -26.30 -25.77 59.62
CA MET C 108 -25.12 -25.27 58.92
C MET C 108 -24.63 -23.98 59.58
N ALA C 109 -25.56 -23.14 60.06
CA ALA C 109 -25.16 -22.00 60.90
C ALA C 109 -24.46 -22.44 62.17
N GLU C 110 -24.70 -23.68 62.64
CA GLU C 110 -24.06 -24.17 63.84
C GLU C 110 -22.75 -24.89 63.56
N ALA C 111 -22.55 -25.42 62.37
CA ALA C 111 -21.19 -25.76 61.94
C ALA C 111 -20.35 -24.49 61.88
N LEU C 112 -20.92 -23.42 61.33
CA LEU C 112 -20.31 -22.09 61.44
C LEU C 112 -20.01 -21.74 62.89
N GLU C 113 -20.99 -21.94 63.77
CA GLU C 113 -20.84 -21.61 65.18
C GLU C 113 -19.75 -22.45 65.84
N LYS C 114 -19.63 -23.72 65.46
CA LYS C 114 -18.55 -24.57 65.97
C LYS C 114 -17.19 -24.01 65.57
N LEU C 115 -17.05 -23.58 64.32
CA LEU C 115 -15.75 -23.05 63.89
C LEU C 115 -15.45 -21.73 64.60
N PHE C 116 -16.46 -20.87 64.79
CA PHE C 116 -16.21 -19.64 65.55
C PHE C 116 -15.96 -19.93 67.03
N LEU C 117 -16.56 -20.96 67.60
CA LEU C 117 -16.23 -21.32 68.97
C LEU C 117 -14.77 -21.77 69.05
N GLN C 118 -14.33 -22.52 68.04
CA GLN C 118 -12.93 -22.93 67.99
C GLN C 118 -12.00 -21.74 67.92
N LYS C 119 -12.30 -20.73 67.09
CA LYS C 119 -11.31 -19.66 67.06
C LYS C 119 -11.54 -18.57 68.09
N ILE C 120 -12.69 -18.52 68.78
CA ILE C 120 -12.75 -17.65 69.95
C ILE C 120 -12.02 -18.32 71.11
N ASN C 121 -11.91 -19.65 71.07
CA ASN C 121 -10.87 -20.29 71.86
C ASN C 121 -9.48 -19.87 71.37
N GLU C 122 -9.32 -19.72 70.05
CA GLU C 122 -8.06 -19.22 69.52
C GLU C 122 -7.87 -17.73 69.77
N LEU C 123 -8.96 -16.96 69.84
CA LEU C 123 -8.83 -15.54 70.14
C LEU C 123 -8.29 -15.36 71.56
N PRO C 124 -7.14 -14.71 71.73
CA PRO C 124 -6.58 -14.53 73.07
C PRO C 124 -7.16 -13.30 73.76
N THR C 125 -6.61 -12.97 74.93
CA THR C 125 -6.93 -11.72 75.61
C THR C 125 -6.19 -10.58 74.90
N GLU C 126 -6.21 -9.40 75.51
CA GLU C 126 -5.53 -8.26 74.90
C GLU C 126 -4.02 -8.47 74.87
N GLU C 127 -3.43 -8.20 73.71
CA GLU C 127 -2.00 -8.42 73.45
C GLU C 127 -1.58 -9.87 73.70
N MET D 1 -13.77 -18.31 -45.53
CA MET D 1 -14.49 -19.58 -45.56
C MET D 1 -14.67 -20.12 -44.14
N ALA D 2 -13.66 -19.91 -43.31
CA ALA D 2 -13.71 -20.35 -41.91
C ALA D 2 -14.73 -19.54 -41.13
N ASP D 3 -15.56 -20.22 -40.34
CA ASP D 3 -16.63 -19.54 -39.62
C ASP D 3 -16.19 -18.94 -38.29
N PHE D 4 -15.01 -19.33 -37.78
CA PHE D 4 -14.58 -18.78 -36.50
C PHE D 4 -14.12 -17.33 -36.62
N LEU D 5 -13.77 -16.89 -37.83
CA LEU D 5 -13.41 -15.49 -38.08
C LEU D 5 -14.06 -15.10 -39.41
N LYS D 6 -15.30 -14.61 -39.33
CA LYS D 6 -16.06 -14.23 -40.51
C LYS D 6 -17.22 -13.35 -40.09
N GLY D 7 -17.41 -12.24 -40.79
CA GLY D 7 -18.56 -11.38 -40.58
C GLY D 7 -18.63 -10.78 -39.20
N LEU D 8 -17.52 -10.24 -38.72
CA LEU D 8 -17.51 -9.58 -37.42
C LEU D 8 -18.45 -8.38 -37.45
N PRO D 9 -19.21 -8.13 -36.38
CA PRO D 9 -20.18 -7.03 -36.39
C PRO D 9 -19.48 -5.69 -36.48
N VAL D 10 -19.97 -4.83 -37.37
CA VAL D 10 -19.29 -3.59 -37.69
C VAL D 10 -20.28 -2.43 -37.62
N TYR D 11 -19.75 -1.26 -37.27
CA TYR D 11 -20.45 0.00 -37.37
C TYR D 11 -20.21 0.57 -38.77
N ASN D 12 -20.46 1.87 -38.96
CA ASN D 12 -20.09 2.56 -40.20
C ASN D 12 -18.65 2.25 -40.58
N LYS D 13 -18.42 2.10 -41.88
CA LYS D 13 -17.15 1.53 -42.36
C LYS D 13 -15.98 2.45 -42.05
N SER D 14 -16.22 3.75 -41.93
CA SER D 14 -15.17 4.71 -41.59
C SER D 14 -15.02 4.82 -40.07
N ASN D 15 -14.75 3.68 -39.45
CA ASN D 15 -14.56 3.61 -38.00
C ASN D 15 -13.17 3.13 -37.61
N PHE D 16 -12.68 2.04 -38.20
CA PHE D 16 -11.32 1.57 -37.95
C PHE D 16 -10.61 1.23 -39.25
N SER D 17 -10.93 1.94 -40.33
CA SER D 17 -10.37 1.67 -41.66
C SER D 17 -9.43 2.78 -42.12
N ARG D 18 -8.82 3.50 -41.19
CA ARG D 18 -7.88 4.56 -41.52
C ARG D 18 -6.71 4.55 -40.55
N PHE D 19 -5.64 5.22 -40.94
CA PHE D 19 -4.40 5.31 -40.16
C PHE D 19 -3.84 3.94 -39.82
C10 A1AUO E . -32.86 -19.02 54.61
C15 A1AUO E . -37.08 -21.61 54.67
C17 A1AUO E . -36.87 -21.34 52.16
C20 A1AUO E . -35.92 -23.94 51.87
C21 A1AUO E . -36.25 -23.44 53.13
C22 A1AUO E . -35.70 -23.65 49.34
C24 A1AUO E . -33.60 -23.03 49.54
C26 A1AUO E . -31.88 -24.11 48.23
C28 A1AUO E . -34.31 -24.71 48.03
C01 A1AUO E . -29.05 -16.64 49.70
C02 A1AUO E . -29.60 -17.20 51.02
C04 A1AUO E . -30.44 -17.67 53.47
C05 A1AUO E . -30.51 -18.74 52.60
C06 A1AUO E . -30.04 -18.49 51.26
C07 A1AUO E . -30.02 -19.53 50.14
C08 A1AUO E . -31.05 -20.10 53.10
C11 A1AUO E . -33.90 -19.48 55.63
C12 A1AUO E . -34.78 -20.68 55.22
C16 A1AUO E . -36.72 -22.15 53.27
C18 A1AUO E . -36.54 -21.83 50.90
C19 A1AUO E . -36.06 -23.13 50.75
C25 A1AUO E . -32.19 -23.60 49.53
C27 A1AUO E . -32.83 -25.11 47.81
C30 A1AUO E . -30.59 -22.66 46.87
C31 A1AUO E . -30.30 -22.63 45.49
C32 A1AUO E . -29.02 -22.26 45.05
C33 A1AUO E . -27.99 -21.89 45.98
C34 A1AUO E . -28.28 -21.94 47.33
C35 A1AUO E . -29.58 -22.31 47.79
C37 A1AUO E . -25.83 -21.63 47.93
C39 A1AUO E . -25.63 -22.10 46.43
C40 A1AUO E . -25.81 -23.61 45.72
C41 A1AUO E . -24.80 -23.73 44.80
C42 A1AUO E . -23.56 -22.98 45.49
C43 A1AUO E . -24.24 -21.96 46.52
C45 A1AUO E . -26.42 -20.61 44.40
C47 A1AUO E . -25.06 -20.12 43.85
C49 A1AUO E . -31.85 -18.08 55.38
C52 A1AUO E . -30.14 -16.79 55.76
C54 A1AUO E . -28.86 -15.94 55.68
C55 A1AUO E . -30.22 -21.37 52.89
C56 A1AUO E . -28.84 -21.31 53.01
C57 A1AUO E . -28.08 -22.45 52.83
C58 A1AUO E . -28.70 -23.66 52.53
C59 A1AUO E . -30.08 -23.71 52.41
C60 A1AUO E . -30.83 -22.57 52.59
N09 A1AUO E . -32.13 -20.13 54.05
N14 A1AUO E . -36.21 -20.50 55.04
N23 A1AUO E . -34.56 -24.07 49.29
N36 A1AUO E . -27.22 -21.57 48.32
N44 A1AUO E . -26.63 -21.51 45.56
N50 A1AUO E . -31.90 -17.73 56.68
N51 A1AUO E . -30.81 -16.92 56.91
N53 A1AUO E . -30.80 -17.53 54.80
O13 A1AUO E . -34.29 -21.75 55.08
O29 A1AUO E . -31.90 -23.04 47.30
O38 A1AUO E . -24.95 -21.35 48.68
O46 A1AUO E . -27.36 -20.21 43.79
S03 A1AUO E . -29.79 -16.34 52.51
CL61 A1AUO E . -27.73 -25.13 52.30
#